data_8ISI
#
_entry.id   8ISI
#
_cell.length_a   1.00
_cell.length_b   1.00
_cell.length_c   1.00
_cell.angle_alpha   90.00
_cell.angle_beta   90.00
_cell.angle_gamma   90.00
#
_symmetry.space_group_name_H-M   'P 1'
#
_entity_poly.entity_id   1
_entity_poly.type   'polypeptide(L)'
_entity_poly.pdbx_seq_one_letter_code
;MEKKMSGSRPTQSSEGSRRSRHSARIIAQTTVDAKLHADFEESGSSFDYSTSVRVTGPVVENQPPRSDKVTTTYLHHIQK
GKLIQPFGCLLALDEKTFKVIAYSENASELLTMASHAVPSVGEHPVLGIGTDIRSLFTAPSASALQKALGFGDVSLLNPI
LVHCRTSAKPFYAIIHRVTGSIIIDFEPVKPYEVPMTAAGALQSYKLAAKAITRLQSLPSGSMERLCDTMVQEVFELTGY
DRVMAYKFHEDDHGEVVSEVTKPGLEPYLGLHYPATDIPQAARFLFMKNKVRMIVDCNAKHARVLQDEKLSFDLTLCGST
LRAPHSCHLQYMANMDSIASLVMAVVVNEEDGEGDAPDATTQPQKRKRLWGLVVCHNTTPRFVPFPLRYACEFLAQVFAI
HVNKEVELDNQMVEKNILRTQTLLCDMLMRDAPLGIVSQSPNIMDLVKCDGAALLYKDKIWKLGTTPSEFHLQEIASWLC
EYHMDSTGLSTDSLHDAGFPRALSLGDSVCGMAAVRISSKDMIFWFRSHTAGEVRWGGAKHDPDDRDDARRMHPRSSFKA
FLEVVKTRSLPWKDYEMDAIHSLQLILRNAFKDSETTDVNTKVIYSKLNDLKIDGIQELEAVTSEMVRLIETATVPILAV
DSDGLVNGWNTKIAELTGLSVDEAIGKHFLTLVEDSSVEIVKRMLENALEGTEEQNVQFEIKTHLSRADAGPISLVVNAC
ASRDLHENVVGVCFVAHDLTGQKTVMDKFTRIEGDYKAIIQNPNPLIPPIFGTDEFGWCTEWNPAMSKLTGLKREEVIDK
MLLGEVFGTQKSCCRLKNQEAFVNLGIVLNNAVTSQDPEKVSFAFFTRGGKYVECLLCVSKKLDREGVVTGVFCFLQLAS
HELQQALHVQRLAERTAVKRLKALAYIKRQIRNPLSGIMFTRKMIEGTELGPEQRRILQTSALCQKQLSKILDDSDLESI
IEGCLDLEMKEFTLNEVLTASTSQVMMKSNGKSVRITNETGEEVMSDTLYGDSIRLQQVLADFMLMAVNFTPSGGQLTVS
ASLRKDQLGRSVHLANLEIRLTHTGAGIPEFLLNQMFGTEEDVSEEGLSLMVSRKLVKLMNGDVQYLRQAGKSSFIITAE
LAAANK
;
_entity_poly.pdbx_strand_id   A,B
#
# COMPACT_ATOMS: atom_id res chain seq x y z
N GLN A 79 9.58 -0.73 -53.74
CA GLN A 79 8.23 -0.29 -53.42
C GLN A 79 7.30 -0.40 -54.62
N LYS A 80 7.90 -0.53 -55.81
CA LYS A 80 7.14 -0.64 -57.06
C LYS A 80 7.43 -1.93 -57.80
N GLY A 81 7.94 -2.95 -57.12
CA GLY A 81 8.14 -4.25 -57.73
C GLY A 81 6.83 -4.89 -58.12
N LYS A 82 6.70 -5.25 -59.40
CA LYS A 82 5.43 -5.77 -59.93
C LYS A 82 5.38 -7.29 -59.87
N LEU A 83 5.51 -7.84 -58.67
CA LEU A 83 5.41 -9.28 -58.45
C LEU A 83 4.69 -9.52 -57.14
N ILE A 84 3.77 -10.48 -57.13
CA ILE A 84 2.96 -10.77 -55.95
C ILE A 84 2.98 -12.27 -55.67
N GLN A 85 2.73 -12.62 -54.42
CA GLN A 85 2.68 -14.00 -54.00
C GLN A 85 1.43 -14.67 -54.54
N PRO A 86 1.44 -16.00 -54.71
CA PRO A 86 0.31 -16.66 -55.37
C PRO A 86 -0.74 -17.27 -54.45
N PHE A 87 -0.68 -17.01 -53.15
CA PHE A 87 -1.70 -17.54 -52.25
C PHE A 87 -2.91 -16.61 -52.12
N GLY A 88 -2.88 -15.46 -52.78
CA GLY A 88 -4.00 -14.53 -52.79
C GLY A 88 -4.00 -13.75 -54.08
N CYS A 89 -4.93 -12.81 -54.18
CA CYS A 89 -5.05 -11.99 -55.38
C CYS A 89 -5.22 -10.52 -54.99
N LEU A 90 -4.90 -9.63 -55.93
CA LEU A 90 -4.91 -8.20 -55.69
C LEU A 90 -5.74 -7.49 -56.75
N LEU A 91 -6.41 -6.41 -56.34
CA LEU A 91 -7.19 -5.58 -57.25
C LEU A 91 -7.03 -4.12 -56.85
N ALA A 92 -6.61 -3.29 -57.79
CA ALA A 92 -6.42 -1.86 -57.54
C ALA A 92 -7.45 -1.08 -58.34
N LEU A 93 -8.20 -0.23 -57.64
CA LEU A 93 -9.35 0.50 -58.15
C LEU A 93 -9.19 1.99 -57.87
N ASP A 94 -9.97 2.79 -58.60
CA ASP A 94 -9.97 4.24 -58.41
C ASP A 94 -10.83 4.63 -57.22
N GLU A 95 -10.59 5.85 -56.72
CA GLU A 95 -11.31 6.36 -55.56
C GLU A 95 -12.74 6.77 -55.91
N LYS A 96 -12.98 7.24 -57.12
CA LYS A 96 -14.27 7.81 -57.50
C LYS A 96 -15.09 6.84 -58.36
N THR A 97 -14.48 6.28 -59.40
CA THR A 97 -15.22 5.42 -60.32
C THR A 97 -15.55 4.06 -59.71
N PHE A 98 -14.75 3.60 -58.73
CA PHE A 98 -14.93 2.28 -58.13
C PHE A 98 -14.90 1.18 -59.20
N LYS A 99 -14.00 1.32 -60.16
CA LYS A 99 -13.85 0.38 -61.25
C LYS A 99 -12.45 -0.22 -61.23
N VAL A 100 -12.37 -1.50 -61.61
CA VAL A 100 -11.10 -2.22 -61.54
C VAL A 100 -10.16 -1.69 -62.61
N ILE A 101 -8.94 -1.36 -62.21
CA ILE A 101 -7.86 -1.06 -63.14
C ILE A 101 -6.77 -2.13 -63.11
N ALA A 102 -6.19 -2.39 -61.95
CA ALA A 102 -5.08 -3.34 -61.86
C ALA A 102 -5.59 -4.65 -61.31
N TYR A 103 -5.25 -5.75 -61.98
CA TYR A 103 -5.73 -7.08 -61.63
C TYR A 103 -4.61 -8.08 -61.82
N SER A 104 -4.69 -9.19 -61.09
CA SER A 104 -3.68 -10.24 -61.12
C SER A 104 -4.19 -11.44 -61.92
N GLU A 105 -3.23 -12.19 -62.47
CA GLU A 105 -3.58 -13.32 -63.34
C GLU A 105 -4.40 -14.36 -62.60
N ASN A 106 -4.01 -14.70 -61.37
CA ASN A 106 -4.76 -15.69 -60.60
C ASN A 106 -6.10 -15.14 -60.11
N ALA A 107 -6.26 -13.81 -60.08
CA ALA A 107 -7.53 -13.23 -59.63
C ALA A 107 -8.67 -13.62 -60.56
N SER A 108 -8.44 -13.57 -61.87
CA SER A 108 -9.48 -13.93 -62.83
C SER A 108 -9.87 -15.39 -62.68
N GLU A 109 -8.90 -16.27 -62.43
CA GLU A 109 -9.20 -17.67 -62.24
C GLU A 109 -9.99 -17.90 -60.95
N LEU A 110 -9.56 -17.28 -59.85
CA LEU A 110 -10.19 -17.53 -58.56
C LEU A 110 -11.60 -16.96 -58.49
N LEU A 111 -11.79 -15.74 -59.00
CA LEU A 111 -13.09 -15.09 -58.86
C LEU A 111 -14.13 -15.66 -59.84
N THR A 112 -13.71 -16.02 -61.06
CA THR A 112 -14.64 -16.49 -62.07
C THR A 112 -14.81 -18.00 -62.07
N MET A 113 -14.22 -18.71 -61.11
CA MET A 113 -14.34 -20.16 -61.03
C MET A 113 -15.78 -20.52 -60.72
N HIS A 124 -20.15 -15.33 -67.84
CA HIS A 124 -19.30 -15.09 -66.68
C HIS A 124 -18.65 -13.72 -66.76
N PRO A 125 -18.56 -13.03 -65.61
CA PRO A 125 -17.97 -11.69 -65.60
C PRO A 125 -16.48 -11.71 -65.83
N VAL A 126 -16.05 -11.29 -67.02
CA VAL A 126 -14.63 -11.29 -67.35
C VAL A 126 -13.93 -10.17 -66.60
N LEU A 127 -12.95 -10.53 -65.78
CA LEU A 127 -12.22 -9.54 -64.99
C LEU A 127 -11.33 -8.71 -65.92
N GLY A 128 -11.52 -7.40 -65.91
CA GLY A 128 -10.74 -6.53 -66.76
C GLY A 128 -10.95 -5.09 -66.38
N ILE A 129 -10.24 -4.21 -67.09
CA ILE A 129 -10.33 -2.79 -66.83
C ILE A 129 -11.72 -2.28 -67.16
N GLY A 130 -12.28 -1.46 -66.27
CA GLY A 130 -13.61 -0.92 -66.45
C GLY A 130 -14.73 -1.75 -65.86
N THR A 131 -14.43 -2.93 -65.35
CA THR A 131 -15.45 -3.76 -64.72
C THR A 131 -15.80 -3.24 -63.34
N ASP A 132 -17.05 -3.42 -62.94
CA ASP A 132 -17.47 -3.01 -61.60
C ASP A 132 -16.92 -3.97 -60.55
N ILE A 133 -17.21 -3.66 -59.29
CA ILE A 133 -16.82 -4.54 -58.20
C ILE A 133 -18.02 -5.28 -57.60
N ARG A 134 -19.23 -4.71 -57.73
CA ARG A 134 -20.41 -5.32 -57.13
C ARG A 134 -20.77 -6.64 -57.78
N SER A 135 -20.62 -6.74 -59.11
CA SER A 135 -21.08 -7.91 -59.83
C SER A 135 -20.27 -9.17 -59.52
N LEU A 136 -19.01 -9.01 -59.09
CA LEU A 136 -18.20 -10.19 -58.79
C LEU A 136 -18.68 -10.93 -57.55
N PHE A 137 -19.42 -10.26 -56.66
CA PHE A 137 -19.86 -10.86 -55.41
C PHE A 137 -21.38 -10.70 -55.30
N THR A 138 -21.94 -11.30 -54.24
CA THR A 138 -23.37 -11.19 -54.00
C THR A 138 -23.72 -9.78 -53.53
N ALA A 139 -25.02 -9.53 -53.44
CA ALA A 139 -25.49 -8.21 -53.01
C ALA A 139 -25.04 -7.84 -51.60
N PRO A 140 -25.18 -8.69 -50.58
CA PRO A 140 -24.67 -8.29 -49.25
C PRO A 140 -23.18 -8.01 -49.22
N SER A 141 -22.39 -8.82 -49.93
CA SER A 141 -20.95 -8.59 -49.98
C SER A 141 -20.63 -7.28 -50.68
N ALA A 142 -21.32 -6.98 -51.78
CA ALA A 142 -21.11 -5.72 -52.48
C ALA A 142 -21.47 -4.53 -51.59
N SER A 143 -22.59 -4.63 -50.86
CA SER A 143 -22.98 -3.55 -49.96
C SER A 143 -21.96 -3.36 -48.85
N ALA A 144 -21.47 -4.46 -48.26
CA ALA A 144 -20.47 -4.34 -47.21
C ALA A 144 -19.19 -3.72 -47.73
N LEU A 145 -18.73 -4.15 -48.91
CA LEU A 145 -17.51 -3.57 -49.47
C LEU A 145 -17.68 -2.09 -49.78
N GLN A 146 -18.83 -1.72 -50.35
CA GLN A 146 -19.06 -0.31 -50.67
C GLN A 146 -19.10 0.54 -49.41
N LYS A 147 -19.75 0.05 -48.35
CA LYS A 147 -19.75 0.77 -47.09
C LYS A 147 -18.34 0.89 -46.53
N ALA A 148 -17.53 -0.16 -46.68
CA ALA A 148 -16.15 -0.11 -46.21
C ALA A 148 -15.34 0.95 -46.95
N LEU A 149 -15.48 1.01 -48.28
CA LEU A 149 -14.79 2.07 -49.03
C LEU A 149 -15.34 3.44 -48.67
N GLY A 150 -16.59 3.51 -48.24
CA GLY A 150 -17.15 4.78 -47.81
C GLY A 150 -16.75 5.23 -46.42
N PHE A 151 -15.99 4.42 -45.70
CA PHE A 151 -15.63 4.74 -44.33
C PHE A 151 -14.43 5.69 -44.29
N GLY A 152 -14.25 6.34 -43.14
CA GLY A 152 -13.15 7.28 -43.00
C GLY A 152 -11.80 6.59 -42.81
N ASP A 153 -11.75 5.65 -41.87
CA ASP A 153 -10.52 4.89 -41.58
C ASP A 153 -10.80 3.42 -41.85
N VAL A 154 -10.40 2.95 -43.04
CA VAL A 154 -10.63 1.55 -43.40
C VAL A 154 -9.81 0.61 -42.54
N SER A 155 -8.72 1.09 -41.93
CA SER A 155 -7.85 0.20 -41.15
C SER A 155 -8.56 -0.37 -39.95
N LEU A 156 -9.70 0.21 -39.56
CA LEU A 156 -10.47 -0.34 -38.44
C LEU A 156 -11.30 -1.55 -38.86
N LEU A 157 -11.68 -1.64 -40.13
CA LEU A 157 -12.53 -2.72 -40.63
C LEU A 157 -11.79 -3.55 -41.68
N ASN A 158 -10.49 -3.74 -41.49
CA ASN A 158 -9.68 -4.36 -42.54
C ASN A 158 -10.13 -5.79 -42.88
N PRO A 159 -10.26 -6.73 -41.94
CA PRO A 159 -10.68 -8.08 -42.34
C PRO A 159 -12.18 -8.11 -42.61
N ILE A 160 -12.54 -8.21 -43.89
CA ILE A 160 -13.93 -8.29 -44.31
C ILE A 160 -14.18 -9.69 -44.86
N LEU A 161 -15.34 -10.25 -44.55
CA LEU A 161 -15.73 -11.56 -45.06
C LEU A 161 -16.66 -11.34 -46.26
N VAL A 162 -16.26 -11.87 -47.42
CA VAL A 162 -17.03 -11.71 -48.64
C VAL A 162 -17.26 -13.09 -49.25
N HIS A 163 -18.21 -13.15 -50.17
CA HIS A 163 -18.57 -14.39 -50.84
C HIS A 163 -18.57 -14.18 -52.35
N CYS A 164 -18.01 -15.16 -53.08
CA CYS A 164 -18.08 -15.12 -54.52
C CYS A 164 -19.51 -15.41 -54.99
N ARG A 165 -19.88 -14.84 -56.14
CA ARG A 165 -21.25 -14.97 -56.61
C ARG A 165 -21.62 -16.42 -56.89
N THR A 166 -20.71 -17.18 -57.51
CA THR A 166 -20.97 -18.56 -57.86
C THR A 166 -20.38 -19.48 -56.80
N SER A 167 -21.19 -20.44 -56.34
CA SER A 167 -20.88 -21.44 -55.33
C SER A 167 -20.59 -20.84 -53.96
N ALA A 168 -20.67 -19.52 -53.79
CA ALA A 168 -20.52 -18.85 -52.50
C ALA A 168 -19.20 -19.23 -51.82
N LYS A 169 -18.10 -19.02 -52.52
CA LYS A 169 -16.78 -19.29 -51.95
C LYS A 169 -16.41 -18.18 -50.96
N PRO A 170 -16.14 -18.52 -49.69
CA PRO A 170 -15.77 -17.48 -48.74
C PRO A 170 -14.39 -16.93 -49.03
N PHE A 171 -14.20 -15.64 -48.72
CA PHE A 171 -12.94 -14.96 -48.95
C PHE A 171 -12.75 -13.88 -47.89
N TYR A 172 -11.49 -13.61 -47.58
CA TYR A 172 -11.11 -12.49 -46.72
C TYR A 172 -10.60 -11.36 -47.60
N ALA A 173 -11.18 -10.17 -47.43
CA ALA A 173 -10.81 -8.99 -48.20
C ALA A 173 -10.19 -7.98 -47.25
N ILE A 174 -9.06 -7.41 -47.66
CA ILE A 174 -8.32 -6.43 -46.88
C ILE A 174 -8.12 -5.19 -47.75
N ILE A 175 -8.46 -4.02 -47.21
CA ILE A 175 -8.48 -2.77 -47.95
C ILE A 175 -7.30 -1.90 -47.50
N HIS A 176 -6.65 -1.25 -48.45
CA HIS A 176 -5.49 -0.41 -48.19
C HIS A 176 -5.56 0.77 -49.15
N ARG A 177 -5.16 1.95 -48.69
CA ARG A 177 -5.34 3.19 -49.45
C ARG A 177 -3.99 3.71 -49.91
N VAL A 178 -3.69 3.55 -51.20
CA VAL A 178 -2.50 4.14 -51.80
C VAL A 178 -2.89 5.51 -52.36
N THR A 179 -1.90 6.34 -52.65
CA THR A 179 -2.17 7.70 -53.12
C THR A 179 -3.02 7.66 -54.38
N GLY A 180 -4.27 8.10 -54.27
CA GLY A 180 -5.16 8.14 -55.41
C GLY A 180 -5.73 6.80 -55.85
N SER A 181 -5.65 5.76 -55.00
CA SER A 181 -6.21 4.47 -55.39
C SER A 181 -6.46 3.62 -54.15
N ILE A 182 -7.31 2.61 -54.34
CA ILE A 182 -7.64 1.66 -53.28
C ILE A 182 -7.24 0.27 -53.74
N ILE A 183 -6.43 -0.41 -52.92
CA ILE A 183 -5.93 -1.73 -53.24
C ILE A 183 -6.59 -2.72 -52.28
N ILE A 184 -7.25 -3.73 -52.83
CA ILE A 184 -7.92 -4.76 -52.05
C ILE A 184 -7.26 -6.10 -52.32
N ASP A 185 -6.92 -6.80 -51.25
CA ASP A 185 -6.27 -8.10 -51.33
C ASP A 185 -7.25 -9.17 -50.83
N PHE A 186 -7.43 -10.21 -51.63
CA PHE A 186 -8.34 -11.29 -51.32
C PHE A 186 -7.56 -12.56 -51.04
N GLU A 187 -7.94 -13.26 -49.98
CA GLU A 187 -7.33 -14.51 -49.58
C GLU A 187 -8.40 -15.57 -49.36
N PRO A 188 -8.09 -16.83 -49.65
CA PRO A 188 -9.07 -17.89 -49.41
C PRO A 188 -9.29 -18.14 -47.93
N VAL A 189 -10.48 -18.62 -47.60
CA VAL A 189 -10.87 -18.89 -46.23
C VAL A 189 -10.89 -20.41 -46.05
N LYS A 190 -9.85 -20.94 -45.44
CA LYS A 190 -9.83 -22.33 -45.00
C LYS A 190 -10.72 -22.46 -43.76
N PRO A 191 -11.12 -23.70 -43.40
CA PRO A 191 -12.02 -23.88 -42.25
C PRO A 191 -11.55 -23.17 -40.99
N TYR A 192 -10.36 -23.52 -40.50
CA TYR A 192 -9.69 -22.87 -39.37
C TYR A 192 -10.66 -22.35 -38.30
N GLU A 193 -10.55 -21.07 -37.98
CA GLU A 193 -11.42 -20.41 -37.00
C GLU A 193 -12.00 -19.16 -37.62
N VAL A 194 -13.26 -18.87 -37.34
CA VAL A 194 -13.98 -17.73 -37.89
C VAL A 194 -14.53 -16.92 -36.73
N PRO A 195 -14.30 -15.60 -36.68
CA PRO A 195 -14.96 -14.77 -35.67
C PRO A 195 -16.44 -14.61 -35.99
N MET A 196 -17.15 -14.03 -35.04
CA MET A 196 -18.59 -13.84 -35.18
C MET A 196 -18.91 -12.92 -36.35
N THR A 197 -19.53 -13.47 -37.39
CA THR A 197 -19.93 -12.76 -38.60
C THR A 197 -18.66 -12.13 -39.18
N ALA A 198 -18.65 -10.85 -39.52
CA ALA A 198 -17.42 -10.21 -39.99
C ALA A 198 -16.45 -10.04 -38.84
N ALA A 199 -15.18 -10.33 -39.10
CA ALA A 199 -14.18 -10.29 -38.03
C ALA A 199 -14.03 -8.89 -37.45
N GLY A 200 -13.97 -7.88 -38.30
CA GLY A 200 -13.70 -6.56 -37.79
C GLY A 200 -12.32 -6.47 -37.19
N ALA A 201 -12.17 -5.64 -36.17
CA ALA A 201 -10.90 -5.47 -35.48
C ALA A 201 -10.93 -5.96 -34.04
N LEU A 202 -11.96 -5.59 -33.28
CA LEU A 202 -12.01 -5.97 -31.86
C LEU A 202 -12.10 -7.48 -31.69
N GLN A 203 -12.93 -8.14 -32.51
CA GLN A 203 -13.03 -9.60 -32.43
C GLN A 203 -11.70 -10.26 -32.76
N SER A 204 -11.00 -9.74 -33.77
CA SER A 204 -9.67 -10.26 -34.09
C SER A 204 -8.71 -10.03 -32.93
N TYR A 205 -8.76 -8.84 -32.32
CA TYR A 205 -7.92 -8.56 -31.16
C TYR A 205 -8.22 -9.52 -30.01
N LYS A 206 -9.46 -10.03 -29.94
CA LYS A 206 -9.82 -10.93 -28.86
C LYS A 206 -9.06 -12.24 -28.89
N LEU A 207 -8.48 -12.60 -30.04
CA LEU A 207 -7.81 -13.90 -30.16
C LEU A 207 -6.58 -14.00 -29.28
N ALA A 208 -6.01 -12.87 -28.87
CA ALA A 208 -4.80 -12.84 -28.05
C ALA A 208 -5.10 -12.36 -26.64
N ALA A 209 -6.24 -12.80 -26.07
CA ALA A 209 -6.67 -12.31 -24.77
C ALA A 209 -5.99 -13.01 -23.60
N LYS A 210 -5.24 -14.09 -23.85
CA LYS A 210 -4.55 -14.77 -22.77
C LYS A 210 -3.09 -14.35 -22.66
N ALA A 211 -2.41 -14.17 -23.81
CA ALA A 211 -1.03 -13.72 -23.79
C ALA A 211 -0.90 -12.33 -23.19
N ILE A 212 -1.86 -11.45 -23.47
CA ILE A 212 -1.84 -10.10 -22.90
C ILE A 212 -1.94 -10.17 -21.38
N THR A 213 -2.86 -11.01 -20.88
CA THR A 213 -3.02 -11.15 -19.43
C THR A 213 -1.78 -11.73 -18.79
N ARG A 214 -1.15 -12.71 -19.45
CA ARG A 214 0.07 -13.29 -18.89
C ARG A 214 1.21 -12.27 -18.88
N LEU A 215 1.32 -11.46 -19.93
CA LEU A 215 2.36 -10.43 -19.97
C LEU A 215 2.14 -9.39 -18.89
N GLN A 216 0.89 -8.98 -18.68
CA GLN A 216 0.61 -7.93 -17.69
C GLN A 216 0.75 -8.42 -16.25
N SER A 217 0.91 -9.73 -16.04
CA SER A 217 0.99 -10.27 -14.69
C SER A 217 2.42 -10.43 -14.20
N LEU A 218 3.42 -10.16 -15.01
CA LEU A 218 4.80 -10.36 -14.60
C LEU A 218 5.24 -9.26 -13.63
N PRO A 219 5.94 -9.59 -12.56
CA PRO A 219 6.57 -8.55 -11.74
C PRO A 219 7.66 -7.84 -12.52
N SER A 220 7.77 -6.54 -12.26
CA SER A 220 8.66 -5.69 -13.04
C SER A 220 10.11 -5.84 -12.57
N GLY A 221 11.02 -5.29 -13.36
CA GLY A 221 12.43 -5.23 -13.00
C GLY A 221 13.35 -6.21 -13.69
N SER A 222 12.85 -7.00 -14.65
CA SER A 222 13.69 -7.98 -15.32
C SER A 222 13.28 -8.05 -16.78
N MET A 223 14.09 -7.46 -17.67
CA MET A 223 13.75 -7.45 -19.09
C MET A 223 13.85 -8.83 -19.71
N GLU A 224 14.74 -9.68 -19.19
CA GLU A 224 14.90 -11.02 -19.77
C GLU A 224 13.65 -11.86 -19.57
N ARG A 225 13.00 -11.74 -18.41
CA ARG A 225 11.75 -12.45 -18.18
C ARG A 225 10.67 -12.00 -19.18
N LEU A 226 10.58 -10.68 -19.41
CA LEU A 226 9.62 -10.17 -20.38
C LEU A 226 9.90 -10.72 -21.78
N CYS A 227 11.17 -10.72 -22.18
CA CYS A 227 11.53 -11.25 -23.50
C CYS A 227 11.16 -12.72 -23.61
N ASP A 228 11.48 -13.50 -22.58
CA ASP A 228 11.16 -14.93 -22.61
C ASP A 228 9.66 -15.16 -22.71
N THR A 229 8.87 -14.42 -21.92
CA THR A 229 7.42 -14.60 -21.94
C THR A 229 6.83 -14.20 -23.29
N MET A 230 7.29 -13.09 -23.86
CA MET A 230 6.79 -12.67 -25.17
C MET A 230 7.12 -13.71 -26.23
N VAL A 231 8.36 -14.21 -26.23
CA VAL A 231 8.75 -15.20 -27.23
C VAL A 231 7.94 -16.48 -27.07
N GLN A 232 7.72 -16.92 -25.82
CA GLN A 232 6.95 -18.13 -25.59
C GLN A 232 5.51 -17.97 -26.06
N GLU A 233 4.89 -16.83 -25.77
CA GLU A 233 3.50 -16.63 -26.19
C GLU A 233 3.39 -16.51 -27.70
N VAL A 234 4.35 -15.86 -28.35
CA VAL A 234 4.34 -15.80 -29.81
C VAL A 234 4.47 -17.20 -30.40
N PHE A 235 5.35 -18.01 -29.82
CA PHE A 235 5.49 -19.40 -30.27
C PHE A 235 4.17 -20.16 -30.10
N GLU A 236 3.51 -20.01 -28.96
CA GLU A 236 2.27 -20.73 -28.73
C GLU A 236 1.18 -20.30 -29.71
N LEU A 237 1.03 -18.99 -29.93
CA LEU A 237 -0.04 -18.52 -30.80
C LEU A 237 0.23 -18.84 -32.26
N THR A 238 1.43 -18.54 -32.75
CA THR A 238 1.70 -18.68 -34.18
C THR A 238 1.84 -20.14 -34.60
N GLY A 239 2.50 -20.95 -33.78
CA GLY A 239 2.74 -22.33 -34.13
C GLY A 239 3.92 -22.57 -35.04
N TYR A 240 4.70 -21.53 -35.36
CA TYR A 240 5.88 -21.72 -36.18
C TYR A 240 6.93 -22.51 -35.42
N ASP A 241 7.87 -23.10 -36.17
CA ASP A 241 8.86 -23.97 -35.56
C ASP A 241 9.80 -23.21 -34.64
N ARG A 242 10.38 -22.11 -35.13
CA ARG A 242 11.40 -21.37 -34.40
C ARG A 242 10.93 -19.94 -34.18
N VAL A 243 11.17 -19.41 -32.98
CA VAL A 243 10.87 -18.02 -32.66
C VAL A 243 12.11 -17.39 -32.03
N MET A 244 12.47 -16.20 -32.51
CA MET A 244 13.67 -15.50 -32.09
C MET A 244 13.32 -14.06 -31.75
N ALA A 245 14.10 -13.50 -30.83
CA ALA A 245 13.89 -12.14 -30.35
C ALA A 245 15.05 -11.23 -30.75
N TYR A 246 15.47 -11.34 -32.00
CA TYR A 246 16.53 -10.52 -32.59
C TYR A 246 16.46 -9.08 -32.10
N LYS A 247 17.60 -8.56 -31.62
CA LYS A 247 17.67 -7.25 -31.00
C LYS A 247 18.70 -6.39 -31.71
N PHE A 248 18.43 -5.09 -31.80
CA PHE A 248 19.30 -4.13 -32.46
C PHE A 248 20.06 -3.32 -31.41
N HIS A 249 21.38 -3.21 -31.60
CA HIS A 249 22.22 -2.42 -30.71
C HIS A 249 22.43 -1.03 -31.31
N GLU A 250 23.33 -0.25 -30.69
CA GLU A 250 23.61 1.09 -31.19
C GLU A 250 24.30 1.07 -32.55
N ASP A 251 25.15 0.07 -32.78
CA ASP A 251 25.84 -0.09 -34.05
C ASP A 251 25.05 -0.94 -35.04
N ASP A 252 23.77 -1.21 -34.75
CA ASP A 252 22.89 -2.00 -35.63
C ASP A 252 23.46 -3.39 -35.87
N HIS A 253 24.07 -3.98 -34.84
CA HIS A 253 24.53 -5.36 -34.89
C HIS A 253 23.62 -6.22 -34.02
N GLY A 254 23.17 -7.33 -34.59
CA GLY A 254 22.14 -8.13 -33.95
C GLY A 254 22.66 -8.98 -32.80
N GLU A 255 21.74 -9.36 -31.93
CA GLU A 255 22.06 -10.21 -30.79
C GLU A 255 20.78 -10.92 -30.35
N VAL A 256 20.71 -12.23 -30.59
CA VAL A 256 19.55 -12.99 -30.15
C VAL A 256 19.48 -12.98 -28.63
N VAL A 257 18.29 -12.73 -28.09
CA VAL A 257 18.11 -12.61 -26.65
C VAL A 257 17.34 -13.80 -26.09
N SER A 258 16.58 -14.51 -26.93
CA SER A 258 15.83 -15.67 -26.48
C SER A 258 15.45 -16.51 -27.69
N GLU A 259 14.99 -17.73 -27.42
CA GLU A 259 14.58 -18.66 -28.47
C GLU A 259 13.85 -19.82 -27.83
N VAL A 260 12.79 -20.28 -28.48
CA VAL A 260 12.03 -21.46 -28.04
C VAL A 260 11.65 -22.22 -29.30
N THR A 261 12.33 -23.34 -29.54
CA THR A 261 12.07 -24.18 -30.69
C THR A 261 11.51 -25.53 -30.24
N LYS A 262 11.01 -26.30 -31.21
CA LYS A 262 10.64 -27.67 -30.92
C LYS A 262 11.90 -28.48 -30.66
N PRO A 263 11.79 -29.58 -29.90
CA PRO A 263 12.97 -30.41 -29.65
C PRO A 263 13.58 -30.94 -30.94
N GLY A 264 14.91 -30.97 -30.98
CA GLY A 264 15.61 -31.45 -32.15
C GLY A 264 16.00 -30.36 -33.13
N LEU A 265 16.51 -29.24 -32.62
CA LEU A 265 16.98 -28.15 -33.45
C LEU A 265 18.15 -27.46 -32.77
N GLU A 266 18.97 -26.79 -33.57
CA GLU A 266 20.18 -26.14 -33.06
C GLU A 266 19.81 -24.83 -32.37
N PRO A 267 20.14 -24.67 -31.10
CA PRO A 267 19.87 -23.39 -30.43
C PRO A 267 20.68 -22.26 -31.04
N TYR A 268 20.11 -21.06 -30.99
CA TYR A 268 20.75 -19.86 -31.55
C TYR A 268 21.01 -18.79 -30.50
N LEU A 269 20.80 -19.09 -29.22
CA LEU A 269 20.91 -18.07 -28.18
C LEU A 269 22.33 -17.51 -28.12
N GLY A 270 22.42 -16.19 -28.04
CA GLY A 270 23.68 -15.51 -27.86
C GLY A 270 24.49 -15.23 -29.11
N LEU A 271 24.10 -15.79 -30.24
CA LEU A 271 24.85 -15.64 -31.49
C LEU A 271 24.67 -14.22 -32.01
N HIS A 272 25.74 -13.43 -31.96
CA HIS A 272 25.69 -12.10 -32.56
C HIS A 272 25.73 -12.20 -34.08
N TYR A 273 25.21 -11.19 -34.74
CA TYR A 273 25.17 -11.15 -36.19
C TYR A 273 25.65 -9.80 -36.70
N PRO A 274 26.20 -9.74 -37.91
CA PRO A 274 26.71 -8.46 -38.43
C PRO A 274 25.60 -7.50 -38.81
N ALA A 275 25.98 -6.29 -39.22
CA ALA A 275 25.01 -5.25 -39.55
C ALA A 275 24.57 -5.28 -41.00
N THR A 276 25.14 -6.17 -41.82
CA THR A 276 24.78 -6.24 -43.23
C THR A 276 23.68 -7.25 -43.53
N ASP A 277 23.25 -8.03 -42.54
CA ASP A 277 22.16 -8.97 -42.76
C ASP A 277 20.84 -8.24 -43.06
N ILE A 278 20.56 -7.19 -42.31
CA ILE A 278 19.36 -6.38 -42.50
C ILE A 278 19.81 -5.01 -43.03
N PRO A 279 19.61 -4.72 -44.31
CA PRO A 279 19.91 -3.39 -44.81
C PRO A 279 18.96 -2.35 -44.22
N GLN A 280 19.42 -1.10 -44.21
CA GLN A 280 18.62 -0.02 -43.62
C GLN A 280 17.31 0.16 -44.37
N ALA A 281 17.26 -0.23 -45.65
CA ALA A 281 16.00 -0.18 -46.38
C ALA A 281 14.96 -1.10 -45.76
N ALA A 282 15.39 -2.29 -45.29
CA ALA A 282 14.47 -3.20 -44.64
C ALA A 282 13.92 -2.60 -43.34
N ARG A 283 14.77 -1.94 -42.56
CA ARG A 283 14.30 -1.29 -41.35
C ARG A 283 13.32 -0.16 -41.67
N PHE A 284 13.62 0.63 -42.70
CA PHE A 284 12.71 1.70 -43.08
C PHE A 284 11.36 1.14 -43.52
N LEU A 285 11.39 0.04 -44.26
CA LEU A 285 10.14 -0.60 -44.68
C LEU A 285 9.36 -1.13 -43.48
N PHE A 286 10.04 -1.79 -42.55
CA PHE A 286 9.38 -2.31 -41.35
C PHE A 286 8.81 -1.21 -40.48
N MET A 287 9.39 -0.01 -40.55
CA MET A 287 8.89 1.13 -39.74
C MET A 287 7.48 1.52 -40.19
N LYS A 288 7.10 1.17 -41.42
CA LYS A 288 5.80 1.53 -41.96
C LYS A 288 4.76 0.43 -41.76
N ASN A 289 5.03 -0.78 -42.23
CA ASN A 289 4.18 -1.93 -41.97
C ASN A 289 4.90 -2.89 -41.03
N LYS A 290 4.24 -3.22 -39.93
CA LYS A 290 4.89 -3.88 -38.81
C LYS A 290 4.96 -5.40 -38.94
N VAL A 291 4.06 -6.01 -39.71
CA VAL A 291 4.01 -7.46 -39.85
C VAL A 291 4.24 -7.81 -41.31
N ARG A 292 5.20 -8.70 -41.56
CA ARG A 292 5.50 -9.16 -42.91
C ARG A 292 5.50 -10.68 -42.93
N MET A 293 4.84 -11.26 -43.93
CA MET A 293 4.75 -12.71 -44.08
C MET A 293 5.29 -13.14 -45.43
N ILE A 294 6.12 -14.18 -45.42
CA ILE A 294 6.51 -14.90 -46.63
C ILE A 294 6.07 -16.34 -46.44
N VAL A 295 5.02 -16.74 -47.15
CA VAL A 295 4.46 -18.08 -46.96
C VAL A 295 5.39 -19.14 -47.53
N ASP A 296 6.01 -18.86 -48.68
CA ASP A 296 6.89 -19.82 -49.32
C ASP A 296 7.86 -19.07 -50.22
N CYS A 297 9.07 -19.62 -50.33
CA CYS A 297 10.13 -19.02 -51.12
C CYS A 297 10.30 -19.67 -52.49
N ASN A 298 10.15 -20.99 -52.57
CA ASN A 298 10.27 -21.70 -53.85
C ASN A 298 8.90 -21.88 -54.49
N ALA A 299 8.22 -20.76 -54.71
CA ALA A 299 6.92 -20.74 -55.34
C ALA A 299 6.92 -19.68 -56.44
N LYS A 300 6.24 -20.00 -57.55
CA LYS A 300 6.20 -19.11 -58.71
C LYS A 300 5.27 -17.95 -58.40
N HIS A 301 5.77 -16.72 -58.52
CA HIS A 301 4.99 -15.54 -58.23
C HIS A 301 4.38 -14.98 -59.51
N ALA A 302 3.11 -14.64 -59.45
CA ALA A 302 2.42 -14.05 -60.59
C ALA A 302 2.77 -12.56 -60.71
N ARG A 303 2.30 -11.94 -61.79
CA ARG A 303 2.57 -10.55 -62.07
C ARG A 303 1.25 -9.78 -62.11
N VAL A 304 1.32 -8.52 -62.52
CA VAL A 304 0.17 -7.63 -62.57
C VAL A 304 0.00 -7.10 -63.99
N LEU A 305 -1.16 -6.50 -64.22
CA LEU A 305 -1.51 -5.96 -65.53
C LEU A 305 -1.77 -4.46 -65.41
N GLN A 306 -0.85 -3.74 -64.76
CA GLN A 306 -1.05 -2.32 -64.49
C GLN A 306 -1.34 -1.55 -65.76
N ASP A 307 -2.34 -0.67 -65.70
CA ASP A 307 -2.82 0.03 -66.88
C ASP A 307 -1.77 0.97 -67.43
N GLU A 308 -1.66 1.02 -68.76
CA GLU A 308 -0.71 1.91 -69.41
C GLU A 308 -1.14 3.37 -69.30
N LYS A 309 -2.45 3.63 -69.29
CA LYS A 309 -2.95 5.00 -69.26
C LYS A 309 -2.79 5.66 -67.90
N LEU A 310 -2.41 4.91 -66.87
CA LEU A 310 -2.20 5.51 -65.55
C LEU A 310 -1.01 6.47 -65.58
N SER A 311 -1.21 7.65 -65.00
CA SER A 311 -0.16 8.66 -64.96
C SER A 311 0.84 8.44 -63.84
N PHE A 312 0.55 7.54 -62.90
CA PHE A 312 1.46 7.25 -61.80
C PHE A 312 1.61 5.74 -61.66
N ASP A 313 2.80 5.32 -61.25
CA ASP A 313 3.07 3.91 -61.03
C ASP A 313 2.51 3.46 -59.68
N LEU A 314 1.90 2.28 -59.68
CA LEU A 314 1.34 1.74 -58.46
C LEU A 314 2.45 1.38 -57.46
N THR A 315 2.19 1.64 -56.19
CA THR A 315 3.13 1.34 -55.12
C THR A 315 2.65 0.10 -54.38
N LEU A 316 3.53 -0.90 -54.28
CA LEU A 316 3.21 -2.16 -53.60
C LEU A 316 3.84 -2.24 -52.21
N CYS A 317 4.34 -1.11 -51.68
CA CYS A 317 4.98 -1.12 -50.38
C CYS A 317 4.01 -1.52 -49.27
N GLY A 318 2.79 -0.99 -49.32
CA GLY A 318 1.84 -1.25 -48.25
C GLY A 318 1.07 -2.55 -48.37
N SER A 319 0.97 -3.12 -49.56
CA SER A 319 0.21 -4.36 -49.74
C SER A 319 0.90 -5.51 -49.04
N THR A 320 0.10 -6.48 -48.60
CA THR A 320 0.62 -7.65 -47.89
C THR A 320 0.98 -8.80 -48.82
N LEU A 321 0.74 -8.67 -50.12
CA LEU A 321 1.07 -9.71 -51.09
C LEU A 321 2.34 -9.41 -51.89
N ARG A 322 3.06 -8.35 -51.55
CA ARG A 322 4.25 -7.99 -52.32
C ARG A 322 5.29 -9.10 -52.24
N ALA A 323 5.86 -9.46 -53.39
CA ALA A 323 6.83 -10.54 -53.43
C ALA A 323 8.11 -10.14 -52.72
N PRO A 324 8.75 -11.09 -52.04
CA PRO A 324 9.99 -10.76 -51.32
C PRO A 324 11.12 -10.39 -52.26
N HIS A 325 11.97 -9.47 -51.80
CA HIS A 325 13.11 -9.04 -52.57
C HIS A 325 14.22 -10.08 -52.52
N SER A 326 15.14 -9.99 -53.47
CA SER A 326 16.25 -10.95 -53.54
C SER A 326 17.15 -10.84 -52.31
N CYS A 327 17.43 -9.62 -51.87
CA CYS A 327 18.29 -9.44 -50.69
C CYS A 327 17.65 -10.05 -49.45
N HIS A 328 16.35 -9.83 -49.27
CA HIS A 328 15.66 -10.44 -48.15
C HIS A 328 15.55 -11.95 -48.31
N LEU A 329 15.45 -12.42 -49.55
CA LEU A 329 15.43 -13.86 -49.80
C LEU A 329 16.76 -14.50 -49.43
N GLN A 330 17.87 -13.77 -49.57
CA GLN A 330 19.16 -14.30 -49.16
C GLN A 330 19.19 -14.61 -47.68
N TYR A 331 18.44 -13.85 -46.87
CA TYR A 331 18.38 -14.12 -45.43
C TYR A 331 17.83 -15.52 -45.17
N MET A 332 16.69 -15.86 -45.79
CA MET A 332 16.15 -17.20 -45.62
C MET A 332 17.03 -18.24 -46.29
N ALA A 333 17.75 -17.86 -47.35
CA ALA A 333 18.67 -18.79 -48.01
C ALA A 333 19.78 -19.21 -47.05
N ASN A 334 20.34 -18.25 -46.32
CA ASN A 334 21.38 -18.56 -45.33
C ASN A 334 20.81 -19.12 -44.04
N MET A 335 19.50 -19.03 -43.85
CA MET A 335 18.85 -19.48 -42.63
C MET A 335 18.03 -20.74 -42.82
N ASP A 336 18.16 -21.39 -43.99
CA ASP A 336 17.49 -22.64 -44.37
C ASP A 336 16.04 -22.72 -43.93
N SER A 337 15.35 -21.58 -43.94
CA SER A 337 13.95 -21.50 -43.55
C SER A 337 13.09 -21.21 -44.77
N ILE A 338 11.83 -21.64 -44.72
CA ILE A 338 10.93 -21.48 -45.86
C ILE A 338 9.87 -20.42 -45.58
N ALA A 339 9.11 -20.59 -44.50
CA ALA A 339 8.05 -19.66 -44.15
C ALA A 339 8.52 -18.72 -43.06
N SER A 340 8.29 -17.43 -43.24
CA SER A 340 8.80 -16.41 -42.33
C SER A 340 7.69 -15.44 -41.95
N LEU A 341 7.74 -14.99 -40.69
CA LEU A 341 6.80 -13.98 -40.18
C LEU A 341 7.60 -13.03 -39.29
N VAL A 342 7.81 -11.81 -39.76
CA VAL A 342 8.66 -10.83 -39.09
C VAL A 342 7.78 -9.72 -38.54
N MET A 343 7.95 -9.43 -37.26
CA MET A 343 7.13 -8.44 -36.55
C MET A 343 8.05 -7.43 -35.88
N ALA A 344 8.02 -6.19 -36.36
CA ALA A 344 8.85 -5.13 -35.81
C ALA A 344 8.32 -4.68 -34.46
N VAL A 345 9.22 -4.20 -33.61
CA VAL A 345 8.89 -3.63 -32.31
C VAL A 345 9.35 -2.19 -32.29
N VAL A 346 8.40 -1.26 -32.20
CA VAL A 346 8.67 0.16 -32.30
C VAL A 346 8.38 0.80 -30.94
N VAL A 347 9.40 1.38 -30.33
CA VAL A 347 9.25 2.12 -29.09
C VAL A 347 9.32 3.61 -29.41
N ASN A 348 8.79 4.42 -28.48
CA ASN A 348 8.78 5.86 -28.63
C ASN A 348 9.59 6.47 -27.50
N GLU A 349 10.77 6.99 -27.84
CA GLU A 349 11.69 7.53 -26.84
C GLU A 349 11.80 9.03 -27.03
N GLU A 350 11.75 9.77 -25.93
CA GLU A 350 11.69 11.23 -25.98
C GLU A 350 12.94 11.80 -26.63
N ASP A 351 12.76 12.91 -27.35
CA ASP A 351 13.87 13.55 -28.05
C ASP A 351 14.92 14.04 -27.06
N GLY A 352 16.19 13.90 -27.43
CA GLY A 352 17.29 14.32 -26.59
C GLY A 352 18.16 15.37 -27.25
N LYS A 365 8.33 13.04 -29.32
CA LYS A 365 9.12 11.83 -29.14
C LYS A 365 9.50 11.22 -30.48
N ARG A 366 10.67 10.61 -30.54
CA ARG A 366 11.15 9.97 -31.76
C ARG A 366 11.01 8.46 -31.66
N LYS A 367 10.66 7.84 -32.78
CA LYS A 367 10.49 6.39 -32.82
C LYS A 367 11.83 5.68 -32.91
N ARG A 368 11.83 4.42 -32.50
CA ARG A 368 13.05 3.62 -32.48
C ARG A 368 12.67 2.15 -32.64
N LEU A 369 13.49 1.42 -33.39
CA LEU A 369 13.29 0.00 -33.62
C LEU A 369 14.05 -0.77 -32.54
N TRP A 370 13.31 -1.31 -31.57
CA TRP A 370 13.96 -2.05 -30.49
C TRP A 370 14.52 -3.38 -31.00
N GLY A 371 13.93 -3.93 -32.05
CA GLY A 371 14.37 -5.21 -32.57
C GLY A 371 13.30 -5.81 -33.44
N LEU A 372 13.30 -7.14 -33.49
CA LEU A 372 12.32 -7.90 -34.25
C LEU A 372 11.94 -9.15 -33.46
N VAL A 373 10.77 -9.69 -33.77
CA VAL A 373 10.33 -11.00 -33.28
C VAL A 373 10.09 -11.87 -34.51
N VAL A 374 11.04 -12.76 -34.80
CA VAL A 374 11.09 -13.47 -36.07
C VAL A 374 10.60 -14.90 -35.85
N CYS A 375 9.74 -15.38 -36.75
CA CYS A 375 9.23 -16.73 -36.71
C CYS A 375 9.60 -17.45 -38.00
N HIS A 376 10.10 -18.68 -37.87
CA HIS A 376 10.56 -19.47 -39.00
C HIS A 376 9.97 -20.87 -38.94
N ASN A 377 9.77 -21.47 -40.11
CA ASN A 377 9.30 -22.85 -40.23
C ASN A 377 10.01 -23.52 -41.40
N THR A 378 10.22 -24.83 -41.28
CA THR A 378 10.89 -25.59 -42.32
C THR A 378 9.99 -25.94 -43.49
N THR A 379 8.67 -25.85 -43.32
CA THR A 379 7.70 -26.13 -44.37
C THR A 379 6.76 -24.96 -44.51
N PRO A 380 6.25 -24.70 -45.72
CA PRO A 380 5.36 -23.55 -45.91
C PRO A 380 4.10 -23.68 -45.07
N ARG A 381 3.63 -22.55 -44.55
CA ARG A 381 2.40 -22.51 -43.77
C ARG A 381 1.76 -21.14 -43.92
N PHE A 382 0.45 -21.09 -43.69
CA PHE A 382 -0.34 -19.87 -43.84
C PHE A 382 -1.33 -19.77 -42.68
N VAL A 383 -1.46 -18.56 -42.14
CA VAL A 383 -2.38 -18.32 -41.03
C VAL A 383 -3.35 -17.20 -41.42
N PRO A 384 -4.57 -17.19 -40.89
CA PRO A 384 -5.54 -16.18 -41.30
C PRO A 384 -5.17 -14.79 -40.81
N PHE A 385 -5.74 -13.79 -41.47
CA PHE A 385 -5.47 -12.40 -41.11
C PHE A 385 -5.74 -12.07 -39.64
N PRO A 386 -6.82 -12.54 -39.01
CA PRO A 386 -7.02 -12.20 -37.58
C PRO A 386 -5.86 -12.58 -36.69
N LEU A 387 -5.22 -13.72 -36.94
CA LEU A 387 -4.07 -14.11 -36.12
C LEU A 387 -2.93 -13.10 -36.27
N ARG A 388 -2.68 -12.65 -37.50
CA ARG A 388 -1.64 -11.65 -37.70
C ARG A 388 -1.98 -10.34 -37.01
N TYR A 389 -3.25 -9.95 -37.09
CA TYR A 389 -3.71 -8.70 -36.41
C TYR A 389 -3.45 -8.83 -34.90
N ALA A 390 -3.87 -9.95 -34.31
CA ALA A 390 -3.69 -10.17 -32.89
C ALA A 390 -2.21 -10.16 -32.51
N CYS A 391 -1.36 -10.76 -33.36
CA CYS A 391 0.07 -10.74 -33.11
C CYS A 391 0.61 -9.31 -33.13
N GLU A 392 0.14 -8.49 -34.06
CA GLU A 392 0.57 -7.09 -34.09
C GLU A 392 0.17 -6.36 -32.83
N PHE A 393 -1.06 -6.58 -32.35
CA PHE A 393 -1.48 -5.96 -31.10
C PHE A 393 -0.61 -6.41 -29.93
N LEU A 394 -0.29 -7.71 -29.89
CA LEU A 394 0.57 -8.22 -28.83
C LEU A 394 1.95 -7.59 -28.89
N ALA A 395 2.47 -7.37 -30.11
CA ALA A 395 3.76 -6.69 -30.25
C ALA A 395 3.69 -5.26 -29.74
N GLN A 396 2.57 -4.58 -29.98
CA GLN A 396 2.40 -3.24 -29.43
C GLN A 396 2.45 -3.26 -27.91
N VAL A 397 1.75 -4.22 -27.30
CA VAL A 397 1.77 -4.33 -25.84
C VAL A 397 3.18 -4.58 -25.34
N PHE A 398 3.92 -5.46 -26.01
CA PHE A 398 5.29 -5.76 -25.60
C PHE A 398 6.18 -4.53 -25.71
N ALA A 399 5.99 -3.74 -26.76
CA ALA A 399 6.77 -2.51 -26.90
C ALA A 399 6.48 -1.56 -25.75
N ILE A 400 5.21 -1.43 -25.37
CA ILE A 400 4.86 -0.57 -24.23
C ILE A 400 5.54 -1.07 -22.97
N HIS A 401 5.53 -2.38 -22.74
CA HIS A 401 6.14 -2.93 -21.53
C HIS A 401 7.65 -2.70 -21.50
N VAL A 402 8.32 -2.87 -22.63
CA VAL A 402 9.78 -2.66 -22.63
C VAL A 402 10.10 -1.19 -22.44
N ASN A 403 9.29 -0.29 -23.01
CA ASN A 403 9.51 1.13 -22.76
C ASN A 403 9.29 1.48 -21.29
N LYS A 404 8.36 0.77 -20.64
CA LYS A 404 8.14 1.00 -19.21
C LYS A 404 9.32 0.48 -18.38
N GLU A 405 9.89 -0.66 -18.77
CA GLU A 405 10.96 -1.24 -17.97
C GLU A 405 12.32 -0.60 -18.24
N VAL A 406 12.45 0.19 -19.30
CA VAL A 406 13.66 0.99 -19.45
C VAL A 406 13.69 2.12 -18.42
N GLU A 407 12.55 2.78 -18.20
CA GLU A 407 12.50 3.87 -17.25
C GLU A 407 12.77 3.41 -15.82
N LEU A 408 12.46 2.15 -15.51
CA LEU A 408 12.71 1.64 -14.17
C LEU A 408 14.19 1.42 -13.93
N ASP A 409 14.94 1.05 -14.97
CA ASP A 409 16.38 0.94 -14.84
C ASP A 409 17.07 2.29 -14.97
N ASN A 410 16.36 3.30 -15.47
CA ASN A 410 16.90 4.66 -15.44
C ASN A 410 16.91 5.25 -14.04
N GLN A 411 16.29 4.59 -13.06
CA GLN A 411 16.25 5.13 -11.70
C GLN A 411 17.31 4.52 -10.80
N MET A 412 17.87 3.37 -11.16
CA MET A 412 18.94 2.78 -10.34
C MET A 412 20.17 3.68 -10.32
N VAL A 413 20.46 4.36 -11.44
CA VAL A 413 21.57 5.29 -11.47
C VAL A 413 21.34 6.43 -10.47
N GLU A 414 20.14 6.98 -10.45
CA GLU A 414 19.82 8.05 -9.52
C GLU A 414 19.92 7.57 -8.08
N LYS A 415 19.44 6.35 -7.81
CA LYS A 415 19.51 5.82 -6.45
C LYS A 415 20.96 5.64 -6.00
N ASN A 416 21.81 5.13 -6.89
CA ASN A 416 23.22 4.96 -6.54
C ASN A 416 23.91 6.30 -6.35
N ILE A 417 23.53 7.30 -7.16
CA ILE A 417 24.10 8.63 -6.98
C ILE A 417 23.72 9.20 -5.62
N LEU A 418 22.47 9.00 -5.21
CA LEU A 418 22.04 9.47 -3.88
C LEU A 418 22.80 8.74 -2.78
N ARG A 419 23.02 7.44 -2.94
CA ARG A 419 23.79 6.70 -1.94
C ARG A 419 25.23 7.23 -1.85
N THR A 420 25.85 7.52 -2.99
CA THR A 420 27.18 8.09 -2.97
C THR A 420 27.20 9.46 -2.31
N GLN A 421 26.16 10.26 -2.55
CA GLN A 421 26.06 11.56 -1.88
C GLN A 421 25.97 11.40 -0.38
N THR A 422 25.17 10.42 0.08
CA THR A 422 25.07 10.17 1.51
C THR A 422 26.42 9.75 2.09
N LEU A 423 27.15 8.90 1.38
CA LEU A 423 28.47 8.49 1.87
C LEU A 423 29.42 9.67 1.94
N LEU A 424 29.41 10.53 0.92
CA LEU A 424 30.27 11.72 0.93
C LEU A 424 29.93 12.63 2.10
N CYS A 425 28.63 12.83 2.37
CA CYS A 425 28.24 13.64 3.52
C CYS A 425 28.71 13.02 4.83
N ASP A 426 28.57 11.70 4.95
CA ASP A 426 29.02 11.01 6.16
C ASP A 426 30.52 11.11 6.36
N MET A 427 31.31 11.07 5.29
CA MET A 427 32.76 11.07 5.40
C MET A 427 33.33 12.44 5.71
N LEU A 428 32.52 13.50 5.65
CA LEU A 428 33.03 14.84 5.90
C LEU A 428 33.39 15.05 7.36
N MET A 429 32.78 14.27 8.26
CA MET A 429 33.02 14.44 9.69
C MET A 429 34.36 13.87 10.14
N ARG A 430 34.78 12.75 9.56
CA ARG A 430 36.00 12.09 10.01
C ARG A 430 37.23 12.95 9.73
N ASP A 431 38.27 12.75 10.53
CA ASP A 431 39.51 13.49 10.36
C ASP A 431 40.16 13.14 9.03
N ALA A 432 40.86 14.12 8.46
CA ALA A 432 41.46 13.93 7.14
C ALA A 432 42.51 12.81 7.12
N PRO A 433 43.48 12.74 8.04
CA PRO A 433 44.44 11.63 8.00
C PRO A 433 43.83 10.37 8.61
N LEU A 434 43.90 9.27 7.86
CA LEU A 434 43.51 7.94 8.30
C LEU A 434 42.01 7.81 8.52
N GLY A 435 41.27 8.91 8.44
CA GLY A 435 39.82 8.83 8.53
C GLY A 435 39.16 8.25 7.30
N ILE A 436 39.88 8.20 6.18
CA ILE A 436 39.35 7.59 4.97
C ILE A 436 39.08 6.12 5.20
N VAL A 437 40.03 5.41 5.78
CA VAL A 437 39.85 4.00 6.13
C VAL A 437 39.96 3.91 7.65
N SER A 438 38.84 4.08 8.32
CA SER A 438 38.76 3.93 9.78
C SER A 438 37.59 3.07 10.21
N GLN A 439 36.47 3.13 9.50
CA GLN A 439 35.25 2.44 9.91
C GLN A 439 34.75 1.54 8.78
N SER A 440 33.54 1.00 8.93
CA SER A 440 32.97 0.16 7.89
C SER A 440 32.81 0.89 6.56
N PRO A 441 32.26 2.12 6.50
CA PRO A 441 32.16 2.79 5.19
C PRO A 441 33.48 3.36 4.73
N ASN A 442 34.36 2.50 4.22
CA ASN A 442 35.64 2.93 3.67
C ASN A 442 35.45 3.38 2.22
N ILE A 443 36.55 3.58 1.50
CA ILE A 443 36.46 3.99 0.10
C ILE A 443 36.20 2.82 -0.84
N MET A 444 35.95 1.62 -0.31
CA MET A 444 35.47 0.54 -1.15
C MET A 444 34.05 0.81 -1.62
N ASP A 445 33.22 1.42 -0.75
CA ASP A 445 31.83 1.67 -1.09
C ASP A 445 31.64 2.91 -1.95
N LEU A 446 32.68 3.74 -2.08
CA LEU A 446 32.55 4.94 -2.91
C LEU A 446 32.40 4.57 -4.38
N VAL A 447 33.25 3.69 -4.87
CA VAL A 447 33.20 3.22 -6.26
C VAL A 447 33.39 1.70 -6.24
N LYS A 448 32.66 1.00 -7.09
CA LYS A 448 32.75 -0.45 -7.15
C LYS A 448 34.15 -0.86 -7.58
N CYS A 449 34.81 -1.66 -6.74
CA CYS A 449 36.19 -2.09 -6.99
C CYS A 449 36.54 -3.16 -5.97
N ASP A 450 37.76 -3.68 -6.09
CA ASP A 450 38.24 -4.71 -5.19
C ASP A 450 39.55 -4.36 -4.49
N GLY A 451 40.21 -3.27 -4.89
CA GLY A 451 41.44 -2.87 -4.25
C GLY A 451 41.61 -1.36 -4.15
N ALA A 452 42.08 -0.88 -3.01
CA ALA A 452 42.28 0.54 -2.79
C ALA A 452 43.63 0.76 -2.12
N ALA A 453 44.20 1.94 -2.31
CA ALA A 453 45.49 2.27 -1.71
C ALA A 453 45.57 3.77 -1.49
N LEU A 454 46.26 4.15 -0.42
CA LEU A 454 46.39 5.56 -0.03
C LEU A 454 47.86 5.82 0.28
N LEU A 455 48.56 6.49 -0.63
CA LEU A 455 49.96 6.83 -0.43
C LEU A 455 50.03 8.20 0.23
N TYR A 456 50.55 8.24 1.46
CA TYR A 456 50.60 9.47 2.25
C TYR A 456 51.72 9.33 3.27
N LYS A 457 52.81 10.09 3.07
CA LYS A 457 53.97 10.07 3.95
C LYS A 457 54.57 8.67 4.07
N ASP A 458 54.69 7.98 2.93
CA ASP A 458 55.33 6.66 2.84
C ASP A 458 54.74 5.69 3.86
N LYS A 459 53.41 5.67 3.94
CA LYS A 459 52.68 4.81 4.86
C LYS A 459 51.57 4.07 4.12
N ILE A 460 51.94 3.41 3.02
CA ILE A 460 50.97 2.79 2.13
C ILE A 460 50.07 1.84 2.90
N TRP A 461 48.76 2.12 2.86
CA TRP A 461 47.75 1.25 3.44
C TRP A 461 47.14 0.37 2.36
N LYS A 462 46.82 -0.87 2.73
CA LYS A 462 46.26 -1.84 1.81
C LYS A 462 44.81 -2.14 2.22
N LEU A 463 43.94 -2.25 1.23
CA LEU A 463 42.52 -2.52 1.48
C LEU A 463 42.01 -3.75 0.73
N GLY A 464 42.89 -4.50 0.07
CA GLY A 464 42.43 -5.65 -0.70
C GLY A 464 43.47 -6.08 -1.72
N THR A 465 42.98 -6.65 -2.81
CA THR A 465 43.87 -7.07 -3.90
C THR A 465 44.56 -5.84 -4.48
N THR A 466 45.88 -5.79 -4.32
CA THR A 466 46.66 -4.63 -4.70
C THR A 466 48.12 -5.06 -4.76
N PRO A 467 48.88 -4.58 -5.74
CA PRO A 467 50.31 -4.92 -5.80
C PRO A 467 51.05 -4.57 -4.52
N SER A 468 52.28 -5.06 -4.43
CA SER A 468 53.10 -4.85 -3.24
C SER A 468 53.49 -3.38 -3.11
N GLU A 469 54.04 -3.03 -1.94
CA GLU A 469 54.46 -1.66 -1.70
C GLU A 469 55.53 -1.21 -2.70
N PHE A 470 56.41 -2.14 -3.08
CA PHE A 470 57.40 -1.85 -4.11
C PHE A 470 56.73 -1.45 -5.42
N HIS A 471 55.78 -2.26 -5.88
CA HIS A 471 55.10 -1.97 -7.15
C HIS A 471 54.28 -0.70 -7.06
N LEU A 472 53.69 -0.43 -5.89
CA LEU A 472 52.95 0.81 -5.71
C LEU A 472 53.88 2.02 -5.78
N GLN A 473 55.07 1.90 -5.20
CA GLN A 473 56.05 2.98 -5.34
C GLN A 473 56.41 3.20 -6.81
N GLU A 474 56.60 2.11 -7.57
CA GLU A 474 56.94 2.27 -8.98
C GLU A 474 55.81 2.92 -9.77
N ILE A 475 54.56 2.53 -9.53
CA ILE A 475 53.47 3.11 -10.32
C ILE A 475 53.28 4.58 -9.93
N ALA A 476 53.45 4.91 -8.66
CA ALA A 476 53.39 6.31 -8.25
C ALA A 476 54.49 7.13 -8.91
N SER A 477 55.71 6.57 -8.96
CA SER A 477 56.81 7.28 -9.61
C SER A 477 56.55 7.47 -11.09
N TRP A 478 56.03 6.44 -11.76
CA TRP A 478 55.73 6.56 -13.19
C TRP A 478 54.67 7.63 -13.44
N LEU A 479 53.60 7.62 -12.65
CA LEU A 479 52.55 8.61 -12.82
C LEU A 479 53.08 10.02 -12.56
N CYS A 480 53.93 10.17 -11.55
CA CYS A 480 54.49 11.49 -11.26
C CYS A 480 55.38 11.97 -12.40
N GLU A 481 56.26 11.09 -12.91
CA GLU A 481 57.28 11.55 -13.85
C GLU A 481 56.70 11.78 -15.24
N TYR A 482 55.80 10.90 -15.69
CA TYR A 482 55.26 11.06 -17.04
C TYR A 482 54.18 12.13 -17.12
N HIS A 483 53.13 12.01 -16.30
CA HIS A 483 51.99 12.94 -16.36
C HIS A 483 52.16 13.99 -15.27
N MET A 484 52.95 15.02 -15.60
CA MET A 484 53.15 16.13 -14.67
C MET A 484 51.85 16.89 -14.43
N ASP A 485 51.18 17.31 -15.51
CA ASP A 485 49.98 18.14 -15.42
C ASP A 485 48.70 17.31 -15.39
N SER A 486 48.71 16.29 -14.53
CA SER A 486 47.55 15.41 -14.40
C SER A 486 47.24 15.24 -12.92
N THR A 487 46.17 15.89 -12.46
CA THR A 487 45.75 15.69 -11.08
C THR A 487 45.10 14.33 -10.88
N GLY A 488 44.48 13.79 -11.91
CA GLY A 488 43.85 12.49 -11.83
C GLY A 488 43.86 11.80 -13.18
N LEU A 489 43.82 10.48 -13.15
CA LEU A 489 43.90 9.65 -14.34
C LEU A 489 43.04 8.41 -14.15
N SER A 490 42.55 7.86 -15.27
CA SER A 490 41.72 6.66 -15.25
C SER A 490 42.08 5.81 -16.46
N THR A 491 42.90 4.79 -16.26
CA THR A 491 43.36 3.92 -17.33
C THR A 491 42.57 2.61 -17.32
N ASP A 492 41.96 2.29 -18.46
CA ASP A 492 41.17 1.07 -18.57
C ASP A 492 42.04 -0.18 -18.46
N SER A 493 43.19 -0.18 -19.14
CA SER A 493 44.11 -1.30 -19.10
C SER A 493 45.53 -0.77 -19.01
N LEU A 494 46.24 -1.18 -17.94
CA LEU A 494 47.56 -0.64 -17.67
C LEU A 494 48.54 -0.93 -18.79
N HIS A 495 48.34 -2.02 -19.54
CA HIS A 495 49.20 -2.30 -20.67
C HIS A 495 49.09 -1.22 -21.74
N ASP A 496 47.87 -0.75 -22.01
CA ASP A 496 47.68 0.27 -23.04
C ASP A 496 48.28 1.61 -22.63
N ALA A 497 48.25 1.94 -21.33
CA ALA A 497 48.77 3.22 -20.88
C ALA A 497 50.28 3.32 -21.13
N GLY A 498 51.01 2.24 -20.86
CA GLY A 498 52.44 2.25 -21.09
C GLY A 498 53.27 2.07 -19.83
N PHE A 499 52.71 1.41 -18.83
CA PHE A 499 53.44 1.15 -17.61
C PHE A 499 54.51 0.10 -17.88
N PRO A 500 55.80 0.40 -17.67
CA PRO A 500 56.84 -0.59 -17.98
C PRO A 500 56.73 -1.86 -17.18
N ARG A 501 56.27 -1.81 -15.93
CA ARG A 501 56.20 -2.98 -15.07
C ARG A 501 54.79 -3.56 -14.99
N ALA A 502 53.89 -3.13 -15.88
CA ALA A 502 52.52 -3.65 -15.86
C ALA A 502 52.49 -5.16 -16.11
N LEU A 503 53.49 -5.69 -16.80
CA LEU A 503 53.54 -7.13 -17.04
C LEU A 503 53.70 -7.91 -15.74
N SER A 504 54.60 -7.44 -14.86
CA SER A 504 54.85 -8.14 -13.61
C SER A 504 53.67 -8.11 -12.66
N LEU A 505 52.72 -7.19 -12.86
CA LEU A 505 51.57 -7.10 -11.98
C LEU A 505 50.72 -8.36 -12.05
N GLY A 506 50.69 -9.01 -13.21
CA GLY A 506 49.88 -10.19 -13.39
C GLY A 506 48.47 -9.86 -13.83
N ASP A 507 47.60 -10.86 -13.68
CA ASP A 507 46.21 -10.73 -14.07
C ASP A 507 45.34 -10.16 -12.95
N SER A 508 45.90 -9.96 -11.75
CA SER A 508 45.10 -9.53 -10.61
C SER A 508 44.53 -8.13 -10.80
N VAL A 509 45.34 -7.21 -11.34
CA VAL A 509 44.93 -5.83 -11.52
C VAL A 509 44.99 -5.48 -13.00
N CYS A 510 43.89 -4.92 -13.52
CA CYS A 510 43.83 -4.48 -14.90
C CYS A 510 43.55 -3.00 -15.03
N GLY A 511 42.48 -2.51 -14.40
CA GLY A 511 42.09 -1.11 -14.51
C GLY A 511 42.56 -0.32 -13.31
N MET A 512 42.85 0.96 -13.54
CA MET A 512 43.41 1.83 -12.50
C MET A 512 42.75 3.19 -12.55
N ALA A 513 42.51 3.77 -11.38
CA ALA A 513 41.99 5.13 -11.26
C ALA A 513 42.73 5.82 -10.11
N ALA A 514 43.51 6.85 -10.43
CA ALA A 514 44.38 7.48 -9.45
C ALA A 514 44.12 8.97 -9.39
N VAL A 515 44.24 9.54 -8.18
CA VAL A 515 44.13 10.98 -7.98
C VAL A 515 45.26 11.46 -7.09
N ARG A 516 45.61 12.73 -7.25
CA ARG A 516 46.69 13.37 -6.52
C ARG A 516 46.08 14.26 -5.44
N ILE A 517 46.11 13.78 -4.19
CA ILE A 517 45.57 14.56 -3.08
C ILE A 517 46.36 15.85 -2.90
N SER A 518 47.68 15.74 -2.89
CA SER A 518 48.56 16.89 -2.66
C SER A 518 49.84 16.64 -3.45
N SER A 519 50.90 17.37 -3.09
CA SER A 519 52.17 17.23 -3.80
C SER A 519 52.72 15.81 -3.70
N LYS A 520 52.67 15.21 -2.51
CA LYS A 520 53.24 13.89 -2.27
C LYS A 520 52.21 12.85 -1.87
N ASP A 521 50.92 13.19 -1.92
CA ASP A 521 49.86 12.31 -1.43
C ASP A 521 48.92 11.95 -2.56
N MET A 522 48.65 10.65 -2.72
CA MET A 522 47.81 10.17 -3.82
C MET A 522 46.95 9.02 -3.36
N ILE A 523 45.93 8.70 -4.16
CA ILE A 523 45.00 7.61 -3.90
C ILE A 523 44.80 6.80 -5.17
N PHE A 524 44.78 5.47 -5.03
CA PHE A 524 44.59 4.55 -6.14
C PHE A 524 43.41 3.63 -5.89
N TRP A 525 42.64 3.38 -6.95
CA TRP A 525 41.63 2.33 -6.99
C TRP A 525 41.99 1.37 -8.12
N PHE A 526 41.93 0.07 -7.85
CA PHE A 526 42.30 -0.94 -8.82
C PHE A 526 41.14 -1.88 -9.10
N ARG A 527 41.08 -2.36 -10.34
CA ARG A 527 40.02 -3.25 -10.81
C ARG A 527 40.62 -4.45 -11.50
N SER A 528 40.06 -5.63 -11.20
CA SER A 528 40.58 -6.88 -11.74
C SER A 528 40.14 -7.06 -13.20
N HIS A 529 40.80 -7.99 -13.88
CA HIS A 529 40.54 -8.21 -15.30
C HIS A 529 39.27 -9.03 -15.51
N THR A 530 38.49 -8.60 -16.50
CA THR A 530 37.33 -9.35 -16.96
C THR A 530 37.47 -9.58 -18.46
N ALA A 531 37.23 -10.83 -18.88
CA ALA A 531 37.36 -11.22 -20.28
C ALA A 531 35.98 -11.34 -20.90
N GLY A 532 35.84 -10.83 -22.12
CA GLY A 532 34.56 -10.91 -22.82
C GLY A 532 34.61 -11.81 -24.03
N GLU A 533 33.63 -12.71 -24.15
CA GLU A 533 33.54 -13.63 -25.26
C GLU A 533 32.23 -13.39 -26.00
N VAL A 534 32.33 -13.10 -27.30
CA VAL A 534 31.18 -12.88 -28.16
C VAL A 534 31.26 -13.86 -29.32
N ARG A 535 30.20 -14.65 -29.50
CA ARG A 535 30.21 -15.67 -30.54
C ARG A 535 30.35 -15.05 -31.92
N TRP A 536 29.63 -13.95 -32.18
CA TRP A 536 29.72 -13.20 -33.42
C TRP A 536 29.48 -14.10 -34.64
N GLY A 537 28.29 -14.70 -34.69
CA GLY A 537 27.96 -15.63 -35.79
C GLY A 537 27.53 -14.89 -37.06
N GLY A 538 27.02 -15.63 -38.05
CA GLY A 538 26.63 -15.02 -39.33
C GLY A 538 27.79 -14.28 -39.97
N ALA A 539 29.03 -14.63 -39.61
CA ALA A 539 30.22 -13.93 -40.14
C ALA A 539 31.33 -14.95 -40.40
N ALA A 560 32.46 -18.79 -38.07
CA ALA A 560 32.17 -17.43 -37.64
C ALA A 560 33.35 -16.84 -36.87
N PHE A 561 33.62 -15.56 -37.12
CA PHE A 561 34.72 -14.89 -36.45
C PHE A 561 34.45 -14.76 -34.95
N LEU A 562 35.51 -14.91 -34.16
CA LEU A 562 35.42 -14.84 -32.70
C LEU A 562 36.37 -13.72 -32.24
N GLU A 563 35.82 -12.54 -32.03
CA GLU A 563 36.62 -11.40 -31.63
C GLU A 563 37.03 -11.50 -30.16
N VAL A 564 38.15 -10.86 -29.83
CA VAL A 564 38.68 -10.82 -28.48
C VAL A 564 38.87 -9.37 -28.08
N VAL A 565 38.57 -9.05 -26.83
CA VAL A 565 38.68 -7.68 -26.33
C VAL A 565 40.03 -7.49 -25.63
N LYS A 566 40.95 -8.40 -25.88
CA LYS A 566 42.31 -8.37 -25.32
C LYS A 566 42.18 -8.41 -23.79
N THR A 567 43.03 -7.70 -23.05
CA THR A 567 42.93 -7.62 -21.60
C THR A 567 42.42 -6.22 -21.25
N ARG A 568 41.13 -6.12 -20.95
CA ARG A 568 40.51 -4.85 -20.64
C ARG A 568 39.63 -5.01 -19.41
N SER A 569 39.41 -3.91 -18.70
CA SER A 569 38.56 -3.84 -17.52
C SER A 569 37.25 -3.16 -17.88
N LEU A 570 36.31 -3.18 -16.93
CA LEU A 570 35.04 -2.50 -17.13
C LEU A 570 35.28 -0.99 -17.20
N PRO A 571 34.49 -0.27 -18.00
CA PRO A 571 34.73 1.17 -18.15
C PRO A 571 34.43 1.94 -16.87
N TRP A 572 35.10 3.07 -16.71
CA TRP A 572 34.87 3.97 -15.60
C TRP A 572 33.80 4.98 -15.98
N LYS A 573 32.64 4.90 -15.34
CA LYS A 573 31.52 5.77 -15.67
C LYS A 573 31.80 7.20 -15.24
N ASP A 574 30.87 8.09 -15.59
CA ASP A 574 31.05 9.51 -15.29
C ASP A 574 30.90 9.80 -13.80
N TYR A 575 29.85 9.26 -13.17
CA TYR A 575 29.59 9.61 -11.78
C TYR A 575 30.62 9.01 -10.84
N GLU A 576 31.27 7.93 -11.24
CA GLU A 576 32.37 7.41 -10.42
C GLU A 576 33.52 8.42 -10.36
N MET A 577 33.89 8.98 -11.52
CA MET A 577 34.92 10.03 -11.53
C MET A 577 34.45 11.26 -10.78
N ASP A 578 33.17 11.60 -10.89
CA ASP A 578 32.65 12.75 -10.15
C ASP A 578 32.78 12.54 -8.65
N ALA A 579 32.41 11.35 -8.16
CA ALA A 579 32.55 11.05 -6.74
C ALA A 579 34.00 11.08 -6.31
N ILE A 580 34.90 10.54 -7.13
CA ILE A 580 36.31 10.54 -6.80
C ILE A 580 36.84 11.97 -6.67
N HIS A 581 36.46 12.83 -7.63
CA HIS A 581 36.90 14.22 -7.57
C HIS A 581 36.33 14.94 -6.36
N SER A 582 35.07 14.65 -6.00
CA SER A 582 34.49 15.27 -4.80
C SER A 582 35.25 14.84 -3.55
N LEU A 583 35.61 13.56 -3.47
CA LEU A 583 36.44 13.10 -2.35
C LEU A 583 37.77 13.82 -2.33
N GLN A 584 38.39 14.02 -3.48
CA GLN A 584 39.65 14.76 -3.54
C GLN A 584 39.47 16.18 -3.03
N LEU A 585 38.38 16.84 -3.43
CA LEU A 585 38.12 18.20 -2.97
C LEU A 585 37.96 18.25 -1.46
N ILE A 586 37.18 17.31 -0.90
CA ILE A 586 36.96 17.28 0.54
C ILE A 586 38.28 17.09 1.27
N LEU A 587 39.10 16.14 0.80
CA LEU A 587 40.38 15.88 1.46
C LEU A 587 41.30 17.08 1.36
N ARG A 588 41.32 17.75 0.21
CA ARG A 588 42.18 18.93 0.06
C ARG A 588 41.77 20.04 1.00
N ASN A 589 40.45 20.31 1.10
CA ASN A 589 39.99 21.35 2.01
C ASN A 589 40.31 21.01 3.45
N ALA A 590 40.08 19.75 3.85
CA ALA A 590 40.38 19.35 5.23
C ALA A 590 41.86 19.46 5.54
N PHE A 591 42.73 19.06 4.59
CA PHE A 591 44.16 19.19 4.80
C PHE A 591 44.57 20.65 4.89
N LYS A 592 43.99 21.51 4.05
CA LYS A 592 44.33 22.93 4.09
C LYS A 592 43.92 23.57 5.41
N ASP A 593 42.75 23.17 5.94
CA ASP A 593 42.33 23.70 7.24
C ASP A 593 43.31 23.29 8.34
N SER A 594 43.75 22.04 8.33
CA SER A 594 44.69 21.55 9.32
C SER A 594 46.11 22.00 9.01
N ASP A 747 42.59 21.19 -12.33
CA ASP A 747 41.65 20.10 -12.11
C ASP A 747 41.19 19.51 -13.44
N LYS A 748 42.11 18.87 -14.16
CA LYS A 748 41.82 18.24 -15.44
C LYS A 748 42.26 16.79 -15.41
N PHE A 749 41.37 15.89 -15.82
CA PHE A 749 41.59 14.45 -15.74
C PHE A 749 41.85 13.91 -17.13
N THR A 750 42.92 13.14 -17.28
CA THR A 750 43.23 12.48 -18.54
C THR A 750 42.69 11.05 -18.50
N ARG A 751 41.82 10.71 -19.45
CA ARG A 751 41.15 9.41 -19.49
C ARG A 751 41.65 8.66 -20.72
N ILE A 752 42.76 7.94 -20.56
CA ILE A 752 43.31 7.12 -21.66
C ILE A 752 42.70 5.74 -21.51
N GLU A 753 41.49 5.58 -22.05
CA GLU A 753 40.76 4.33 -21.92
C GLU A 753 40.37 3.69 -23.25
N GLY A 754 40.15 4.49 -24.29
CA GLY A 754 39.79 3.98 -25.60
C GLY A 754 40.94 3.80 -26.56
N ASP A 755 42.19 3.90 -26.08
CA ASP A 755 43.37 3.84 -26.94
C ASP A 755 43.31 4.92 -28.02
N TYR A 756 42.87 6.13 -27.63
CA TYR A 756 42.74 7.26 -28.53
C TYR A 756 43.55 8.44 -28.02
N LYS A 757 44.77 8.18 -27.54
CA LYS A 757 45.70 9.21 -27.04
C LYS A 757 45.02 9.91 -25.87
N ALA A 758 45.16 11.21 -25.71
CA ALA A 758 44.63 11.94 -24.56
C ALA A 758 43.31 12.61 -24.92
N ILE A 759 42.29 12.37 -24.09
CA ILE A 759 40.96 12.94 -24.27
C ILE A 759 40.63 13.74 -23.01
N ILE A 760 41.64 14.41 -22.46
CA ILE A 760 41.51 15.08 -21.17
C ILE A 760 40.24 15.92 -21.11
N GLN A 761 39.64 15.99 -19.92
CA GLN A 761 38.38 16.68 -19.72
C GLN A 761 38.32 17.14 -18.27
N ASN A 762 37.27 17.89 -17.94
CA ASN A 762 37.09 18.45 -16.60
C ASN A 762 35.84 17.87 -15.97
N PRO A 763 35.95 17.21 -14.82
CA PRO A 763 34.76 16.66 -14.15
C PRO A 763 34.06 17.73 -13.31
N ASN A 764 32.99 17.33 -12.65
CA ASN A 764 32.20 18.22 -11.82
C ASN A 764 32.09 17.66 -10.40
N PRO A 765 32.08 18.53 -9.40
CA PRO A 765 31.91 18.05 -8.02
C PRO A 765 30.50 17.54 -7.79
N LEU A 766 30.37 16.67 -6.79
CA LEU A 766 29.11 16.01 -6.45
C LEU A 766 28.71 16.29 -5.01
N ILE A 767 29.04 17.47 -4.51
CA ILE A 767 28.72 17.87 -3.14
C ILE A 767 27.26 18.30 -3.06
N PRO A 768 26.46 17.69 -2.19
CA PRO A 768 25.06 18.09 -2.07
C PRO A 768 24.92 19.34 -1.22
N PRO A 769 23.76 20.01 -1.27
CA PRO A 769 23.57 21.20 -0.42
C PRO A 769 23.68 20.84 1.06
N ILE A 770 24.27 21.74 1.83
CA ILE A 770 24.52 21.52 3.25
C ILE A 770 24.27 22.81 4.01
N PHE A 771 23.59 22.69 5.15
CA PHE A 771 23.51 23.81 6.09
C PHE A 771 23.52 23.27 7.51
N GLY A 772 24.22 23.96 8.39
CA GLY A 772 24.35 23.52 9.76
C GLY A 772 24.23 24.66 10.73
N THR A 773 23.63 24.36 11.89
CA THR A 773 23.35 25.38 12.89
C THR A 773 23.82 24.89 14.26
N ASP A 774 24.06 25.84 15.15
CA ASP A 774 24.48 25.52 16.51
C ASP A 774 23.27 25.11 17.33
N GLU A 775 23.45 24.99 18.66
CA GLU A 775 22.38 24.48 19.51
C GLU A 775 21.22 25.46 19.60
N PHE A 776 21.52 26.76 19.73
CA PHE A 776 20.45 27.75 19.90
C PHE A 776 19.60 27.87 18.65
N GLY A 777 20.23 27.89 17.47
CA GLY A 777 19.47 27.99 16.24
C GLY A 777 20.06 28.97 15.24
N TRP A 778 21.20 29.56 15.56
CA TRP A 778 21.85 30.48 14.64
C TRP A 778 22.57 29.71 13.54
N CYS A 779 22.50 30.23 12.32
CA CYS A 779 23.16 29.58 11.19
C CYS A 779 24.68 29.66 11.33
N THR A 780 25.36 28.58 10.95
CA THR A 780 26.81 28.55 10.96
C THR A 780 27.43 27.97 9.71
N GLU A 781 26.71 27.17 8.93
CA GLU A 781 27.25 26.58 7.71
C GLU A 781 26.34 26.91 6.54
N TRP A 782 26.96 27.31 5.42
CA TRP A 782 26.23 27.59 4.19
C TRP A 782 27.22 27.40 3.05
N ASN A 783 27.18 26.25 2.39
CA ASN A 783 28.15 25.92 1.36
C ASN A 783 27.68 26.43 0.00
N PRO A 784 28.60 26.60 -0.95
CA PRO A 784 28.23 27.22 -2.24
C PRO A 784 27.13 26.48 -2.99
N ALA A 785 26.99 25.18 -2.82
CA ALA A 785 25.91 24.46 -3.50
C ALA A 785 24.55 24.99 -3.07
N MET A 786 24.37 25.22 -1.77
CA MET A 786 23.14 25.84 -1.31
C MET A 786 22.99 27.27 -1.82
N SER A 787 24.12 27.99 -1.93
CA SER A 787 24.08 29.35 -2.45
C SER A 787 23.54 29.36 -3.88
N LYS A 788 23.93 28.38 -4.69
CA LYS A 788 23.41 28.29 -6.05
C LYS A 788 21.96 27.81 -6.07
N LEU A 789 21.64 26.81 -5.24
CA LEU A 789 20.29 26.24 -5.26
C LEU A 789 19.24 27.25 -4.83
N THR A 790 19.55 28.06 -3.81
CA THR A 790 18.60 29.04 -3.31
C THR A 790 18.76 30.40 -3.96
N GLY A 791 20.00 30.78 -4.29
CA GLY A 791 20.28 32.10 -4.79
C GLY A 791 20.67 33.11 -3.72
N LEU A 792 20.85 32.66 -2.49
CA LEU A 792 21.15 33.54 -1.37
C LEU A 792 22.63 33.47 -1.04
N LYS A 793 23.27 34.63 -0.97
CA LYS A 793 24.68 34.68 -0.59
C LYS A 793 24.85 34.27 0.87
N ARG A 794 25.94 33.56 1.15
CA ARG A 794 26.20 33.08 2.50
C ARG A 794 26.36 34.24 3.47
N GLU A 795 27.05 35.30 3.05
CA GLU A 795 27.24 36.46 3.92
C GLU A 795 25.91 37.13 4.26
N GLU A 796 24.93 37.00 3.37
CA GLU A 796 23.63 37.63 3.60
C GLU A 796 22.84 36.89 4.67
N VAL A 797 23.06 35.58 4.81
CA VAL A 797 22.16 34.77 5.62
C VAL A 797 22.76 34.41 6.97
N ILE A 798 24.10 34.32 7.06
CA ILE A 798 24.73 33.85 8.30
C ILE A 798 24.36 34.76 9.47
N ASP A 799 24.45 34.19 10.67
CA ASP A 799 24.07 34.87 11.92
C ASP A 799 22.61 35.31 11.90
N LYS A 800 21.74 34.41 11.46
CA LYS A 800 20.30 34.60 11.53
C LYS A 800 19.67 33.31 12.04
N MET A 801 18.66 33.45 12.89
CA MET A 801 18.01 32.28 13.46
C MET A 801 17.35 31.45 12.36
N LEU A 802 17.58 30.13 12.40
CA LEU A 802 17.11 29.26 11.34
C LEU A 802 15.59 29.21 11.28
N LEU A 803 14.94 29.17 12.43
CA LEU A 803 13.48 29.09 12.51
C LEU A 803 12.94 30.50 12.72
N GLY A 804 12.41 31.09 11.65
CA GLY A 804 11.79 32.40 11.76
C GLY A 804 12.35 33.44 10.80
N GLU A 805 13.65 33.36 10.51
CA GLU A 805 14.29 34.33 9.63
C GLU A 805 14.72 33.73 8.30
N VAL A 806 15.53 32.67 8.31
CA VAL A 806 15.92 32.03 7.06
C VAL A 806 14.76 31.24 6.49
N PHE A 807 14.10 30.44 7.31
CA PHE A 807 12.93 29.67 6.91
C PHE A 807 11.73 30.16 7.72
N GLY A 808 10.81 30.84 7.05
CA GLY A 808 9.64 31.36 7.75
C GLY A 808 8.55 31.72 6.76
N THR A 809 7.30 31.64 7.23
CA THR A 809 6.16 31.92 6.35
C THR A 809 6.13 33.39 5.96
N GLN A 810 6.22 34.29 6.95
CA GLN A 810 6.12 35.72 6.72
C GLN A 810 7.41 36.40 7.17
N LYS A 811 7.88 37.35 6.36
CA LYS A 811 9.09 38.13 6.66
C LYS A 811 10.29 37.18 6.83
N SER A 812 10.63 36.52 5.73
CA SER A 812 11.73 35.57 5.73
C SER A 812 12.31 35.49 4.32
N CYS A 813 13.58 35.11 4.24
CA CYS A 813 14.24 35.01 2.94
C CYS A 813 13.66 33.87 2.12
N CYS A 814 13.55 32.68 2.70
CA CYS A 814 12.94 31.53 2.04
C CYS A 814 11.57 31.28 2.66
N ARG A 815 10.53 31.36 1.84
CA ARG A 815 9.16 31.34 2.32
C ARG A 815 8.62 29.90 2.31
N LEU A 816 8.34 29.37 3.48
CA LEU A 816 7.64 28.10 3.58
C LEU A 816 6.18 28.27 3.17
N LYS A 817 5.59 27.19 2.67
CA LYS A 817 4.25 27.30 2.09
C LYS A 817 3.19 27.52 3.17
N ASN A 818 3.22 26.74 4.24
CA ASN A 818 2.14 26.75 5.22
C ASN A 818 2.72 26.82 6.63
N GLN A 819 1.81 26.85 7.61
CA GLN A 819 2.22 26.71 9.00
C GLN A 819 2.56 25.27 9.33
N GLU A 820 1.96 24.32 8.60
CA GLU A 820 2.28 22.91 8.80
C GLU A 820 3.74 22.62 8.49
N ALA A 821 4.29 23.28 7.46
CA ALA A 821 5.71 23.10 7.16
C ALA A 821 6.58 23.61 8.30
N PHE A 822 6.22 24.75 8.89
CA PHE A 822 6.98 25.28 10.02
C PHE A 822 6.93 24.31 11.20
N VAL A 823 5.74 23.80 11.54
CA VAL A 823 5.61 22.87 12.65
C VAL A 823 6.43 21.61 12.38
N ASN A 824 6.36 21.10 11.15
CA ASN A 824 7.08 19.87 10.82
C ASN A 824 8.59 20.08 10.88
N LEU A 825 9.07 21.24 10.42
CA LEU A 825 10.49 21.53 10.52
C LEU A 825 10.94 21.60 11.97
N GLY A 826 10.15 22.25 12.83
CA GLY A 826 10.49 22.29 14.25
C GLY A 826 10.54 20.91 14.87
N ILE A 827 9.54 20.08 14.56
CA ILE A 827 9.50 18.72 15.09
C ILE A 827 10.71 17.92 14.61
N VAL A 828 11.06 18.07 13.33
CA VAL A 828 12.18 17.32 12.77
C VAL A 828 13.48 17.72 13.47
N LEU A 829 13.70 19.03 13.65
CA LEU A 829 14.92 19.47 14.32
C LEU A 829 14.99 18.97 15.76
N ASN A 830 13.87 19.07 16.49
CA ASN A 830 13.87 18.62 17.88
C ASN A 830 14.11 17.12 17.99
N ASN A 831 13.50 16.33 17.09
CA ASN A 831 13.73 14.89 17.11
C ASN A 831 15.16 14.55 16.73
N ALA A 832 15.73 15.26 15.76
CA ALA A 832 17.08 14.96 15.32
C ALA A 832 18.12 15.36 16.36
N VAL A 833 17.81 16.33 17.22
CA VAL A 833 18.74 16.65 18.30
C VAL A 833 18.97 15.44 19.19
N THR A 834 17.90 14.70 19.50
CA THR A 834 18.01 13.53 20.36
C THR A 834 18.64 12.34 19.65
N SER A 835 18.25 12.07 18.41
CA SER A 835 18.62 10.83 17.73
C SER A 835 19.82 11.05 16.80
N GLN A 836 20.80 10.16 16.89
CA GLN A 836 22.00 10.27 16.06
C GLN A 836 21.71 9.91 14.60
N ASP A 837 20.86 8.91 14.37
CA ASP A 837 20.61 8.44 13.02
C ASP A 837 19.91 9.53 12.20
N PRO A 838 20.17 9.65 10.87
CA PRO A 838 19.59 10.70 10.03
C PRO A 838 18.23 10.31 9.43
N GLU A 839 17.14 10.87 9.96
CA GLU A 839 15.81 10.60 9.46
C GLU A 839 15.60 11.33 8.14
N LYS A 840 14.94 10.65 7.21
CA LYS A 840 14.63 11.18 5.89
C LYS A 840 13.20 11.71 5.91
N VAL A 841 13.03 13.01 5.69
CA VAL A 841 11.70 13.61 5.68
C VAL A 841 11.55 14.41 4.39
N SER A 842 10.32 14.80 4.08
CA SER A 842 10.03 15.59 2.90
C SER A 842 10.16 17.07 3.24
N PHE A 843 10.63 17.87 2.28
CA PHE A 843 10.81 19.29 2.48
C PHE A 843 10.42 20.04 1.22
N ALA A 844 9.88 21.24 1.40
CA ALA A 844 9.40 22.03 0.27
C ALA A 844 9.47 23.50 0.64
N PHE A 845 10.23 24.28 -0.11
CA PHE A 845 10.37 25.70 0.17
C PHE A 845 10.50 26.49 -1.11
N PHE A 846 10.09 27.75 -1.06
CA PHE A 846 10.25 28.66 -2.19
C PHE A 846 11.64 29.29 -2.17
N THR A 847 12.21 29.47 -3.35
CA THR A 847 13.52 30.11 -3.47
C THR A 847 13.37 31.61 -3.31
N ARG A 848 14.43 32.36 -3.62
CA ARG A 848 14.34 33.82 -3.55
C ARG A 848 13.30 34.34 -4.54
N GLY A 849 13.38 33.93 -5.79
CA GLY A 849 12.37 34.32 -6.76
C GLY A 849 11.46 33.20 -7.21
N GLY A 850 10.26 33.15 -6.66
CA GLY A 850 9.14 32.35 -7.15
C GLY A 850 9.42 30.96 -7.70
N LYS A 851 10.29 30.19 -7.06
CA LYS A 851 10.57 28.82 -7.49
C LYS A 851 10.36 27.86 -6.32
N TYR A 852 9.62 26.79 -6.57
CA TYR A 852 9.15 25.88 -5.53
C TYR A 852 10.04 24.64 -5.51
N VAL A 853 11.12 24.68 -4.75
CA VAL A 853 12.04 23.56 -4.62
C VAL A 853 11.44 22.53 -3.68
N GLU A 854 11.38 21.28 -4.12
CA GLU A 854 10.81 20.18 -3.35
C GLU A 854 11.85 19.07 -3.26
N CYS A 855 12.39 18.85 -2.07
CA CYS A 855 13.50 17.94 -1.87
C CYS A 855 13.25 17.04 -0.66
N LEU A 856 14.29 16.29 -0.27
CA LEU A 856 14.19 15.30 0.78
C LEU A 856 15.27 15.60 1.82
N LEU A 857 14.84 16.18 2.95
CA LEU A 857 15.75 16.63 3.99
C LEU A 857 16.28 15.48 4.83
N CYS A 858 17.54 15.59 5.24
CA CYS A 858 18.18 14.64 6.15
C CYS A 858 18.97 15.41 7.20
N VAL A 859 18.67 15.18 8.47
CA VAL A 859 19.26 15.90 9.58
C VAL A 859 20.07 14.92 10.43
N SER A 860 21.23 15.36 10.91
CA SER A 860 22.08 14.55 11.76
C SER A 860 22.65 15.39 12.89
N LYS A 861 23.07 14.69 13.95
CA LYS A 861 23.65 15.36 15.10
C LYS A 861 25.07 15.84 14.78
N LYS A 862 25.61 16.65 15.69
CA LYS A 862 26.93 17.24 15.49
C LYS A 862 27.80 17.05 16.73
N LEU A 863 27.85 15.83 17.25
CA LEU A 863 28.68 15.55 18.42
C LEU A 863 30.14 15.86 18.12
N ASP A 864 30.78 16.61 19.03
CA ASP A 864 32.17 16.99 18.85
C ASP A 864 33.08 15.87 19.34
N ARG A 865 34.38 16.16 19.44
CA ARG A 865 35.35 15.14 19.84
C ARG A 865 35.09 14.64 21.26
N GLU A 866 34.81 15.58 22.19
CA GLU A 866 34.60 15.18 23.57
C GLU A 866 33.26 14.47 23.77
N GLY A 867 32.25 14.87 23.01
CA GLY A 867 30.95 14.25 23.13
C GLY A 867 29.86 15.17 23.62
N VAL A 868 29.98 16.46 23.31
CA VAL A 868 29.01 17.48 23.69
C VAL A 868 28.27 17.93 22.43
N VAL A 869 26.94 17.91 22.49
CA VAL A 869 26.13 18.30 21.34
C VAL A 869 26.33 19.79 21.08
N THR A 870 26.66 20.12 19.84
CA THR A 870 26.89 21.51 19.42
C THR A 870 25.75 22.06 18.58
N GLY A 871 25.10 21.22 17.78
CA GLY A 871 24.00 21.68 16.97
C GLY A 871 23.48 20.58 16.08
N VAL A 872 23.06 20.97 14.87
CA VAL A 872 22.59 20.03 13.88
C VAL A 872 23.24 20.31 12.53
N PHE A 873 23.30 19.27 11.71
CA PHE A 873 23.95 19.30 10.40
C PHE A 873 22.98 18.69 9.41
N CYS A 874 22.49 19.46 8.45
CA CYS A 874 21.42 19.04 7.56
C CYS A 874 21.89 19.09 6.12
N PHE A 875 21.39 18.15 5.32
CA PHE A 875 21.65 18.18 3.88
C PHE A 875 20.41 17.72 3.14
N LEU A 876 20.19 18.31 1.97
CA LEU A 876 19.06 17.95 1.12
C LEU A 876 19.49 16.90 0.11
N GLN A 877 18.49 16.29 -0.54
CA GLN A 877 18.72 15.28 -1.57
C GLN A 877 17.67 15.49 -2.65
N LEU A 878 18.03 16.27 -3.67
CA LEU A 878 17.11 16.51 -4.78
C LEU A 878 16.78 15.21 -5.48
N ALA A 879 15.49 14.97 -5.70
CA ALA A 879 15.04 13.71 -6.27
C ALA A 879 13.83 13.94 -7.15
N SER A 880 13.72 13.14 -8.21
CA SER A 880 12.56 13.19 -9.08
C SER A 880 11.34 12.60 -8.38
N HIS A 881 10.15 13.01 -8.86
CA HIS A 881 8.92 12.66 -8.16
C HIS A 881 8.67 11.16 -8.14
N GLU A 882 8.99 10.47 -9.23
CA GLU A 882 8.75 9.03 -9.29
C GLU A 882 9.53 8.29 -8.21
N LEU A 883 10.76 8.73 -7.94
CA LEU A 883 11.56 8.10 -6.90
C LEU A 883 10.92 8.29 -5.53
N GLN A 884 10.40 9.49 -5.25
CA GLN A 884 9.76 9.75 -3.97
C GLN A 884 8.50 8.90 -3.80
N GLN A 885 7.69 8.79 -4.86
CA GLN A 885 6.51 7.95 -4.78
C GLN A 885 6.87 6.48 -4.58
N ALA A 886 7.93 6.00 -5.25
CA ALA A 886 8.38 4.64 -5.05
C ALA A 886 8.81 4.41 -3.60
N LEU A 887 9.53 5.37 -3.02
CA LEU A 887 9.93 5.26 -1.63
C LEU A 887 8.71 5.19 -0.70
N HIS A 888 7.71 6.04 -0.97
CA HIS A 888 6.49 6.01 -0.16
C HIS A 888 5.81 4.65 -0.24
N VAL A 889 5.70 4.10 -1.45
CA VAL A 889 5.06 2.81 -1.64
C VAL A 889 5.84 1.72 -0.90
N GLN A 890 7.17 1.77 -0.97
CA GLN A 890 7.99 0.80 -0.26
C GLN A 890 7.79 0.88 1.25
N ARG A 891 7.69 2.10 1.78
CA ARG A 891 7.44 2.26 3.21
C ARG A 891 6.10 1.65 3.60
N LEU A 892 5.05 1.92 2.82
CA LEU A 892 3.74 1.34 3.12
C LEU A 892 3.80 -0.18 3.07
N ALA A 893 4.48 -0.74 2.06
CA ALA A 893 4.56 -2.18 1.91
C ALA A 893 5.28 -2.82 3.09
N GLU A 894 6.39 -2.22 3.53
CA GLU A 894 7.12 -2.79 4.65
C GLU A 894 6.32 -2.72 5.95
N ARG A 895 5.58 -1.62 6.16
CA ARG A 895 4.72 -1.54 7.34
C ARG A 895 3.66 -2.62 7.32
N THR A 896 3.01 -2.82 6.18
CA THR A 896 1.99 -3.87 6.09
C THR A 896 2.60 -5.25 6.34
N ALA A 897 3.79 -5.49 5.78
CA ALA A 897 4.44 -6.79 5.95
C ALA A 897 4.77 -7.05 7.42
N VAL A 898 5.29 -6.04 8.12
CA VAL A 898 5.65 -6.27 9.52
C VAL A 898 4.40 -6.48 10.37
N LYS A 899 3.31 -5.76 10.05
CA LYS A 899 2.05 -6.00 10.77
C LYS A 899 1.57 -7.44 10.57
N ARG A 900 1.60 -7.92 9.33
CA ARG A 900 1.15 -9.28 9.06
C ARG A 900 2.04 -10.30 9.76
N LEU A 901 3.34 -10.07 9.77
CA LEU A 901 4.25 -11.00 10.45
C LEU A 901 3.97 -11.05 11.95
N LYS A 902 3.73 -9.90 12.57
CA LYS A 902 3.41 -9.89 13.99
C LYS A 902 2.12 -10.63 14.27
N ALA A 903 1.10 -10.43 13.43
CA ALA A 903 -0.15 -11.15 13.62
C ALA A 903 0.05 -12.66 13.51
N LEU A 904 0.83 -13.09 12.52
CA LEU A 904 1.08 -14.52 12.33
C LEU A 904 1.81 -15.11 13.53
N ALA A 905 2.80 -14.38 14.06
CA ALA A 905 3.52 -14.87 15.24
C ALA A 905 2.59 -14.98 16.44
N TYR A 906 1.72 -13.98 16.64
CA TYR A 906 0.74 -14.05 17.72
C TYR A 906 -0.13 -15.30 17.59
N ILE A 907 -0.66 -15.55 16.39
CA ILE A 907 -1.51 -16.72 16.18
C ILE A 907 -0.73 -18.00 16.45
N LYS A 908 0.52 -18.07 15.99
CA LYS A 908 1.32 -19.26 16.21
C LYS A 908 1.53 -19.54 17.68
N ARG A 909 1.82 -18.50 18.47
CA ARG A 909 1.97 -18.69 19.92
C ARG A 909 0.67 -19.16 20.57
N GLN A 910 -0.44 -18.52 20.21
CA GLN A 910 -1.71 -18.88 20.82
C GLN A 910 -2.19 -20.26 20.40
N ILE A 911 -1.68 -20.80 19.30
CA ILE A 911 -1.96 -22.19 18.96
C ILE A 911 -0.96 -23.14 19.63
N ARG A 912 0.28 -22.69 19.83
CA ARG A 912 1.28 -23.52 20.49
C ARG A 912 0.90 -23.82 21.93
N ASN A 913 0.27 -22.87 22.62
CA ASN A 913 -0.07 -23.10 24.02
C ASN A 913 -1.00 -24.31 24.22
N PRO A 914 -2.21 -24.36 23.65
CA PRO A 914 -3.06 -25.54 23.86
C PRO A 914 -2.45 -26.81 23.27
N LEU A 915 -1.54 -26.68 22.30
CA LEU A 915 -0.80 -27.83 21.82
C LEU A 915 0.00 -28.46 22.94
N SER A 916 0.78 -27.66 23.68
CA SER A 916 1.48 -28.18 24.84
C SER A 916 0.51 -28.73 25.88
N GLY A 917 -0.63 -28.07 26.05
CA GLY A 917 -1.62 -28.56 26.99
C GLY A 917 -2.08 -29.97 26.66
N ILE A 918 -2.40 -30.21 25.39
CA ILE A 918 -2.88 -31.54 25.00
C ILE A 918 -1.75 -32.56 25.03
N MET A 919 -0.51 -32.16 24.73
CA MET A 919 0.61 -33.07 24.91
C MET A 919 0.70 -33.54 26.36
N PHE A 920 0.63 -32.62 27.31
CA PHE A 920 0.74 -32.99 28.72
C PHE A 920 -0.44 -33.85 29.14
N THR A 921 -1.65 -33.53 28.65
CA THR A 921 -2.81 -34.34 29.00
C THR A 921 -2.69 -35.76 28.45
N ARG A 922 -2.17 -35.91 27.23
CA ARG A 922 -1.94 -37.24 26.68
C ARG A 922 -0.91 -38.00 27.51
N LYS A 923 0.15 -37.31 27.95
CA LYS A 923 1.12 -37.95 28.83
C LYS A 923 0.45 -38.44 30.11
N MET A 924 -0.40 -37.60 30.71
CA MET A 924 -1.09 -37.99 31.94
C MET A 924 -1.98 -39.21 31.70
N ILE A 925 -2.72 -39.22 30.59
CA ILE A 925 -3.57 -40.36 30.28
C ILE A 925 -2.75 -41.62 30.10
N GLU A 926 -1.64 -41.53 29.37
CA GLU A 926 -0.75 -42.67 29.23
C GLU A 926 -0.16 -43.10 30.56
N GLY A 927 -0.12 -42.20 31.55
CA GLY A 927 0.35 -42.59 32.87
C GLY A 927 -0.48 -43.70 33.49
N THR A 928 -1.80 -43.64 33.32
CA THR A 928 -2.66 -44.68 33.85
C THR A 928 -2.61 -45.92 32.96
N GLU A 929 -2.67 -47.09 33.59
CA GLU A 929 -2.66 -48.34 32.85
C GLU A 929 -3.93 -48.48 32.02
N LEU A 930 -3.76 -48.94 30.78
CA LEU A 930 -4.88 -49.08 29.85
C LEU A 930 -4.65 -50.31 28.99
N GLY A 931 -5.64 -50.63 28.16
CA GLY A 931 -5.58 -51.78 27.29
C GLY A 931 -4.50 -51.68 26.24
N PRO A 932 -3.97 -52.84 25.81
CA PRO A 932 -2.99 -52.81 24.70
C PRO A 932 -3.54 -52.20 23.42
N GLU A 933 -4.81 -52.46 23.12
CA GLU A 933 -5.46 -51.74 22.03
C GLU A 933 -5.57 -50.26 22.35
N GLN A 934 -5.90 -49.93 23.60
CA GLN A 934 -5.87 -48.54 24.03
C GLN A 934 -4.48 -47.96 23.90
N ARG A 935 -3.45 -48.75 24.20
CA ARG A 935 -2.08 -48.29 24.04
C ARG A 935 -1.77 -47.98 22.57
N ARG A 936 -2.24 -48.84 21.65
CA ARG A 936 -2.02 -48.59 20.24
C ARG A 936 -2.75 -47.33 19.78
N ILE A 937 -3.98 -47.13 20.25
CA ILE A 937 -4.73 -45.92 19.90
C ILE A 937 -4.00 -44.68 20.43
N LEU A 938 -3.50 -44.76 21.67
CA LEU A 938 -2.74 -43.66 22.24
C LEU A 938 -1.48 -43.38 21.45
N GLN A 939 -0.80 -44.43 20.99
CA GLN A 939 0.41 -44.25 20.18
C GLN A 939 0.08 -43.59 18.85
N THR A 940 -1.02 -43.99 18.22
CA THR A 940 -1.45 -43.34 16.99
C THR A 940 -1.74 -41.86 17.23
N SER A 941 -2.44 -41.55 18.33
CA SER A 941 -2.66 -40.16 18.70
C SER A 941 -1.34 -39.44 18.92
N ALA A 942 -0.35 -40.14 19.50
CA ALA A 942 0.96 -39.52 19.73
C ALA A 942 1.63 -39.17 18.41
N LEU A 943 1.56 -40.07 17.43
CA LEU A 943 2.09 -39.75 16.10
C LEU A 943 1.36 -38.56 15.50
N CYS A 944 0.04 -38.51 15.67
CA CYS A 944 -0.72 -37.36 15.17
C CYS A 944 -0.25 -36.06 15.81
N GLN A 945 -0.03 -36.07 17.13
CA GLN A 945 0.43 -34.86 17.81
C GLN A 945 1.84 -34.48 17.36
N LYS A 946 2.72 -35.46 17.17
CA LYS A 946 4.05 -35.13 16.64
C LYS A 946 3.95 -34.51 15.25
N GLN A 947 3.06 -35.02 14.40
CA GLN A 947 2.86 -34.41 13.09
C GLN A 947 2.36 -32.98 13.22
N LEU A 948 1.42 -32.75 14.15
CA LEU A 948 0.89 -31.41 14.36
C LEU A 948 1.97 -30.45 14.85
N SER A 949 2.79 -30.90 15.80
CA SER A 949 3.89 -30.06 16.29
C SER A 949 4.88 -29.77 15.18
N LYS A 950 5.17 -30.77 14.33
CA LYS A 950 6.11 -30.55 13.23
C LYS A 950 5.57 -29.54 12.23
N ILE A 951 4.30 -29.66 11.84
CA ILE A 951 3.75 -28.73 10.86
C ILE A 951 3.64 -27.34 11.45
N LEU A 952 3.34 -27.23 12.75
CA LEU A 952 3.32 -25.91 13.39
C LEU A 952 4.73 -25.35 13.54
N ASP A 953 5.75 -26.21 13.56
CA ASP A 953 7.13 -25.74 13.70
C ASP A 953 7.63 -25.03 12.47
N ASP A 954 7.06 -25.29 11.30
CA ASP A 954 7.51 -24.66 10.07
C ASP A 954 7.30 -23.15 10.14
N SER A 955 8.34 -22.39 9.76
CA SER A 955 8.23 -20.93 9.75
C SER A 955 7.23 -20.47 8.70
N ASP A 956 7.39 -20.95 7.46
CA ASP A 956 6.48 -20.60 6.38
C ASP A 956 6.67 -21.59 5.25
N LEU A 957 5.69 -21.61 4.34
CA LEU A 957 5.77 -22.47 3.16
C LEU A 957 6.66 -21.89 2.08
N GLU A 958 7.05 -20.61 2.19
CA GLU A 958 7.89 -20.00 1.17
C GLU A 958 9.27 -20.66 1.12
N SER A 959 9.79 -21.07 2.28
CA SER A 959 11.05 -21.80 2.30
C SER A 959 10.91 -23.15 1.59
N ILE A 960 9.77 -23.82 1.76
CA ILE A 960 9.53 -25.07 1.05
C ILE A 960 9.46 -24.82 -0.45
N ILE A 961 8.77 -23.75 -0.85
CA ILE A 961 8.63 -23.44 -2.28
C ILE A 961 10.00 -23.13 -2.88
N GLU A 962 10.85 -22.41 -2.13
CA GLU A 962 12.17 -22.07 -2.64
C GLU A 962 13.00 -23.33 -2.91
N GLY A 963 12.93 -24.30 -2.01
CA GLY A 963 13.67 -25.54 -2.19
C GLY A 963 14.60 -25.88 -1.05
N CYS A 964 14.90 -24.89 -0.21
CA CYS A 964 15.78 -25.08 0.93
C CYS A 964 15.02 -25.82 2.03
N LEU A 965 15.36 -27.09 2.24
CA LEU A 965 14.68 -27.91 3.23
C LEU A 965 15.64 -28.99 3.73
N ASP A 966 15.31 -29.54 4.91
CA ASP A 966 16.04 -30.65 5.49
C ASP A 966 15.05 -31.71 5.94
N LEU A 967 15.34 -32.96 5.64
CA LEU A 967 14.49 -34.08 6.01
C LEU A 967 15.23 -34.96 7.03
N GLU A 968 14.57 -35.22 8.16
CA GLU A 968 15.20 -35.95 9.24
C GLU A 968 15.41 -37.42 8.85
N MET A 969 16.41 -38.05 9.47
CA MET A 969 16.75 -39.43 9.23
C MET A 969 16.42 -40.24 10.49
N LYS A 970 15.40 -41.08 10.41
CA LYS A 970 14.93 -41.84 11.56
C LYS A 970 14.37 -43.18 11.09
N GLU A 971 14.29 -44.11 12.03
CA GLU A 971 13.73 -45.43 11.79
C GLU A 971 12.21 -45.39 11.95
N PHE A 972 11.50 -46.15 11.12
CA PHE A 972 10.05 -46.21 11.23
C PHE A 972 9.55 -47.47 10.54
N THR A 973 8.26 -47.74 10.70
CA THR A 973 7.57 -48.85 10.06
C THR A 973 6.25 -48.34 9.48
N LEU A 974 5.71 -49.08 8.52
CA LEU A 974 4.54 -48.61 7.79
C LEU A 974 3.25 -48.70 8.60
N ASN A 975 3.21 -49.53 9.64
CA ASN A 975 2.00 -49.67 10.43
C ASN A 975 1.63 -48.36 11.10
N GLU A 976 2.61 -47.67 11.68
CA GLU A 976 2.34 -46.40 12.33
C GLU A 976 1.81 -45.37 11.35
N VAL A 977 2.44 -45.29 10.17
CA VAL A 977 2.00 -44.32 9.16
C VAL A 977 0.58 -44.62 8.71
N LEU A 978 0.30 -45.88 8.40
CA LEU A 978 -1.02 -46.25 7.90
C LEU A 978 -2.09 -46.03 8.96
N THR A 979 -1.81 -46.41 10.21
CA THR A 979 -2.78 -46.23 11.27
C THR A 979 -3.04 -44.75 11.53
N ALA A 980 -1.98 -43.93 11.53
CA ALA A 980 -2.16 -42.49 11.72
C ALA A 980 -3.01 -41.89 10.61
N SER A 981 -2.73 -42.26 9.35
CA SER A 981 -3.51 -41.72 8.24
C SER A 981 -4.96 -42.16 8.32
N THR A 982 -5.20 -43.44 8.60
CA THR A 982 -6.57 -43.94 8.68
C THR A 982 -7.34 -43.26 9.81
N SER A 983 -6.70 -43.08 10.97
CA SER A 983 -7.34 -42.36 12.06
C SER A 983 -7.62 -40.91 11.69
N GLN A 984 -6.71 -40.30 10.93
CA GLN A 984 -6.92 -38.92 10.50
C GLN A 984 -8.11 -38.78 9.57
N VAL A 985 -8.32 -39.77 8.69
CA VAL A 985 -9.22 -39.59 7.56
C VAL A 985 -10.57 -40.28 7.73
N MET A 986 -10.66 -41.37 8.49
CA MET A 986 -11.83 -42.23 8.37
C MET A 986 -13.08 -41.58 8.94
N MET A 987 -12.95 -40.59 9.82
CA MET A 987 -14.14 -39.88 10.29
C MET A 987 -14.82 -39.14 9.15
N LYS A 988 -14.03 -38.38 8.38
CA LYS A 988 -14.56 -37.73 7.19
C LYS A 988 -15.00 -38.73 6.14
N SER A 989 -14.28 -39.86 6.04
CA SER A 989 -14.68 -40.91 5.10
C SER A 989 -16.06 -41.47 5.44
N ASN A 990 -16.31 -41.72 6.72
CA ASN A 990 -17.61 -42.23 7.15
C ASN A 990 -18.67 -41.13 7.13
N GLY A 991 -18.24 -39.87 7.11
CA GLY A 991 -19.20 -38.79 6.89
C GLY A 991 -19.90 -38.93 5.56
N LYS A 992 -19.16 -39.33 4.52
CA LYS A 992 -19.74 -39.65 3.22
C LYS A 992 -20.01 -41.14 3.06
N SER A 993 -19.78 -41.94 4.10
CA SER A 993 -19.95 -43.40 4.06
C SER A 993 -19.07 -44.02 2.98
N VAL A 994 -17.76 -43.89 3.17
CA VAL A 994 -16.76 -44.39 2.24
C VAL A 994 -16.03 -45.55 2.91
N ARG A 995 -15.92 -46.68 2.20
CA ARG A 995 -15.23 -47.85 2.71
C ARG A 995 -13.75 -47.78 2.38
N ILE A 996 -12.92 -48.15 3.36
CA ILE A 996 -11.47 -48.12 3.25
C ILE A 996 -10.93 -49.52 3.49
N THR A 997 -10.08 -49.99 2.59
CA THR A 997 -9.47 -51.30 2.70
C THR A 997 -7.96 -51.21 2.51
N ASN A 998 -7.25 -52.11 3.17
CA ASN A 998 -5.80 -52.20 3.09
C ASN A 998 -5.40 -53.57 2.56
N GLU A 999 -4.54 -53.59 1.54
CA GLU A 999 -4.10 -54.83 0.92
C GLU A 999 -2.60 -55.02 0.99
N THR A 1000 -1.91 -54.27 1.86
CA THR A 1000 -0.48 -54.42 2.01
C THR A 1000 -0.15 -55.75 2.67
N GLY A 1001 0.86 -56.44 2.13
CA GLY A 1001 1.26 -57.72 2.68
C GLY A 1001 1.99 -57.58 4.00
N GLU A 1002 1.92 -58.64 4.81
CA GLU A 1002 2.58 -58.62 6.11
C GLU A 1002 4.09 -58.70 5.98
N GLU A 1003 4.59 -59.32 4.91
CA GLU A 1003 6.03 -59.37 4.70
C GLU A 1003 6.60 -57.97 4.44
N VAL A 1004 5.89 -57.17 3.64
CA VAL A 1004 6.30 -55.78 3.44
C VAL A 1004 6.16 -55.01 4.74
N MET A 1005 5.15 -55.35 5.55
CA MET A 1005 4.97 -54.70 6.84
C MET A 1005 6.18 -54.93 7.75
N SER A 1006 6.57 -56.20 7.93
CA SER A 1006 7.64 -56.52 8.86
C SER A 1006 8.95 -55.83 8.52
N ASP A 1007 9.16 -55.47 7.26
CA ASP A 1007 10.36 -54.74 6.88
C ASP A 1007 10.34 -53.32 7.44
N THR A 1008 11.50 -52.87 7.92
CA THR A 1008 11.65 -51.57 8.55
C THR A 1008 12.25 -50.58 7.57
N LEU A 1009 11.72 -49.34 7.58
CA LEU A 1009 12.16 -48.31 6.66
C LEU A 1009 12.87 -47.20 7.42
N TYR A 1010 13.66 -46.43 6.68
CA TYR A 1010 14.46 -45.35 7.24
C TYR A 1010 14.28 -44.09 6.41
N GLY A 1011 14.18 -42.95 7.07
CA GLY A 1011 13.96 -41.69 6.40
C GLY A 1011 13.19 -40.74 7.30
N ASP A 1012 12.47 -39.82 6.66
CA ASP A 1012 11.63 -38.84 7.35
C ASP A 1012 10.20 -39.37 7.34
N SER A 1013 9.74 -39.86 8.50
CA SER A 1013 8.42 -40.48 8.56
C SER A 1013 7.31 -39.43 8.58
N ILE A 1014 7.51 -38.30 9.26
CA ILE A 1014 6.44 -37.32 9.45
C ILE A 1014 5.99 -36.78 8.10
N ARG A 1015 6.93 -36.44 7.23
CA ARG A 1015 6.59 -35.93 5.91
C ARG A 1015 5.79 -36.96 5.13
N LEU A 1016 6.20 -38.23 5.21
CA LEU A 1016 5.49 -39.30 4.50
C LEU A 1016 4.06 -39.43 5.02
N GLN A 1017 3.87 -39.45 6.34
CA GLN A 1017 2.52 -39.58 6.87
C GLN A 1017 1.65 -38.41 6.44
N GLN A 1018 2.15 -37.18 6.56
CA GLN A 1018 1.31 -36.03 6.21
C GLN A 1018 0.98 -36.03 4.72
N VAL A 1019 1.97 -36.32 3.88
CA VAL A 1019 1.74 -36.28 2.43
C VAL A 1019 0.75 -37.35 2.01
N LEU A 1020 0.96 -38.59 2.47
CA LEU A 1020 0.06 -39.67 2.09
C LEU A 1020 -1.33 -39.44 2.64
N ALA A 1021 -1.44 -38.92 3.87
CA ALA A 1021 -2.74 -38.63 4.45
C ALA A 1021 -3.48 -37.58 3.64
N ASP A 1022 -2.78 -36.51 3.24
CA ASP A 1022 -3.42 -35.48 2.43
C ASP A 1022 -3.88 -36.04 1.08
N PHE A 1023 -3.02 -36.82 0.43
CA PHE A 1023 -3.39 -37.38 -0.88
C PHE A 1023 -4.61 -38.28 -0.78
N MET A 1024 -4.59 -39.22 0.17
CA MET A 1024 -5.69 -40.16 0.27
C MET A 1024 -6.94 -39.53 0.87
N LEU A 1025 -6.80 -38.45 1.64
CA LEU A 1025 -7.98 -37.71 2.08
C LEU A 1025 -8.62 -36.95 0.92
N MET A 1026 -7.82 -36.40 0.02
CA MET A 1026 -8.38 -35.85 -1.21
C MET A 1026 -9.07 -36.94 -2.02
N ALA A 1027 -8.48 -38.13 -2.08
CA ALA A 1027 -9.14 -39.24 -2.77
C ALA A 1027 -10.48 -39.58 -2.12
N VAL A 1028 -10.53 -39.55 -0.78
CA VAL A 1028 -11.78 -39.80 -0.08
C VAL A 1028 -12.81 -38.73 -0.39
N ASN A 1029 -12.39 -37.45 -0.38
CA ASN A 1029 -13.32 -36.37 -0.66
C ASN A 1029 -13.86 -36.47 -2.09
N PHE A 1030 -13.01 -36.82 -3.04
CA PHE A 1030 -13.44 -37.00 -4.42
C PHE A 1030 -14.23 -38.29 -4.63
N THR A 1031 -14.24 -39.17 -3.64
CA THR A 1031 -14.99 -40.42 -3.76
C THR A 1031 -16.49 -40.14 -3.66
N PRO A 1032 -17.30 -40.59 -4.62
CA PRO A 1032 -18.74 -40.46 -4.48
C PRO A 1032 -19.26 -41.30 -3.30
N SER A 1033 -20.43 -40.91 -2.80
CA SER A 1033 -21.01 -41.58 -1.64
C SER A 1033 -21.18 -43.07 -1.89
N GLY A 1034 -20.76 -43.88 -0.92
CA GLY A 1034 -20.82 -45.32 -1.05
C GLY A 1034 -19.68 -45.95 -1.83
N GLY A 1035 -18.65 -45.18 -2.18
CA GLY A 1035 -17.54 -45.70 -2.94
C GLY A 1035 -16.60 -46.55 -2.11
N GLN A 1036 -15.61 -47.12 -2.80
CA GLN A 1036 -14.63 -47.99 -2.18
C GLN A 1036 -13.22 -47.48 -2.48
N LEU A 1037 -12.37 -47.49 -1.47
CA LEU A 1037 -10.98 -47.08 -1.59
C LEU A 1037 -10.08 -48.20 -1.07
N THR A 1038 -9.02 -48.48 -1.80
CA THR A 1038 -8.07 -49.53 -1.46
C THR A 1038 -6.66 -48.97 -1.45
N VAL A 1039 -5.87 -49.37 -0.44
CA VAL A 1039 -4.51 -48.90 -0.25
C VAL A 1039 -3.59 -50.10 -0.32
N SER A 1040 -2.54 -50.01 -1.15
CA SER A 1040 -1.56 -51.07 -1.27
C SER A 1040 -0.16 -50.47 -1.27
N ALA A 1041 0.79 -51.22 -0.73
CA ALA A 1041 2.19 -50.80 -0.68
C ALA A 1041 3.07 -51.96 -1.09
N SER A 1042 4.07 -51.67 -1.92
CA SER A 1042 4.99 -52.68 -2.43
C SER A 1042 6.42 -52.24 -2.19
N LEU A 1043 7.25 -53.17 -1.74
CA LEU A 1043 8.67 -52.93 -1.48
C LEU A 1043 9.50 -53.72 -2.47
N ARG A 1044 10.41 -53.04 -3.17
CA ARG A 1044 11.28 -53.66 -4.16
C ARG A 1044 12.72 -53.49 -3.73
N LYS A 1045 13.47 -54.58 -3.75
CA LYS A 1045 14.87 -54.55 -3.34
C LYS A 1045 15.79 -54.58 -4.55
N ALA A 1055 16.38 -49.56 -1.52
CA ALA A 1055 15.08 -50.15 -1.79
C ALA A 1055 14.07 -49.09 -2.21
N ASN A 1056 12.99 -49.53 -2.84
CA ASN A 1056 11.95 -48.65 -3.34
C ASN A 1056 10.61 -49.03 -2.74
N LEU A 1057 9.82 -48.03 -2.36
CA LEU A 1057 8.45 -48.22 -1.89
C LEU A 1057 7.50 -47.56 -2.87
N GLU A 1058 6.53 -48.33 -3.36
CA GLU A 1058 5.50 -47.83 -4.24
C GLU A 1058 4.15 -47.94 -3.54
N ILE A 1059 3.39 -46.85 -3.53
CA ILE A 1059 2.11 -46.77 -2.84
C ILE A 1059 1.03 -46.53 -3.88
N ARG A 1060 0.03 -47.41 -3.90
CA ARG A 1060 -1.10 -47.30 -4.81
C ARG A 1060 -2.38 -47.08 -4.00
N LEU A 1061 -3.09 -46.00 -4.32
CA LEU A 1061 -4.37 -45.67 -3.71
C LEU A 1061 -5.42 -45.64 -4.80
N THR A 1062 -6.32 -46.63 -4.81
CA THR A 1062 -7.33 -46.75 -5.85
C THR A 1062 -8.70 -46.46 -5.26
N HIS A 1063 -9.37 -45.43 -5.76
CA HIS A 1063 -10.69 -45.05 -5.28
C HIS A 1063 -11.69 -45.09 -6.43
N THR A 1064 -12.89 -45.59 -6.13
CA THR A 1064 -13.93 -45.67 -7.13
C THR A 1064 -14.58 -44.31 -7.34
N GLY A 1065 -14.85 -43.99 -8.60
CA GLY A 1065 -15.48 -42.72 -8.94
C GLY A 1065 -14.87 -42.07 -10.17
N ALA A 1066 -15.43 -40.92 -10.57
CA ALA A 1066 -14.91 -40.20 -11.74
C ALA A 1066 -13.48 -39.74 -11.52
N GLY A 1067 -13.19 -39.20 -10.33
CA GLY A 1067 -11.85 -38.77 -9.99
C GLY A 1067 -11.69 -37.27 -10.11
N ILE A 1068 -10.43 -36.85 -9.99
CA ILE A 1068 -10.09 -35.42 -10.04
C ILE A 1068 -10.31 -34.90 -11.45
N PRO A 1069 -10.94 -33.73 -11.62
CA PRO A 1069 -11.08 -33.16 -12.97
C PRO A 1069 -9.72 -32.79 -13.56
N GLU A 1070 -9.74 -32.56 -14.88
CA GLU A 1070 -8.50 -32.32 -15.61
C GLU A 1070 -7.81 -31.03 -15.16
N PHE A 1071 -8.58 -29.97 -14.93
CA PHE A 1071 -7.97 -28.69 -14.57
C PHE A 1071 -7.29 -28.77 -13.21
N LEU A 1072 -7.90 -29.46 -12.25
CA LEU A 1072 -7.26 -29.63 -10.95
C LEU A 1072 -6.01 -30.50 -11.05
N LEU A 1073 -6.05 -31.52 -11.92
CA LEU A 1073 -4.87 -32.34 -12.16
C LEU A 1073 -3.73 -31.50 -12.72
N ASN A 1074 -4.03 -30.60 -13.66
CA ASN A 1074 -3.01 -29.70 -14.18
C ASN A 1074 -2.51 -28.75 -13.09
N GLN A 1075 -3.41 -28.26 -12.25
CA GLN A 1075 -3.02 -27.37 -11.16
C GLN A 1075 -2.14 -28.09 -10.15
N MET A 1076 -2.24 -29.42 -10.07
CA MET A 1076 -1.38 -30.18 -9.16
C MET A 1076 0.08 -30.00 -9.52
N PHE A 1077 0.40 -29.94 -10.82
CA PHE A 1077 1.78 -29.78 -11.26
C PHE A 1077 2.35 -28.45 -10.79
N GLY A 1078 3.67 -28.41 -10.64
CA GLY A 1078 4.38 -27.25 -10.15
C GLY A 1078 4.70 -26.18 -11.16
N THR A 1079 4.29 -26.35 -12.42
CA THR A 1079 4.58 -25.33 -13.43
C THR A 1079 3.88 -24.02 -13.12
N GLU A 1080 2.64 -24.09 -12.63
CA GLU A 1080 1.89 -22.89 -12.32
C GLU A 1080 2.52 -22.14 -11.15
N GLU A 1081 2.59 -20.81 -11.27
CA GLU A 1081 3.12 -19.99 -10.20
C GLU A 1081 2.19 -19.99 -8.99
N ASP A 1082 0.90 -19.77 -9.22
CA ASP A 1082 -0.08 -19.73 -8.15
C ASP A 1082 -1.28 -20.58 -8.53
N VAL A 1083 -1.75 -21.38 -7.58
CA VAL A 1083 -2.89 -22.26 -7.76
C VAL A 1083 -3.81 -22.11 -6.54
N SER A 1084 -4.88 -22.90 -6.52
CA SER A 1084 -5.80 -22.88 -5.39
C SER A 1084 -5.13 -23.44 -4.14
N GLU A 1085 -5.79 -23.24 -3.00
CA GLU A 1085 -5.24 -23.72 -1.74
C GLU A 1085 -5.07 -25.24 -1.75
N GLU A 1086 -6.07 -25.97 -2.24
CA GLU A 1086 -5.92 -27.40 -2.42
C GLU A 1086 -4.85 -27.71 -3.46
N GLY A 1087 -4.83 -26.95 -4.55
CA GLY A 1087 -3.76 -27.10 -5.53
C GLY A 1087 -2.39 -26.77 -4.95
N LEU A 1088 -2.35 -25.76 -4.07
CA LEU A 1088 -1.09 -25.43 -3.41
C LEU A 1088 -0.62 -26.57 -2.51
N SER A 1089 -1.55 -27.19 -1.79
CA SER A 1089 -1.19 -28.35 -0.98
C SER A 1089 -0.68 -29.49 -1.85
N LEU A 1090 -1.33 -29.73 -2.98
CA LEU A 1090 -0.86 -30.77 -3.90
C LEU A 1090 0.54 -30.44 -4.41
N MET A 1091 0.79 -29.19 -4.77
CA MET A 1091 2.10 -28.79 -5.27
C MET A 1091 3.16 -28.95 -4.20
N VAL A 1092 2.84 -28.58 -2.96
CA VAL A 1092 3.80 -28.72 -1.86
C VAL A 1092 4.11 -30.19 -1.61
N SER A 1093 3.07 -31.04 -1.63
CA SER A 1093 3.30 -32.47 -1.46
C SER A 1093 4.16 -33.04 -2.60
N ARG A 1094 3.91 -32.60 -3.83
CA ARG A 1094 4.73 -33.04 -4.95
C ARG A 1094 6.17 -32.59 -4.80
N LYS A 1095 6.39 -31.36 -4.32
CA LYS A 1095 7.75 -30.88 -4.11
C LYS A 1095 8.45 -31.67 -3.01
N LEU A 1096 7.73 -32.01 -1.95
CA LEU A 1096 8.31 -32.83 -0.89
C LEU A 1096 8.67 -34.22 -1.40
N VAL A 1097 7.81 -34.78 -2.26
CA VAL A 1097 8.11 -36.07 -2.86
C VAL A 1097 9.34 -35.96 -3.77
N LYS A 1098 9.46 -34.84 -4.49
CA LYS A 1098 10.63 -34.61 -5.33
C LYS A 1098 11.89 -34.56 -4.48
N LEU A 1099 11.84 -33.86 -3.34
CA LEU A 1099 12.95 -33.90 -2.40
C LEU A 1099 13.11 -35.28 -1.77
N MET A 1100 12.06 -36.11 -1.82
CA MET A 1100 12.12 -37.49 -1.39
C MET A 1100 12.49 -38.45 -2.53
N ASN A 1101 13.21 -37.95 -3.53
CA ASN A 1101 13.67 -38.72 -4.70
C ASN A 1101 12.60 -39.69 -5.21
N GLY A 1102 11.40 -39.16 -5.43
CA GLY A 1102 10.30 -39.95 -5.93
C GLY A 1102 9.43 -39.21 -6.93
N ASP A 1103 8.23 -39.74 -7.19
CA ASP A 1103 7.33 -39.12 -8.14
C ASP A 1103 5.89 -39.49 -7.80
N VAL A 1104 4.97 -38.67 -8.30
CA VAL A 1104 3.53 -38.85 -8.10
C VAL A 1104 2.86 -38.97 -9.46
N GLN A 1105 2.03 -39.99 -9.63
CA GLN A 1105 1.33 -40.25 -10.88
C GLN A 1105 -0.15 -40.45 -10.62
N TYR A 1106 -0.96 -39.92 -11.53
CA TYR A 1106 -2.42 -40.06 -11.48
C TYR A 1106 -2.89 -40.89 -12.66
N LEU A 1107 -3.69 -41.92 -12.38
CA LEU A 1107 -4.20 -42.82 -13.41
C LEU A 1107 -5.71 -42.84 -13.36
N ARG A 1108 -6.33 -42.78 -14.54
CA ARG A 1108 -7.78 -42.85 -14.68
C ARG A 1108 -8.16 -44.12 -15.42
N GLN A 1109 -9.13 -44.85 -14.87
CA GLN A 1109 -9.68 -46.04 -15.51
C GLN A 1109 -11.20 -46.02 -15.29
N ALA A 1110 -11.87 -47.01 -15.87
CA ALA A 1110 -13.33 -47.02 -15.86
C ALA A 1110 -13.86 -47.09 -14.43
N GLY A 1111 -14.38 -45.97 -13.94
CA GLY A 1111 -14.87 -45.91 -12.58
C GLY A 1111 -13.81 -45.98 -11.51
N LYS A 1112 -12.54 -45.73 -11.85
CA LYS A 1112 -11.46 -45.83 -10.88
C LYS A 1112 -10.44 -44.72 -11.10
N SER A 1113 -9.85 -44.25 -10.01
CA SER A 1113 -8.76 -43.30 -10.05
C SER A 1113 -7.69 -43.73 -9.06
N SER A 1114 -6.44 -43.75 -9.51
CA SER A 1114 -5.33 -44.30 -8.74
C SER A 1114 -4.23 -43.27 -8.59
N PHE A 1115 -3.77 -43.10 -7.34
CA PHE A 1115 -2.56 -42.35 -7.03
C PHE A 1115 -1.41 -43.34 -6.87
N ILE A 1116 -0.31 -43.08 -7.56
CA ILE A 1116 0.90 -43.89 -7.46
C ILE A 1116 2.02 -43.00 -6.96
N ILE A 1117 2.61 -43.38 -5.83
CA ILE A 1117 3.67 -42.61 -5.20
C ILE A 1117 4.92 -43.47 -5.12
N THR A 1118 6.05 -42.94 -5.57
CA THR A 1118 7.31 -43.65 -5.56
C THR A 1118 8.25 -43.02 -4.54
N ALA A 1119 8.99 -43.86 -3.82
CA ALA A 1119 10.01 -43.38 -2.89
C ALA A 1119 11.19 -44.34 -2.92
N GLU A 1120 12.38 -43.80 -2.68
CA GLU A 1120 13.61 -44.59 -2.62
C GLU A 1120 14.29 -44.34 -1.29
N LEU A 1121 14.40 -45.39 -0.48
CA LEU A 1121 14.99 -45.28 0.86
C LEU A 1121 15.92 -46.45 1.07
N ALA A 1122 16.36 -46.64 2.32
CA ALA A 1122 17.28 -47.69 2.69
C ALA A 1122 16.52 -48.79 3.41
N ALA A 1123 16.79 -50.04 3.04
CA ALA A 1123 16.13 -51.19 3.66
C ALA A 1123 16.94 -51.73 4.82
N GLN B 79 -9.50 45.04 28.88
CA GLN B 79 -8.18 44.82 28.30
C GLN B 79 -7.19 45.89 28.76
N LYS B 80 -7.72 47.03 29.20
CA LYS B 80 -6.90 48.14 29.69
C LYS B 80 -6.81 48.17 31.21
N GLY B 81 -7.30 47.13 31.89
CA GLY B 81 -7.26 47.09 33.34
C GLY B 81 -5.87 47.19 33.90
N LYS B 82 -5.67 48.14 34.83
CA LYS B 82 -4.35 48.39 35.40
C LYS B 82 -4.14 47.57 36.68
N LEU B 83 -4.39 46.27 36.59
CA LEU B 83 -4.15 45.35 37.69
C LEU B 83 -3.41 44.12 37.16
N ILE B 84 -2.43 43.65 37.91
CA ILE B 84 -1.61 42.52 37.52
C ILE B 84 -1.56 41.51 38.65
N GLN B 85 -1.30 40.26 38.30
CA GLN B 85 -1.17 39.21 39.28
C GLN B 85 0.12 39.40 40.09
N PRO B 86 0.15 38.92 41.33
CA PRO B 86 1.28 39.25 42.22
C PRO B 86 2.50 38.37 42.05
N PHE B 87 2.48 37.37 41.16
CA PHE B 87 3.60 36.44 41.08
C PHE B 87 4.72 36.93 40.17
N GLY B 88 4.58 38.10 39.55
CA GLY B 88 5.62 38.65 38.70
C GLY B 88 5.67 40.15 38.81
N CYS B 89 6.40 40.77 37.90
CA CYS B 89 6.47 42.23 37.84
C CYS B 89 6.54 42.69 36.38
N LEU B 90 6.17 43.95 36.18
CA LEU B 90 5.97 44.51 34.85
C LEU B 90 6.77 45.80 34.69
N LEU B 91 7.25 46.03 33.47
CA LEU B 91 7.93 47.27 33.11
C LEU B 91 7.54 47.65 31.69
N ALA B 92 7.59 48.94 31.39
CA ALA B 92 7.28 49.45 30.06
C ALA B 92 8.43 50.36 29.61
N LEU B 93 8.81 50.24 28.35
CA LEU B 93 9.92 50.99 27.80
C LEU B 93 9.49 51.68 26.52
N ASP B 94 10.02 52.88 26.30
CA ASP B 94 9.77 53.61 25.07
C ASP B 94 10.55 52.96 23.93
N GLU B 95 9.95 52.99 22.74
CA GLU B 95 10.50 52.24 21.62
C GLU B 95 11.86 52.79 21.18
N LYS B 96 12.05 54.11 21.27
CA LYS B 96 13.27 54.75 20.79
C LYS B 96 14.20 55.20 21.90
N THR B 97 13.70 55.99 22.86
CA THR B 97 14.57 56.55 23.88
C THR B 97 15.06 55.48 24.86
N PHE B 98 14.29 54.40 25.03
CA PHE B 98 14.63 53.31 25.93
C PHE B 98 14.76 53.79 27.38
N LYS B 99 13.68 54.38 27.89
CA LYS B 99 13.60 54.79 29.29
C LYS B 99 12.30 54.29 29.90
N VAL B 100 12.35 53.94 31.18
CA VAL B 100 11.19 53.39 31.86
C VAL B 100 10.12 54.46 32.00
N ILE B 101 8.88 54.13 31.63
CA ILE B 101 7.77 55.06 31.75
C ILE B 101 6.65 54.52 32.62
N ALA B 102 6.59 53.22 32.89
CA ALA B 102 5.62 52.65 33.80
C ALA B 102 6.28 51.51 34.55
N TYR B 103 5.77 51.20 35.74
CA TYR B 103 6.39 50.16 36.55
C TYR B 103 5.35 49.65 37.57
N SER B 104 5.77 48.70 38.40
CA SER B 104 4.88 48.08 39.37
C SER B 104 5.59 47.99 40.72
N GLU B 105 4.79 47.95 41.79
CA GLU B 105 5.34 47.84 43.13
C GLU B 105 6.05 46.51 43.35
N ASN B 106 5.58 45.45 42.69
CA ASN B 106 6.26 44.17 42.79
C ASN B 106 7.69 44.27 42.27
N ALA B 107 7.90 45.08 41.23
CA ALA B 107 9.26 45.34 40.75
C ALA B 107 10.09 46.04 41.81
N SER B 108 9.50 47.02 42.51
CA SER B 108 10.22 47.71 43.56
C SER B 108 10.62 46.78 44.68
N GLU B 109 9.76 45.81 45.02
CA GLU B 109 10.01 44.93 46.18
C GLU B 109 10.82 43.70 45.77
N LEU B 110 10.92 43.39 44.47
CA LEU B 110 11.56 42.17 44.02
C LEU B 110 12.90 42.38 43.33
N LEU B 111 13.01 43.38 42.45
CA LEU B 111 14.22 43.54 41.65
C LEU B 111 15.27 44.41 42.33
N THR B 112 14.92 45.65 42.65
CA THR B 112 15.86 46.58 43.25
C THR B 112 16.07 46.36 44.74
N MET B 113 15.42 45.36 45.33
CA MET B 113 15.59 45.07 46.74
C MET B 113 17.02 44.60 47.01
N ALA B 114 17.51 44.89 48.21
CA ALA B 114 18.85 44.50 48.62
C ALA B 114 18.80 43.60 49.85
N HIS B 124 20.75 52.24 45.37
CA HIS B 124 20.05 51.71 44.20
C HIS B 124 19.19 52.78 43.54
N PRO B 125 19.20 52.81 42.21
CA PRO B 125 18.46 53.86 41.49
C PRO B 125 16.97 53.80 41.77
N VAL B 126 16.34 54.97 41.82
CA VAL B 126 14.91 55.07 42.05
C VAL B 126 14.16 54.57 40.83
N LEU B 127 13.21 53.66 41.04
CA LEU B 127 12.41 53.10 39.95
C LEU B 127 11.30 54.11 39.60
N GLY B 128 11.69 55.11 38.81
CA GLY B 128 10.77 56.16 38.41
C GLY B 128 10.78 56.35 36.90
N ILE B 129 9.91 57.27 36.46
CA ILE B 129 9.79 57.58 35.04
C ILE B 129 11.10 58.20 34.55
N GLY B 130 11.58 57.73 33.41
CA GLY B 130 12.82 58.20 32.84
C GLY B 130 14.07 57.49 33.32
N THR B 131 13.94 56.54 34.25
CA THR B 131 15.09 55.78 34.70
C THR B 131 15.60 54.87 33.59
N ASP B 132 16.92 54.78 33.46
CA ASP B 132 17.52 53.95 32.43
C ASP B 132 17.33 52.46 32.74
N ILE B 133 17.59 51.63 31.74
CA ILE B 133 17.43 50.19 31.88
C ILE B 133 18.73 49.49 32.25
N ARG B 134 19.88 50.01 31.83
CA ARG B 134 21.16 49.34 32.03
C ARG B 134 21.81 49.70 33.36
N SER B 135 21.03 49.64 34.44
CA SER B 135 21.55 49.89 35.78
C SER B 135 21.09 48.89 36.82
N LEU B 136 20.07 48.08 36.57
CA LEU B 136 19.56 47.14 37.56
C LEU B 136 20.04 45.71 37.32
N PHE B 137 20.86 45.47 36.30
CA PHE B 137 21.29 44.13 35.94
C PHE B 137 22.79 44.13 35.70
N THR B 138 23.36 42.92 35.69
CA THR B 138 24.76 42.75 35.37
C THR B 138 25.01 43.11 33.91
N ALA B 139 26.25 43.50 33.61
CA ALA B 139 26.59 43.96 32.27
C ALA B 139 26.26 42.95 31.17
N PRO B 140 26.56 41.64 31.31
CA PRO B 140 26.08 40.70 30.28
C PRO B 140 24.57 40.69 30.14
N SER B 141 23.85 40.83 31.25
CA SER B 141 22.39 40.88 31.17
C SER B 141 21.92 42.11 30.42
N ALA B 142 22.54 43.26 30.68
CA ALA B 142 22.19 44.48 29.95
C ALA B 142 22.50 44.34 28.46
N SER B 143 23.63 43.72 28.12
CA SER B 143 23.96 43.51 26.72
C SER B 143 22.95 42.60 26.04
N ALA B 144 22.55 41.52 26.72
CA ALA B 144 21.55 40.61 26.16
C ALA B 144 20.22 41.32 25.95
N LEU B 145 19.81 42.14 26.93
CA LEU B 145 18.57 42.89 26.79
C LEU B 145 18.64 43.86 25.62
N GLN B 146 19.77 44.56 25.47
CA GLN B 146 19.92 45.50 24.36
C GLN B 146 19.88 44.78 23.02
N LYS B 147 20.55 43.64 22.92
CA LYS B 147 20.52 42.86 21.68
C LYS B 147 19.11 42.39 21.36
N ALA B 148 18.39 41.92 22.38
CA ALA B 148 17.01 41.48 22.17
C ALA B 148 16.12 42.63 21.71
N LEU B 149 16.28 43.80 22.32
CA LEU B 149 15.48 44.96 21.93
C LEU B 149 15.80 45.39 20.50
N GLY B 150 17.06 45.32 20.11
CA GLY B 150 17.43 45.67 18.75
C GLY B 150 17.10 44.64 17.70
N PHE B 151 16.65 43.46 18.11
CA PHE B 151 16.34 42.40 17.16
C PHE B 151 15.09 42.74 16.35
N GLY B 152 14.94 42.06 15.22
CA GLY B 152 13.80 42.27 14.35
C GLY B 152 12.52 41.67 14.89
N ASP B 153 12.49 40.35 15.02
CA ASP B 153 11.32 39.63 15.52
C ASP B 153 11.64 39.17 16.95
N VAL B 154 11.14 39.91 17.93
CA VAL B 154 11.49 39.65 19.32
C VAL B 154 10.82 38.37 19.82
N SER B 155 9.70 37.98 19.21
CA SER B 155 8.93 36.84 19.73
C SER B 155 9.65 35.51 19.54
N LEU B 156 10.87 35.52 18.99
CA LEU B 156 11.62 34.27 18.84
C LEU B 156 12.29 33.87 20.14
N LEU B 157 13.16 34.73 20.67
CA LEU B 157 13.89 34.45 21.90
C LEU B 157 13.21 35.15 23.08
N ASN B 158 12.06 34.59 23.49
CA ASN B 158 11.32 35.19 24.59
C ASN B 158 11.91 34.85 25.96
N PRO B 159 12.04 33.58 26.37
CA PRO B 159 12.45 33.31 27.75
C PRO B 159 13.90 33.67 28.03
N ILE B 160 14.22 34.96 28.03
CA ILE B 160 15.57 35.45 28.23
C ILE B 160 15.86 35.42 29.72
N LEU B 161 16.73 34.51 30.15
CA LEU B 161 17.16 34.45 31.53
C LEU B 161 18.07 35.64 31.84
N VAL B 162 17.80 36.32 32.94
CA VAL B 162 18.49 37.55 33.31
C VAL B 162 18.90 37.44 34.77
N HIS B 163 20.11 37.89 35.08
CA HIS B 163 20.61 37.89 36.45
C HIS B 163 20.48 39.30 37.01
N CYS B 164 19.94 39.41 38.22
CA CYS B 164 19.78 40.71 38.86
C CYS B 164 21.13 41.27 39.30
N ARG B 165 21.13 42.56 39.62
CA ARG B 165 22.37 43.18 40.10
C ARG B 165 22.81 42.57 41.42
N THR B 166 21.86 42.26 42.30
CA THR B 166 22.16 41.50 43.50
C THR B 166 22.54 40.07 43.10
N SER B 167 23.28 39.41 43.99
CA SER B 167 23.82 38.08 43.68
C SER B 167 22.71 37.11 43.32
N ALA B 168 22.95 36.33 42.26
CA ALA B 168 22.04 35.29 41.77
C ALA B 168 20.71 35.95 41.42
N LYS B 169 19.58 35.49 41.97
CA LYS B 169 18.24 36.01 41.68
C LYS B 169 17.95 36.00 40.18
N PRO B 170 17.78 34.83 39.57
CA PRO B 170 17.42 34.79 38.14
C PRO B 170 15.99 35.21 37.90
N PHE B 171 15.74 35.71 36.69
CA PHE B 171 14.40 36.14 36.29
C PHE B 171 14.22 35.94 34.79
N TYR B 172 13.07 35.41 34.40
CA TYR B 172 12.72 35.43 33.00
C TYR B 172 12.35 36.86 32.58
N ALA B 173 12.47 37.13 31.29
CA ALA B 173 12.36 38.49 30.76
C ALA B 173 11.48 38.53 29.53
N ILE B 174 10.27 37.98 29.64
CA ILE B 174 9.37 37.88 28.49
C ILE B 174 9.10 39.28 27.94
N ILE B 175 9.05 39.40 26.61
CA ILE B 175 8.95 40.69 25.94
C ILE B 175 7.79 40.67 24.96
N HIS B 176 7.06 41.80 24.91
CA HIS B 176 5.95 41.99 23.96
C HIS B 176 6.05 43.41 23.37
N ARG B 177 5.77 43.59 22.08
CA ARG B 177 5.81 44.89 21.42
C ARG B 177 4.38 45.39 21.24
N VAL B 178 4.02 46.45 21.96
CA VAL B 178 2.71 47.05 21.87
C VAL B 178 2.85 48.37 21.10
N THR B 179 1.71 48.91 20.66
CA THR B 179 1.74 50.11 19.85
C THR B 179 2.44 51.25 20.58
N GLY B 180 3.64 51.61 20.10
CA GLY B 180 4.39 52.69 20.68
C GLY B 180 5.18 52.35 21.93
N SER B 181 5.32 51.07 22.29
CA SER B 181 6.06 50.73 23.49
C SER B 181 6.50 49.27 23.44
N ILE B 182 7.41 48.92 24.33
CA ILE B 182 7.85 47.54 24.50
C ILE B 182 7.65 47.16 25.97
N ILE B 183 6.93 46.07 26.20
CA ILE B 183 6.49 45.66 27.54
C ILE B 183 7.34 44.47 27.95
N ILE B 184 7.93 44.54 29.15
CA ILE B 184 8.82 43.51 29.64
C ILE B 184 8.27 42.97 30.96
N ASP B 185 8.03 41.67 31.00
CA ASP B 185 7.50 41.00 32.18
C ASP B 185 8.55 40.09 32.78
N PHE B 186 8.72 40.16 34.10
CA PHE B 186 9.68 39.33 34.82
C PHE B 186 8.93 38.38 35.73
N GLU B 187 9.35 37.12 35.73
CA GLU B 187 8.81 36.09 36.60
C GLU B 187 9.94 35.37 37.32
N PRO B 188 9.85 35.21 38.64
CA PRO B 188 10.94 34.55 39.37
C PRO B 188 11.14 33.11 38.92
N VAL B 189 12.39 32.69 38.94
CA VAL B 189 12.79 31.34 38.53
C VAL B 189 13.07 30.55 39.80
N LYS B 190 12.18 29.64 40.14
CA LYS B 190 12.37 28.82 41.34
C LYS B 190 13.43 27.76 41.06
N PRO B 191 14.50 27.69 41.85
CA PRO B 191 15.60 26.77 41.54
C PRO B 191 15.32 25.31 41.88
N TYR B 192 14.13 24.98 42.39
CA TYR B 192 13.82 23.59 42.69
C TYR B 192 13.75 22.75 41.42
N GLU B 193 13.44 23.37 40.28
CA GLU B 193 13.37 22.68 39.01
C GLU B 193 13.77 23.64 37.90
N VAL B 194 14.08 23.07 36.73
CA VAL B 194 14.47 23.82 35.55
C VAL B 194 15.70 24.67 35.86
N PRO B 195 16.88 24.08 36.05
CA PRO B 195 18.10 24.88 36.23
C PRO B 195 18.73 25.25 34.88
N MET B 196 18.14 26.25 34.23
CA MET B 196 18.57 26.72 32.91
C MET B 196 18.51 25.55 31.91
N THR B 197 17.28 25.12 31.63
CA THR B 197 17.04 24.08 30.64
C THR B 197 16.39 24.61 29.37
N ALA B 198 16.18 25.93 29.28
CA ALA B 198 15.58 26.53 28.10
C ALA B 198 15.96 28.00 28.05
N ALA B 199 16.41 28.46 26.87
CA ALA B 199 16.74 29.86 26.68
C ALA B 199 16.28 30.38 25.32
N GLY B 200 15.33 29.71 24.68
CA GLY B 200 14.84 30.14 23.38
C GLY B 200 13.64 29.32 22.99
N ALA B 201 13.03 29.72 21.87
CA ALA B 201 11.84 29.02 21.39
C ALA B 201 12.16 27.58 21.02
N LEU B 202 13.28 27.36 20.32
CA LEU B 202 13.61 26.01 19.87
C LEU B 202 13.89 25.09 21.05
N GLN B 203 14.57 25.59 22.08
CA GLN B 203 14.80 24.78 23.26
C GLN B 203 13.52 24.60 24.07
N SER B 204 12.66 25.61 24.09
CA SER B 204 11.41 25.51 24.83
C SER B 204 10.49 24.44 24.23
N TYR B 205 10.42 24.37 22.90
CA TYR B 205 9.54 23.40 22.26
C TYR B 205 9.98 21.96 22.50
N LYS B 206 11.21 21.75 22.99
CA LYS B 206 11.74 20.40 23.14
C LYS B 206 11.04 19.61 24.25
N LEU B 207 10.44 20.29 25.23
CA LEU B 207 9.89 19.59 26.38
C LEU B 207 8.71 18.70 26.01
N ALA B 208 8.07 18.94 24.86
CA ALA B 208 6.89 18.21 24.45
C ALA B 208 7.18 17.18 23.36
N ALA B 209 8.46 16.81 23.18
CA ALA B 209 8.83 15.91 22.09
C ALA B 209 8.18 14.54 22.28
N LYS B 210 8.18 14.01 23.50
CA LYS B 210 7.56 12.71 23.74
C LYS B 210 6.06 12.75 23.46
N ALA B 211 5.38 13.81 23.89
CA ALA B 211 3.95 13.92 23.64
C ALA B 211 3.65 14.00 22.15
N ILE B 212 4.43 14.80 21.41
CA ILE B 212 4.20 14.91 19.98
C ILE B 212 4.46 13.57 19.29
N THR B 213 5.51 12.87 19.71
CA THR B 213 5.79 11.55 19.13
C THR B 213 4.66 10.58 19.41
N ARG B 214 4.11 10.59 20.62
CA ARG B 214 3.00 9.70 20.94
C ARG B 214 1.77 10.04 20.10
N LEU B 215 1.49 11.33 19.92
CA LEU B 215 0.33 11.73 19.12
C LEU B 215 0.50 11.37 17.65
N GLN B 216 1.72 11.49 17.13
CA GLN B 216 1.94 11.37 15.69
C GLN B 216 1.66 9.95 15.19
N SER B 217 2.02 8.94 15.98
CA SER B 217 1.98 7.56 15.52
C SER B 217 0.65 6.86 15.77
N LEU B 218 -0.36 7.57 16.26
CA LEU B 218 -1.67 6.96 16.45
C LEU B 218 -2.31 6.67 15.10
N PRO B 219 -3.02 5.55 14.96
CA PRO B 219 -3.76 5.31 13.72
C PRO B 219 -4.89 6.32 13.54
N SER B 220 -5.17 6.63 12.28
CA SER B 220 -6.15 7.66 11.96
C SER B 220 -7.55 7.07 11.83
N GLY B 221 -8.54 7.92 12.06
CA GLY B 221 -9.93 7.55 11.92
C GLY B 221 -10.73 7.42 13.22
N SER B 222 -10.35 8.13 14.28
CA SER B 222 -11.06 8.02 15.55
C SER B 222 -10.84 9.30 16.34
N MET B 223 -11.85 10.18 16.36
CA MET B 223 -11.70 11.46 17.06
C MET B 223 -11.62 11.26 18.57
N GLU B 224 -12.40 10.33 19.12
CA GLU B 224 -12.42 10.14 20.57
C GLU B 224 -11.07 9.68 21.09
N ARG B 225 -10.40 8.78 20.36
CA ARG B 225 -9.08 8.34 20.77
C ARG B 225 -8.09 9.50 20.77
N LEU B 226 -8.14 10.35 19.74
CA LEU B 226 -7.26 11.51 19.70
C LEU B 226 -7.51 12.43 20.89
N CYS B 227 -8.79 12.70 21.18
CA CYS B 227 -9.11 13.59 22.30
C CYS B 227 -8.62 13.02 23.63
N ASP B 228 -8.87 11.72 23.87
CA ASP B 228 -8.45 11.13 25.13
C ASP B 228 -6.93 11.11 25.28
N THR B 229 -6.22 10.78 24.20
CA THR B 229 -4.76 10.82 24.25
C THR B 229 -4.27 12.23 24.50
N MET B 230 -4.90 13.23 23.86
CA MET B 230 -4.45 14.60 23.97
C MET B 230 -4.60 15.10 25.40
N VAL B 231 -5.76 14.83 26.02
CA VAL B 231 -5.99 15.28 27.39
C VAL B 231 -5.14 14.49 28.38
N GLN B 232 -4.91 13.20 28.12
CA GLN B 232 -4.02 12.43 28.99
C GLN B 232 -2.61 13.01 28.95
N GLU B 233 -2.12 13.39 27.77
CA GLU B 233 -0.80 14.00 27.66
C GLU B 233 -0.76 15.34 28.38
N VAL B 234 -1.83 16.14 28.28
CA VAL B 234 -1.88 17.39 29.05
C VAL B 234 -1.78 17.10 30.54
N PHE B 235 -2.53 16.12 31.02
CA PHE B 235 -2.52 15.81 32.46
C PHE B 235 -1.13 15.39 32.90
N GLU B 236 -0.47 14.52 32.13
CA GLU B 236 0.87 14.06 32.51
C GLU B 236 1.88 15.20 32.47
N LEU B 237 1.81 16.07 31.46
CA LEU B 237 2.79 17.14 31.34
C LEU B 237 2.61 18.20 32.42
N THR B 238 1.37 18.65 32.64
CA THR B 238 1.15 19.77 33.55
C THR B 238 1.01 19.32 35.00
N GLY B 239 0.34 18.18 35.22
CA GLY B 239 0.12 17.69 36.57
C GLY B 239 -1.05 18.31 37.29
N TYR B 240 -1.94 19.00 36.57
CA TYR B 240 -3.12 19.59 37.20
C TYR B 240 -4.12 18.50 37.57
N ASP B 241 -4.98 18.83 38.54
CA ASP B 241 -5.93 17.84 39.05
C ASP B 241 -6.95 17.46 37.97
N ARG B 242 -7.58 18.44 37.34
CA ARG B 242 -8.64 18.19 36.36
C ARG B 242 -8.22 18.73 35.01
N VAL B 243 -8.33 17.91 33.96
CA VAL B 243 -8.09 18.36 32.60
C VAL B 243 -9.29 17.97 31.75
N MET B 244 -9.81 18.92 30.97
CA MET B 244 -11.01 18.72 30.18
C MET B 244 -10.80 19.23 28.76
N ALA B 245 -11.35 18.49 27.80
CA ALA B 245 -11.46 18.93 26.42
C ALA B 245 -12.87 19.44 26.21
N TYR B 246 -12.99 20.70 25.80
CA TYR B 246 -14.27 21.41 25.80
C TYR B 246 -14.55 21.80 24.34
N LYS B 247 -15.45 21.09 23.69
CA LYS B 247 -15.67 21.22 22.25
C LYS B 247 -16.84 22.17 21.97
N PHE B 248 -16.62 23.09 21.04
CA PHE B 248 -17.67 24.03 20.64
C PHE B 248 -18.51 23.44 19.52
N HIS B 249 -19.82 23.65 19.61
CA HIS B 249 -20.74 23.27 18.57
C HIS B 249 -21.05 24.48 17.68
N GLU B 250 -21.96 24.31 16.73
CA GLU B 250 -22.28 25.40 15.81
C GLU B 250 -23.01 26.54 16.51
N ASP B 251 -23.83 26.20 17.52
CA ASP B 251 -24.60 27.20 18.25
C ASP B 251 -23.86 27.76 19.45
N ASP B 252 -22.53 27.67 19.46
CA ASP B 252 -21.65 28.21 20.50
C ASP B 252 -21.85 27.55 21.86
N HIS B 253 -22.71 26.53 21.96
CA HIS B 253 -22.89 25.82 23.20
C HIS B 253 -21.91 24.64 23.27
N GLY B 254 -21.23 24.53 24.40
CA GLY B 254 -20.12 23.60 24.51
C GLY B 254 -20.50 22.25 25.05
N GLU B 255 -19.68 21.25 24.73
CA GLU B 255 -19.87 19.89 25.18
C GLU B 255 -18.54 19.33 25.63
N VAL B 256 -18.53 18.65 26.76
CA VAL B 256 -17.32 18.00 27.25
C VAL B 256 -17.20 16.64 26.59
N VAL B 257 -16.13 16.45 25.80
CA VAL B 257 -15.96 15.23 25.02
C VAL B 257 -15.11 14.24 25.80
N SER B 258 -14.12 14.74 26.52
CA SER B 258 -13.26 13.88 27.33
C SER B 258 -12.89 14.62 28.61
N GLU B 259 -12.27 13.89 29.53
CA GLU B 259 -11.89 14.44 30.83
C GLU B 259 -11.00 13.45 31.55
N VAL B 260 -10.02 13.96 32.29
CA VAL B 260 -9.15 13.15 33.12
C VAL B 260 -8.96 13.85 34.46
N THR B 261 -9.18 13.12 35.55
CA THR B 261 -9.06 13.66 36.89
C THR B 261 -8.41 12.64 37.80
N LYS B 262 -7.81 13.13 38.88
CA LYS B 262 -7.28 12.25 39.91
C LYS B 262 -8.43 11.56 40.63
N PRO B 263 -8.20 10.37 41.19
CA PRO B 263 -9.29 9.64 41.85
C PRO B 263 -9.90 10.44 42.99
N GLY B 264 -11.21 10.32 43.14
CA GLY B 264 -11.94 11.02 44.17
C GLY B 264 -12.55 12.34 43.76
N LEU B 265 -12.70 12.61 42.47
CA LEU B 265 -13.24 13.86 41.98
C LEU B 265 -14.48 13.61 41.13
N GLU B 266 -15.47 14.49 41.28
CA GLU B 266 -16.73 14.35 40.56
C GLU B 266 -16.54 14.72 39.10
N PRO B 267 -16.84 13.83 38.15
CA PRO B 267 -16.68 14.18 36.73
C PRO B 267 -17.91 14.89 36.17
N TYR B 268 -17.65 15.76 35.19
CA TYR B 268 -18.70 16.42 34.43
C TYR B 268 -18.78 15.89 33.00
N LEU B 269 -18.28 14.68 32.76
CA LEU B 269 -18.16 14.16 31.41
C LEU B 269 -19.51 14.10 30.71
N GLY B 270 -19.57 14.62 29.49
CA GLY B 270 -20.77 14.58 28.68
C GLY B 270 -21.78 15.68 28.96
N LEU B 271 -21.62 16.43 30.05
CA LEU B 271 -22.58 17.46 30.41
C LEU B 271 -22.43 18.66 29.48
N HIS B 272 -23.53 19.04 28.83
CA HIS B 272 -23.55 20.23 28.00
C HIS B 272 -23.70 21.47 28.86
N TYR B 273 -23.30 22.61 28.30
CA TYR B 273 -23.38 23.88 28.99
C TYR B 273 -23.95 24.95 28.08
N PRO B 274 -24.59 25.97 28.64
CA PRO B 274 -25.12 27.06 27.81
C PRO B 274 -24.00 27.86 27.16
N ALA B 275 -24.34 28.51 26.05
CA ALA B 275 -23.35 29.30 25.32
C ALA B 275 -22.96 30.58 26.04
N THR B 276 -23.67 30.94 27.12
CA THR B 276 -23.40 32.18 27.81
C THR B 276 -22.26 32.07 28.82
N ASP B 277 -21.72 30.88 29.04
CA ASP B 277 -20.64 30.72 30.02
C ASP B 277 -19.38 31.47 29.59
N ILE B 278 -19.02 31.38 28.31
CA ILE B 278 -17.84 32.03 27.78
C ILE B 278 -18.29 33.11 26.81
N PRO B 279 -18.13 34.39 27.14
CA PRO B 279 -18.51 35.45 26.20
C PRO B 279 -17.63 35.46 24.97
N GLN B 280 -18.18 36.03 23.89
CA GLN B 280 -17.44 36.09 22.63
C GLN B 280 -16.17 36.93 22.76
N ALA B 281 -16.15 37.91 23.67
CA ALA B 281 -14.94 38.66 23.92
C ALA B 281 -13.83 37.75 24.44
N ALA B 282 -14.16 36.83 25.34
CA ALA B 282 -13.19 35.85 25.81
C ALA B 282 -12.72 34.96 24.67
N ARG B 283 -13.63 34.59 23.76
CA ARG B 283 -13.24 33.78 22.61
C ARG B 283 -12.22 34.51 21.76
N PHE B 284 -12.46 35.79 21.47
CA PHE B 284 -11.51 36.56 20.67
C PHE B 284 -10.18 36.72 21.40
N LEU B 285 -10.23 36.95 22.71
CA LEU B 285 -8.99 37.08 23.48
C LEU B 285 -8.18 35.79 23.45
N PHE B 286 -8.85 34.64 23.55
CA PHE B 286 -8.16 33.36 23.40
C PHE B 286 -7.58 33.21 22.01
N MET B 287 -8.32 33.63 20.99
CA MET B 287 -7.80 33.57 19.62
C MET B 287 -6.58 34.45 19.46
N LYS B 288 -6.47 35.51 20.27
CA LYS B 288 -5.29 36.37 20.18
C LYS B 288 -4.14 35.87 21.06
N ASN B 289 -4.45 35.41 22.27
CA ASN B 289 -3.44 34.84 23.18
C ASN B 289 -3.78 33.37 23.40
N LYS B 290 -2.90 32.48 22.93
CA LYS B 290 -3.26 31.07 22.84
C LYS B 290 -3.36 30.41 24.20
N VAL B 291 -2.57 30.86 25.17
CA VAL B 291 -2.51 30.23 26.49
C VAL B 291 -2.69 31.30 27.55
N ARG B 292 -3.53 31.03 28.54
CA ARG B 292 -3.76 31.95 29.66
C ARG B 292 -3.63 31.18 30.96
N MET B 293 -3.01 31.81 31.95
CA MET B 293 -2.83 31.19 33.26
C MET B 293 -3.27 32.15 34.34
N ILE B 294 -4.05 31.65 35.29
CA ILE B 294 -4.43 32.37 36.50
C ILE B 294 -3.97 31.52 37.67
N VAL B 295 -2.93 31.98 38.37
CA VAL B 295 -2.30 31.15 39.39
C VAL B 295 -3.21 31.01 40.61
N ASP B 296 -3.86 32.09 41.03
CA ASP B 296 -4.68 32.06 42.22
C ASP B 296 -5.77 33.12 42.11
N CYS B 297 -7.03 32.69 42.27
CA CYS B 297 -8.14 33.63 42.18
C CYS B 297 -8.26 34.50 43.41
N ASN B 298 -7.80 34.03 44.57
CA ASN B 298 -7.91 34.77 45.82
C ASN B 298 -6.74 35.69 46.07
N ALA B 299 -5.70 35.65 45.24
CA ALA B 299 -4.53 36.49 45.46
C ALA B 299 -4.88 37.96 45.22
N LYS B 300 -4.33 38.82 46.06
CA LYS B 300 -4.57 40.25 45.93
C LYS B 300 -3.80 40.80 44.74
N HIS B 301 -4.49 41.59 43.92
CA HIS B 301 -3.88 42.20 42.74
C HIS B 301 -3.13 43.48 43.12
N ALA B 302 -2.07 43.77 42.38
CA ALA B 302 -1.25 44.95 42.61
C ALA B 302 -1.40 45.92 41.45
N ARG B 303 -1.41 47.20 41.77
CA ARG B 303 -1.60 48.23 40.75
C ARG B 303 -0.29 48.51 40.01
N VAL B 304 -0.40 49.25 38.92
CA VAL B 304 0.72 49.64 38.08
C VAL B 304 0.79 51.16 38.03
N LEU B 305 1.95 51.71 38.38
CA LEU B 305 2.15 53.16 38.33
C LEU B 305 2.59 53.55 36.93
N GLN B 306 1.80 54.40 36.28
CA GLN B 306 2.00 54.80 34.90
C GLN B 306 2.05 56.32 34.81
N ASP B 307 2.93 56.83 33.95
CA ASP B 307 3.05 58.27 33.75
C ASP B 307 1.74 58.84 33.19
N GLU B 308 1.43 60.07 33.59
CA GLU B 308 0.24 60.73 33.07
C GLU B 308 0.51 61.50 31.79
N LYS B 309 1.75 61.49 31.29
CA LYS B 309 2.10 62.33 30.14
C LYS B 309 1.74 61.69 28.81
N LEU B 310 1.65 60.37 28.73
CA LEU B 310 1.34 59.72 27.47
C LEU B 310 -0.07 60.07 27.01
N SER B 311 -0.27 60.06 25.69
CA SER B 311 -1.58 60.32 25.11
C SER B 311 -2.45 59.08 25.02
N PHE B 312 -1.90 57.89 25.23
CA PHE B 312 -2.64 56.65 25.16
C PHE B 312 -2.34 55.79 26.38
N ASP B 313 -3.36 55.08 26.86
CA ASP B 313 -3.18 54.18 27.99
C ASP B 313 -2.48 52.90 27.55
N LEU B 314 -1.65 52.35 28.44
CA LEU B 314 -0.97 51.10 28.15
C LEU B 314 -1.97 49.95 28.10
N THR B 315 -1.81 49.08 27.12
CA THR B 315 -2.68 47.92 26.93
C THR B 315 -1.94 46.68 27.42
N LEU B 316 -2.57 45.95 28.34
CA LEU B 316 -1.99 44.73 28.90
C LEU B 316 -2.68 43.48 28.38
N CYS B 317 -3.43 43.60 27.28
CA CYS B 317 -4.16 42.44 26.75
C CYS B 317 -3.20 41.34 26.31
N GLY B 318 -2.11 41.70 25.65
CA GLY B 318 -1.15 40.72 25.19
C GLY B 318 -0.18 40.24 26.24
N SER B 319 -0.14 40.91 27.40
CA SER B 319 0.80 40.55 28.44
C SER B 319 0.34 39.30 29.18
N THR B 320 1.30 38.52 29.66
CA THR B 320 0.98 37.34 30.45
C THR B 320 0.66 37.69 31.90
N LEU B 321 0.89 38.94 32.31
CA LEU B 321 0.59 39.41 33.65
C LEU B 321 -0.65 40.30 33.57
N ARG B 322 -1.83 39.68 33.64
CA ARG B 322 -3.08 40.41 33.63
C ARG B 322 -4.00 39.82 34.69
N ALA B 323 -4.90 40.65 35.19
CA ALA B 323 -5.80 40.21 36.25
C ALA B 323 -7.16 39.87 35.68
N PRO B 324 -7.81 38.85 36.22
CA PRO B 324 -9.16 38.49 35.75
C PRO B 324 -10.15 39.62 36.02
N HIS B 325 -11.09 39.78 35.08
CA HIS B 325 -12.11 40.81 35.16
C HIS B 325 -13.43 40.29 35.70
N SER B 326 -13.38 39.33 36.63
CA SER B 326 -14.54 38.75 37.31
C SER B 326 -15.35 37.86 36.38
N CYS B 327 -15.00 37.83 35.09
CA CYS B 327 -15.67 36.91 34.18
C CYS B 327 -15.18 35.49 34.39
N HIS B 328 -13.89 35.29 34.59
CA HIS B 328 -13.34 33.99 34.93
C HIS B 328 -13.46 33.66 36.41
N LEU B 329 -13.59 34.67 37.26
CA LEU B 329 -13.74 34.42 38.70
C LEU B 329 -15.01 33.64 38.98
N GLN B 330 -16.14 34.07 38.39
CA GLN B 330 -17.39 33.36 38.60
C GLN B 330 -17.37 31.96 38.00
N TYR B 331 -16.73 31.80 36.83
CA TYR B 331 -16.61 30.48 36.22
C TYR B 331 -15.82 29.54 37.12
N MET B 332 -14.71 30.04 37.68
CA MET B 332 -13.90 29.25 38.60
C MET B 332 -14.67 28.89 39.86
N ALA B 333 -15.43 29.84 40.41
CA ALA B 333 -16.23 29.56 41.60
C ALA B 333 -17.29 28.51 41.32
N ASN B 334 -17.95 28.61 40.16
CA ASN B 334 -18.96 27.62 39.81
C ASN B 334 -18.35 26.24 39.61
N MET B 335 -17.19 26.16 38.96
CA MET B 335 -16.55 24.87 38.72
C MET B 335 -15.65 24.43 39.86
N ASP B 336 -15.59 25.18 40.96
CA ASP B 336 -14.82 24.82 42.15
C ASP B 336 -13.35 24.60 41.81
N SER B 337 -12.71 25.69 41.36
CA SER B 337 -11.30 25.66 41.00
C SER B 337 -10.61 26.88 41.59
N ILE B 338 -9.30 26.78 41.78
CA ILE B 338 -8.48 27.84 42.35
C ILE B 338 -7.44 28.34 41.34
N ALA B 339 -6.83 27.42 40.60
CA ALA B 339 -5.83 27.77 39.59
C ALA B 339 -6.31 27.29 38.23
N SER B 340 -5.97 28.03 37.18
CA SER B 340 -6.41 27.70 35.83
C SER B 340 -5.26 27.84 34.84
N LEU B 341 -5.14 26.86 33.95
CA LEU B 341 -4.26 26.93 32.78
C LEU B 341 -5.12 26.53 31.59
N VAL B 342 -5.49 27.49 30.76
CA VAL B 342 -6.43 27.27 29.67
C VAL B 342 -5.76 27.58 28.34
N MET B 343 -5.80 26.61 27.43
CA MET B 343 -5.21 26.71 26.11
C MET B 343 -6.31 27.00 25.10
N ALA B 344 -5.95 26.96 23.82
CA ALA B 344 -6.91 27.16 22.75
C ALA B 344 -6.52 26.31 21.55
N VAL B 345 -7.52 25.76 20.87
CA VAL B 345 -7.32 24.97 19.66
C VAL B 345 -7.91 25.73 18.49
N VAL B 346 -7.05 26.14 17.56
CA VAL B 346 -7.45 26.92 16.40
C VAL B 346 -7.25 26.06 15.15
N VAL B 347 -8.33 25.84 14.40
CA VAL B 347 -8.30 24.99 13.22
C VAL B 347 -8.57 25.85 11.99
N ASN B 348 -7.80 25.63 10.94
CA ASN B 348 -7.95 26.37 9.69
C ASN B 348 -8.90 25.61 8.78
N GLU B 349 -10.04 26.22 8.46
CA GLU B 349 -11.06 25.63 7.62
C GLU B 349 -11.21 26.44 6.33
N GLU B 350 -11.49 25.74 5.24
CA GLU B 350 -11.56 26.38 3.92
C GLU B 350 -12.81 27.25 3.81
N ASP B 351 -12.75 28.23 2.90
CA ASP B 351 -13.86 29.14 2.67
C ASP B 351 -15.09 28.39 2.17
N GLN B 364 -7.10 32.90 1.51
CA GLN B 364 -6.66 32.20 2.70
C GLN B 364 -7.83 31.54 3.42
N LYS B 365 -7.55 30.43 4.10
CA LYS B 365 -8.59 29.74 4.86
C LYS B 365 -8.86 30.46 6.16
N ARG B 366 -10.12 30.41 6.61
CA ARG B 366 -10.47 31.05 7.87
C ARG B 366 -10.00 30.21 9.05
N LYS B 367 -9.95 30.83 10.21
CA LYS B 367 -9.53 30.17 11.44
C LYS B 367 -10.69 30.17 12.43
N ARG B 368 -11.02 28.99 12.95
CA ARG B 368 -12.11 28.84 13.90
C ARG B 368 -11.62 28.18 15.17
N LEU B 369 -12.21 28.57 16.29
CA LEU B 369 -11.82 28.08 17.61
C LEU B 369 -12.57 26.77 17.86
N TRP B 370 -11.90 25.64 17.61
CA TRP B 370 -12.58 24.35 17.71
C TRP B 370 -12.94 24.02 19.15
N GLY B 371 -12.21 24.56 20.10
CA GLY B 371 -12.51 24.26 21.49
C GLY B 371 -11.41 24.72 22.42
N LEU B 372 -11.41 24.15 23.62
CA LEU B 372 -10.49 24.52 24.68
C LEU B 372 -9.95 23.26 25.34
N VAL B 373 -8.78 23.40 25.95
CA VAL B 373 -8.20 22.36 26.79
C VAL B 373 -7.97 23.01 28.15
N VAL B 374 -8.92 22.85 29.05
CA VAL B 374 -8.96 23.62 30.30
C VAL B 374 -8.45 22.75 31.44
N CYS B 375 -7.54 23.30 32.23
CA CYS B 375 -6.99 22.63 33.40
C CYS B 375 -7.39 23.39 34.65
N HIS B 376 -8.00 22.67 35.60
CA HIS B 376 -8.47 23.23 36.85
C HIS B 376 -7.84 22.51 38.03
N ASN B 377 -7.46 23.29 39.04
CA ASN B 377 -6.83 22.76 40.24
C ASN B 377 -7.54 23.32 41.47
N THR B 378 -7.56 22.51 42.53
CA THR B 378 -8.19 22.91 43.79
C THR B 378 -7.25 23.67 44.71
N THR B 379 -5.95 23.71 44.39
CA THR B 379 -4.97 24.45 45.16
C THR B 379 -4.13 25.31 44.22
N PRO B 380 -3.63 26.44 44.69
CA PRO B 380 -2.79 27.29 43.84
C PRO B 380 -1.55 26.54 43.36
N ARG B 381 -1.19 26.78 42.11
CA ARG B 381 -0.07 26.08 41.48
C ARG B 381 0.58 27.00 40.46
N PHE B 382 1.90 26.89 40.32
CA PHE B 382 2.67 27.71 39.40
C PHE B 382 3.48 26.80 38.47
N VAL B 383 3.40 27.09 37.17
CA VAL B 383 4.15 26.34 36.17
C VAL B 383 5.17 27.26 35.50
N PRO B 384 6.36 26.79 35.18
CA PRO B 384 7.35 27.65 34.55
C PRO B 384 6.95 27.99 33.12
N PHE B 385 7.48 29.13 32.65
CA PHE B 385 7.15 29.57 31.30
C PHE B 385 7.48 28.55 30.20
N PRO B 386 8.61 27.83 30.24
CA PRO B 386 8.85 26.83 29.19
C PRO B 386 7.76 25.78 29.08
N LEU B 387 7.17 25.35 30.20
CA LEU B 387 6.11 24.35 30.13
C LEU B 387 4.87 24.91 29.46
N ARG B 388 4.51 26.16 29.76
CA ARG B 388 3.40 26.80 29.08
C ARG B 388 3.69 26.95 27.59
N TYR B 389 4.94 27.29 27.25
CA TYR B 389 5.30 27.48 25.85
C TYR B 389 5.22 26.17 25.09
N ALA B 390 5.60 25.05 25.72
CA ALA B 390 5.49 23.75 25.08
C ALA B 390 4.03 23.31 24.96
N CYS B 391 3.21 23.62 25.97
CA CYS B 391 1.79 23.28 25.88
C CYS B 391 1.10 24.09 24.79
N GLU B 392 1.58 25.31 24.52
CA GLU B 392 1.07 26.07 23.39
C GLU B 392 1.45 25.40 22.07
N PHE B 393 2.64 24.80 22.00
CA PHE B 393 3.08 24.14 20.79
C PHE B 393 2.29 22.86 20.52
N LEU B 394 1.97 22.10 21.59
CA LEU B 394 1.22 20.86 21.41
C LEU B 394 -0.15 21.10 20.76
N ALA B 395 -0.78 22.24 21.04
CA ALA B 395 -2.09 22.53 20.49
C ALA B 395 -2.05 22.63 18.97
N GLN B 396 -0.94 23.11 18.42
CA GLN B 396 -0.84 23.21 16.96
C GLN B 396 -0.85 21.84 16.31
N VAL B 397 -0.08 20.89 16.87
CA VAL B 397 -0.10 19.53 16.36
C VAL B 397 -1.49 18.92 16.49
N PHE B 398 -2.15 19.18 17.63
CA PHE B 398 -3.50 18.65 17.82
C PHE B 398 -4.47 19.20 16.77
N ALA B 399 -4.39 20.50 16.48
CA ALA B 399 -5.26 21.09 15.48
C ALA B 399 -5.01 20.49 14.10
N ILE B 400 -3.73 20.29 13.76
CA ILE B 400 -3.39 19.67 12.47
C ILE B 400 -4.03 18.28 12.38
N HIS B 401 -3.89 17.48 13.44
CA HIS B 401 -4.44 16.12 13.41
C HIS B 401 -5.96 16.15 13.32
N VAL B 402 -6.61 17.08 14.02
CA VAL B 402 -8.06 17.17 13.96
C VAL B 402 -8.52 17.50 12.54
N ASN B 403 -7.85 18.43 11.88
CA ASN B 403 -8.21 18.75 10.50
C ASN B 403 -8.00 17.53 9.59
N LYS B 404 -6.92 16.78 9.82
CA LYS B 404 -6.69 15.57 9.04
C LYS B 404 -7.82 14.57 9.21
N GLU B 405 -8.29 14.37 10.44
CA GLU B 405 -9.37 13.42 10.69
C GLU B 405 -10.67 13.89 10.03
N VAL B 406 -10.94 15.20 10.06
CA VAL B 406 -12.13 15.72 9.39
C VAL B 406 -12.07 15.42 7.90
N GLU B 407 -10.90 15.63 7.28
CA GLU B 407 -10.76 15.34 5.85
C GLU B 407 -10.98 13.85 5.57
N LEU B 408 -10.45 12.99 6.43
CA LEU B 408 -10.64 11.55 6.24
C LEU B 408 -12.12 11.17 6.31
N ASP B 409 -12.86 11.77 7.25
CA ASP B 409 -14.30 11.49 7.33
C ASP B 409 -15.03 11.95 6.08
N ASN B 410 -14.64 13.11 5.55
CA ASN B 410 -15.25 13.58 4.30
C ASN B 410 -14.98 12.60 3.15
N GLN B 411 -13.75 12.10 3.06
CA GLN B 411 -13.44 11.13 2.02
C GLN B 411 -14.24 9.84 2.19
N MET B 412 -14.46 9.42 3.44
CA MET B 412 -15.26 8.23 3.69
C MET B 412 -16.70 8.44 3.21
N VAL B 413 -17.25 9.64 3.45
CA VAL B 413 -18.60 9.94 2.97
C VAL B 413 -18.65 9.87 1.44
N GLU B 414 -17.62 10.41 0.77
CA GLU B 414 -17.59 10.35 -0.68
C GLU B 414 -17.52 8.91 -1.18
N LYS B 415 -16.72 8.07 -0.52
CA LYS B 415 -16.66 6.67 -0.90
C LYS B 415 -18.01 5.99 -0.72
N ASN B 416 -18.73 6.33 0.35
CA ASN B 416 -20.04 5.74 0.59
C ASN B 416 -21.03 6.11 -0.52
N ILE B 417 -21.04 7.38 -0.93
CA ILE B 417 -21.98 7.77 -1.98
C ILE B 417 -21.57 7.15 -3.31
N LEU B 418 -20.27 6.95 -3.54
CA LEU B 418 -19.83 6.22 -4.73
C LEU B 418 -20.36 4.79 -4.72
N ARG B 419 -20.29 4.13 -3.55
CA ARG B 419 -20.81 2.75 -3.46
C ARG B 419 -22.31 2.71 -3.71
N THR B 420 -23.05 3.68 -3.16
CA THR B 420 -24.48 3.74 -3.42
C THR B 420 -24.77 3.96 -4.90
N GLN B 421 -23.96 4.80 -5.56
CA GLN B 421 -24.11 5.00 -7.00
C GLN B 421 -23.86 3.72 -7.77
N THR B 422 -22.84 2.96 -7.38
CA THR B 422 -22.56 1.69 -8.05
C THR B 422 -23.70 0.71 -7.88
N LEU B 423 -24.22 0.57 -6.66
CA LEU B 423 -25.28 -0.39 -6.41
C LEU B 423 -26.62 0.07 -6.98
N LEU B 424 -26.78 1.37 -7.24
CA LEU B 424 -28.00 1.84 -7.88
C LEU B 424 -28.08 1.36 -9.33
N CYS B 425 -26.94 1.06 -9.94
CA CYS B 425 -26.92 0.33 -11.19
C CYS B 425 -27.24 -1.13 -10.90
N ASP B 426 -27.11 -1.99 -11.91
CA ASP B 426 -27.49 -3.40 -11.82
C ASP B 426 -28.96 -3.59 -11.49
N MET B 427 -29.75 -2.49 -11.51
CA MET B 427 -31.20 -2.58 -11.38
C MET B 427 -31.91 -2.27 -12.69
N LEU B 428 -31.26 -1.55 -13.61
CA LEU B 428 -31.74 -1.51 -14.98
C LEU B 428 -31.67 -2.88 -15.63
N MET B 429 -30.60 -3.63 -15.35
CA MET B 429 -30.43 -4.96 -15.93
C MET B 429 -31.51 -5.92 -15.46
N ARG B 430 -31.81 -5.91 -14.17
CA ARG B 430 -32.85 -6.79 -13.64
C ARG B 430 -34.20 -6.44 -14.23
N ASP B 431 -34.95 -7.46 -14.62
CA ASP B 431 -36.26 -7.30 -15.24
C ASP B 431 -37.35 -7.36 -14.19
N ALA B 432 -38.37 -6.50 -14.35
CA ALA B 432 -39.58 -6.44 -13.55
C ALA B 432 -39.29 -5.95 -12.13
N PRO B 433 -40.27 -5.35 -11.45
CA PRO B 433 -40.04 -4.91 -10.07
C PRO B 433 -39.72 -6.04 -9.11
N LEU B 434 -40.28 -7.24 -9.32
CA LEU B 434 -40.02 -8.34 -8.41
C LEU B 434 -38.57 -8.82 -8.48
N GLY B 435 -37.85 -8.46 -9.54
CA GLY B 435 -36.48 -8.94 -9.70
C GLY B 435 -35.55 -8.44 -8.60
N ILE B 436 -35.63 -7.14 -8.28
CA ILE B 436 -34.77 -6.59 -7.24
C ILE B 436 -35.14 -7.18 -5.88
N VAL B 437 -36.43 -7.38 -5.64
CA VAL B 437 -36.87 -7.96 -4.37
C VAL B 437 -36.34 -9.39 -4.23
N SER B 438 -36.39 -10.17 -5.32
CA SER B 438 -35.93 -11.56 -5.26
C SER B 438 -34.43 -11.64 -4.99
N GLN B 439 -33.64 -10.79 -5.61
CA GLN B 439 -32.19 -10.91 -5.54
C GLN B 439 -31.68 -10.55 -4.14
N SER B 440 -30.42 -10.90 -3.88
CA SER B 440 -29.85 -10.68 -2.55
C SER B 440 -29.47 -9.22 -2.30
N PRO B 441 -28.71 -8.53 -3.16
CA PRO B 441 -28.45 -7.10 -2.91
C PRO B 441 -29.70 -6.28 -3.16
N ASN B 442 -30.61 -6.27 -2.19
CA ASN B 442 -31.94 -5.74 -2.37
C ASN B 442 -32.00 -4.27 -1.97
N ILE B 443 -33.21 -3.69 -2.00
CA ILE B 443 -33.38 -2.29 -1.66
C ILE B 443 -33.11 -2.00 -0.20
N MET B 444 -32.95 -3.03 0.62
CA MET B 444 -32.53 -2.82 2.01
C MET B 444 -31.12 -2.23 2.06
N ASP B 445 -30.30 -2.53 1.06
CA ASP B 445 -28.93 -2.04 1.03
C ASP B 445 -28.79 -0.70 0.32
N LEU B 446 -29.85 -0.19 -0.30
CA LEU B 446 -29.77 1.12 -0.95
C LEU B 446 -29.60 2.23 0.07
N VAL B 447 -30.42 2.20 1.13
CA VAL B 447 -30.32 3.16 2.22
C VAL B 447 -30.30 2.39 3.54
N LYS B 448 -29.75 3.02 4.56
CA LYS B 448 -29.64 2.36 5.86
C LYS B 448 -31.00 2.30 6.56
N CYS B 449 -31.67 1.16 6.46
CA CYS B 449 -33.00 1.01 7.04
C CYS B 449 -33.13 -0.39 7.62
N ASP B 450 -34.13 -0.55 8.50
CA ASP B 450 -34.39 -1.81 9.17
C ASP B 450 -35.60 -2.54 8.61
N GLY B 451 -36.25 -2.01 7.59
CA GLY B 451 -37.41 -2.64 7.01
C GLY B 451 -37.78 -2.09 5.66
N ALA B 452 -38.10 -2.98 4.71
CA ALA B 452 -38.44 -2.59 3.35
C ALA B 452 -39.82 -3.12 2.99
N ALA B 453 -40.63 -2.28 2.35
CA ALA B 453 -41.97 -2.69 1.94
C ALA B 453 -42.25 -2.22 0.53
N LEU B 454 -42.92 -3.07 -0.25
CA LEU B 454 -43.26 -2.76 -1.63
C LEU B 454 -44.71 -3.15 -1.87
N LEU B 455 -45.51 -2.19 -2.34
CA LEU B 455 -46.92 -2.43 -2.66
C LEU B 455 -47.08 -2.32 -4.16
N TYR B 456 -47.45 -3.43 -4.80
CA TYR B 456 -47.53 -3.48 -6.26
C TYR B 456 -48.67 -4.39 -6.67
N LYS B 457 -49.70 -3.82 -7.27
CA LYS B 457 -50.83 -4.57 -7.83
C LYS B 457 -51.41 -5.54 -6.82
N ASP B 458 -51.83 -5.01 -5.68
CA ASP B 458 -52.43 -5.77 -4.59
C ASP B 458 -51.50 -6.87 -4.07
N LYS B 459 -50.20 -6.70 -4.24
CA LYS B 459 -49.21 -7.62 -3.70
C LYS B 459 -48.26 -6.84 -2.79
N ILE B 460 -48.11 -7.31 -1.56
CA ILE B 460 -47.29 -6.64 -0.55
C ILE B 460 -46.08 -7.53 -0.29
N TRP B 461 -44.89 -7.00 -0.55
CA TRP B 461 -43.64 -7.69 -0.30
C TRP B 461 -42.91 -6.98 0.84
N LYS B 462 -42.53 -7.73 1.87
CA LYS B 462 -41.94 -7.16 3.06
C LYS B 462 -40.62 -7.83 3.37
N LEU B 463 -39.71 -7.06 3.97
CA LEU B 463 -38.40 -7.55 4.35
C LEU B 463 -37.97 -6.90 5.67
N GLY B 464 -37.46 -7.72 6.58
CA GLY B 464 -36.98 -7.21 7.85
C GLY B 464 -38.11 -6.80 8.78
N THR B 465 -37.73 -5.97 9.76
CA THR B 465 -38.71 -5.46 10.74
C THR B 465 -39.69 -4.54 10.02
N THR B 466 -40.90 -5.02 9.81
CA THR B 466 -41.92 -4.31 9.06
C THR B 466 -43.26 -4.42 9.77
N PRO B 467 -44.13 -3.42 9.59
CA PRO B 467 -45.48 -3.52 10.18
C PRO B 467 -46.33 -4.58 9.51
N SER B 468 -47.55 -4.77 10.00
CA SER B 468 -48.44 -5.78 9.44
C SER B 468 -48.96 -5.34 8.08
N GLU B 469 -49.57 -6.30 7.38
CA GLU B 469 -50.16 -6.00 6.06
C GLU B 469 -51.26 -4.94 6.19
N PHE B 470 -52.10 -5.06 7.23
CA PHE B 470 -53.12 -4.04 7.47
C PHE B 470 -52.47 -2.70 7.79
N HIS B 471 -51.36 -2.71 8.53
CA HIS B 471 -50.66 -1.47 8.83
C HIS B 471 -50.12 -0.82 7.57
N LEU B 472 -49.54 -1.60 6.66
CA LEU B 472 -49.05 -1.04 5.40
C LEU B 472 -50.22 -0.52 4.56
N GLN B 473 -51.33 -1.25 4.54
CA GLN B 473 -52.50 -0.81 3.78
C GLN B 473 -53.02 0.52 4.33
N GLU B 474 -53.09 0.67 5.65
CA GLU B 474 -53.59 1.91 6.21
C GLU B 474 -52.60 3.05 6.04
N ILE B 475 -51.29 2.76 6.06
CA ILE B 475 -50.30 3.79 5.76
C ILE B 475 -50.47 4.29 4.34
N ALA B 476 -50.63 3.37 3.38
CA ALA B 476 -50.83 3.76 1.99
C ALA B 476 -52.13 4.54 1.82
N SER B 477 -53.19 4.10 2.50
CA SER B 477 -54.47 4.80 2.41
C SER B 477 -54.35 6.22 2.95
N TRP B 478 -53.66 6.39 4.10
CA TRP B 478 -53.46 7.72 4.64
C TRP B 478 -52.64 8.59 3.70
N LEU B 479 -51.58 8.02 3.11
CA LEU B 479 -50.71 8.83 2.24
C LEU B 479 -51.43 9.22 0.96
N CYS B 480 -52.30 8.35 0.44
CA CYS B 480 -53.09 8.68 -0.74
C CYS B 480 -54.32 9.50 -0.44
N GLU B 481 -54.74 9.57 0.82
CA GLU B 481 -55.93 10.31 1.22
C GLU B 481 -55.64 11.72 1.70
N TYR B 482 -54.46 11.96 2.26
CA TYR B 482 -54.11 13.29 2.74
C TYR B 482 -53.08 13.99 1.86
N HIS B 483 -52.28 13.24 1.09
CA HIS B 483 -51.26 13.81 0.24
C HIS B 483 -51.60 13.49 -1.21
N MET B 484 -51.95 14.52 -1.99
CA MET B 484 -52.37 14.35 -3.38
C MET B 484 -51.21 14.44 -4.36
N ASP B 485 -50.52 15.58 -4.40
CA ASP B 485 -49.53 15.87 -5.43
C ASP B 485 -48.13 15.40 -5.05
N SER B 486 -47.96 14.77 -3.89
CA SER B 486 -46.64 14.37 -3.44
C SER B 486 -46.11 13.22 -4.28
N THR B 487 -44.80 13.22 -4.50
CA THR B 487 -44.10 12.07 -5.05
C THR B 487 -43.27 11.33 -4.01
N GLY B 488 -43.17 11.88 -2.80
CA GLY B 488 -42.43 11.22 -1.73
C GLY B 488 -42.57 11.92 -0.39
N LEU B 489 -42.50 11.15 0.68
CA LEU B 489 -42.59 11.66 2.04
C LEU B 489 -41.45 11.09 2.86
N SER B 490 -41.07 11.83 3.91
CA SER B 490 -39.96 11.42 4.76
C SER B 490 -40.18 11.93 6.17
N THR B 491 -39.93 11.07 7.16
CA THR B 491 -40.06 11.45 8.56
C THR B 491 -39.26 10.46 9.42
N ASP B 492 -38.76 10.95 10.55
CA ASP B 492 -38.09 10.08 11.50
C ASP B 492 -38.94 9.76 12.73
N SER B 493 -40.08 10.43 12.88
CA SER B 493 -41.00 10.18 13.99
C SER B 493 -42.42 10.13 13.42
N LEU B 494 -42.92 8.92 13.19
CA LEU B 494 -44.26 8.75 12.64
C LEU B 494 -45.34 9.22 13.60
N HIS B 495 -45.08 9.18 14.91
CA HIS B 495 -46.04 9.71 15.87
C HIS B 495 -46.25 11.20 15.68
N ASP B 496 -45.16 11.96 15.56
CA ASP B 496 -45.25 13.37 15.25
C ASP B 496 -45.76 13.63 13.85
N ALA B 497 -45.68 12.63 12.96
CA ALA B 497 -46.17 12.81 11.60
C ALA B 497 -47.69 12.96 11.56
N GLY B 498 -48.39 12.42 12.55
CA GLY B 498 -49.83 12.50 12.60
C GLY B 498 -50.57 11.24 12.20
N PHE B 499 -49.91 10.10 12.16
CA PHE B 499 -50.58 8.86 11.81
C PHE B 499 -51.65 8.54 12.86
N PRO B 500 -52.88 8.22 12.47
CA PRO B 500 -53.93 7.95 13.46
C PRO B 500 -53.61 6.81 14.42
N ARG B 501 -52.92 5.78 13.96
CA ARG B 501 -52.62 4.61 14.77
C ARG B 501 -51.11 4.44 14.96
N ALA B 502 -50.39 5.56 15.02
CA ALA B 502 -48.94 5.51 15.15
C ALA B 502 -48.52 4.90 16.49
N LEU B 503 -49.22 5.23 17.57
CA LEU B 503 -48.85 4.69 18.87
C LEU B 503 -49.09 3.19 18.93
N SER B 504 -50.14 2.71 18.27
CA SER B 504 -50.37 1.27 18.17
C SER B 504 -49.27 0.58 17.37
N LEU B 505 -48.58 1.31 16.51
CA LEU B 505 -47.51 0.73 15.72
C LEU B 505 -46.28 0.42 16.55
N GLY B 506 -46.19 0.97 17.77
CA GLY B 506 -45.10 0.64 18.66
C GLY B 506 -43.82 1.40 18.35
N ASP B 507 -42.79 1.06 19.10
CA ASP B 507 -41.47 1.65 18.93
C ASP B 507 -40.58 0.84 18.00
N SER B 508 -41.07 -0.28 17.47
CA SER B 508 -40.27 -1.09 16.56
C SER B 508 -39.94 -0.32 15.29
N VAL B 509 -40.91 0.36 14.71
CA VAL B 509 -40.70 1.21 13.54
C VAL B 509 -41.18 2.62 13.89
N CYS B 510 -40.33 3.61 13.64
CA CYS B 510 -40.64 5.01 13.92
C CYS B 510 -40.54 5.90 12.69
N GLY B 511 -39.47 5.78 11.92
CA GLY B 511 -39.22 6.65 10.77
C GLY B 511 -39.63 5.98 9.48
N MET B 512 -40.33 6.72 8.63
CA MET B 512 -40.83 6.21 7.37
C MET B 512 -40.42 7.12 6.22
N ALA B 513 -39.97 6.51 5.13
CA ALA B 513 -39.68 7.21 3.88
C ALA B 513 -40.39 6.48 2.76
N ALA B 514 -41.32 7.16 2.09
CA ALA B 514 -42.20 6.54 1.13
C ALA B 514 -42.11 7.25 -0.22
N VAL B 515 -42.18 6.48 -1.30
CA VAL B 515 -42.10 7.02 -2.65
C VAL B 515 -43.12 6.32 -3.53
N ARG B 516 -43.80 7.10 -4.38
CA ARG B 516 -44.86 6.59 -5.24
C ARG B 516 -44.30 6.26 -6.62
N ILE B 517 -44.54 5.02 -7.07
CA ILE B 517 -44.10 4.57 -8.39
C ILE B 517 -45.21 4.79 -9.39
N SER B 518 -46.34 4.12 -9.18
CA SER B 518 -47.50 4.26 -10.06
C SER B 518 -48.68 4.79 -9.27
N SER B 519 -49.84 4.86 -9.91
CA SER B 519 -51.04 5.33 -9.21
C SER B 519 -51.44 4.40 -8.07
N LYS B 520 -50.92 3.17 -8.05
CA LYS B 520 -51.24 2.21 -7.01
C LYS B 520 -50.03 1.58 -6.33
N ASP B 521 -48.86 1.57 -6.96
CA ASP B 521 -47.69 0.88 -6.44
C ASP B 521 -46.70 1.87 -5.86
N MET B 522 -46.17 1.56 -4.67
CA MET B 522 -45.30 2.50 -3.98
C MET B 522 -44.50 1.77 -2.89
N ILE B 523 -43.47 2.46 -2.38
CA ILE B 523 -42.38 1.82 -1.65
C ILE B 523 -42.18 2.50 -0.31
N PHE B 524 -41.85 1.69 0.71
CA PHE B 524 -41.63 2.13 2.09
C PHE B 524 -40.25 1.69 2.57
N TRP B 525 -39.56 2.60 3.25
CA TRP B 525 -38.37 2.31 4.04
C TRP B 525 -38.65 2.70 5.49
N PHE B 526 -38.40 1.78 6.42
CA PHE B 526 -38.68 2.01 7.83
C PHE B 526 -37.42 1.84 8.67
N ARG B 527 -37.38 2.57 9.78
CA ARG B 527 -36.23 2.53 10.68
C ARG B 527 -36.63 1.87 12.01
N SER B 528 -35.69 1.83 12.97
CA SER B 528 -35.96 1.17 14.24
C SER B 528 -35.68 2.10 15.42
N HIS B 529 -35.72 1.54 16.63
CA HIS B 529 -35.58 2.35 17.84
C HIS B 529 -34.14 2.76 18.06
N THR B 530 -33.94 4.02 18.43
CA THR B 530 -32.64 4.55 18.78
C THR B 530 -32.71 5.16 20.18
N ALA B 531 -31.61 5.03 20.93
CA ALA B 531 -31.51 5.55 22.28
C ALA B 531 -30.90 6.94 22.23
N GLY B 532 -31.61 7.93 22.77
CA GLY B 532 -31.14 9.29 22.75
C GLY B 532 -31.20 9.96 24.11
N GLU B 533 -30.05 10.37 24.62
CA GLU B 533 -29.95 11.04 25.91
C GLU B 533 -29.17 12.34 25.75
N VAL B 534 -29.71 13.43 26.27
CA VAL B 534 -29.04 14.72 26.27
C VAL B 534 -29.11 15.30 27.67
N ARG B 535 -27.97 15.79 28.16
CA ARG B 535 -27.86 16.39 29.48
C ARG B 535 -27.61 17.88 29.33
N TRP B 536 -27.95 18.66 30.35
CA TRP B 536 -27.78 20.10 30.32
C TRP B 536 -27.32 20.59 31.69
N GLY B 537 -26.21 21.33 31.71
CA GLY B 537 -25.73 21.95 32.93
C GLY B 537 -26.24 23.37 33.09
N GLY B 538 -27.55 23.54 33.12
CA GLY B 538 -28.16 24.85 33.25
C GLY B 538 -29.29 25.09 32.27
N LYS B 566 -43.04 7.26 19.05
CA LYS B 566 -42.45 8.06 20.12
C LYS B 566 -40.93 8.11 19.99
N THR B 567 -40.37 7.10 19.32
CA THR B 567 -38.93 6.98 19.21
C THR B 567 -38.36 8.05 18.27
N ARG B 568 -37.21 8.59 18.64
CA ARG B 568 -36.49 9.56 17.82
C ARG B 568 -35.39 8.82 17.06
N SER B 569 -35.57 8.68 15.75
CA SER B 569 -34.59 8.04 14.89
C SER B 569 -33.76 9.10 14.17
N LEU B 570 -32.61 8.67 13.67
CA LEU B 570 -31.71 9.57 12.98
C LEU B 570 -32.41 10.15 11.74
N PRO B 571 -32.24 11.45 11.48
CA PRO B 571 -32.96 12.06 10.36
C PRO B 571 -32.39 11.62 9.03
N TRP B 572 -33.26 11.65 8.01
CA TRP B 572 -32.85 11.27 6.67
C TRP B 572 -31.98 12.35 6.05
N LYS B 573 -30.87 11.93 5.46
CA LYS B 573 -29.91 12.84 4.86
C LYS B 573 -30.41 13.29 3.49
N ASP B 574 -29.55 13.97 2.72
CA ASP B 574 -29.93 14.47 1.41
C ASP B 574 -29.62 13.47 0.30
N TYR B 575 -28.41 12.89 0.31
CA TYR B 575 -28.06 11.96 -0.75
C TYR B 575 -28.88 10.68 -0.65
N GLU B 576 -29.41 10.36 0.52
CA GLU B 576 -30.37 9.26 0.61
C GLU B 576 -31.63 9.57 -0.18
N MET B 577 -32.14 10.80 -0.04
CA MET B 577 -33.28 11.21 -0.85
C MET B 577 -32.94 11.20 -2.34
N ASP B 578 -31.73 11.63 -2.68
CA ASP B 578 -31.30 11.58 -4.08
C ASP B 578 -31.31 10.15 -4.61
N ALA B 579 -30.75 9.22 -3.85
CA ALA B 579 -30.69 7.83 -4.27
C ALA B 579 -32.09 7.25 -4.43
N ILE B 580 -32.99 7.53 -3.50
CA ILE B 580 -34.34 6.99 -3.59
C ILE B 580 -35.07 7.59 -4.79
N HIS B 581 -34.88 8.89 -5.05
CA HIS B 581 -35.51 9.51 -6.21
C HIS B 581 -34.99 8.91 -7.51
N SER B 582 -33.69 8.65 -7.59
CA SER B 582 -33.14 8.03 -8.80
C SER B 582 -33.65 6.61 -8.96
N LEU B 583 -33.84 5.88 -7.85
CA LEU B 583 -34.46 4.56 -7.95
C LEU B 583 -35.88 4.67 -8.48
N GLN B 584 -36.62 5.67 -8.03
CA GLN B 584 -37.97 5.89 -8.57
C GLN B 584 -37.93 6.14 -10.08
N LEU B 585 -36.98 6.98 -10.52
CA LEU B 585 -36.86 7.24 -11.95
C LEU B 585 -36.53 5.98 -12.73
N ILE B 586 -35.59 5.17 -12.24
CA ILE B 586 -35.23 3.94 -12.93
C ILE B 586 -36.41 2.99 -13.01
N LEU B 587 -37.13 2.81 -11.89
CA LEU B 587 -38.25 1.88 -11.90
C LEU B 587 -39.39 2.36 -12.79
N ARG B 588 -39.67 3.67 -12.79
CA ARG B 588 -40.71 4.16 -13.67
C ARG B 588 -40.32 4.05 -15.14
N ASN B 589 -39.04 4.27 -15.45
CA ASN B 589 -38.58 4.08 -16.82
C ASN B 589 -38.73 2.63 -17.26
N ALA B 590 -38.33 1.69 -16.39
CA ALA B 590 -38.48 0.28 -16.72
C ALA B 590 -39.94 -0.10 -16.89
N PHE B 591 -40.82 0.42 -16.02
CA PHE B 591 -42.24 0.14 -16.14
C PHE B 591 -42.79 0.66 -17.46
N LYS B 592 -42.39 1.88 -17.85
CA LYS B 592 -42.85 2.43 -19.12
C LYS B 592 -42.33 1.60 -20.29
N ASP B 593 -41.11 1.08 -20.18
CA ASP B 593 -40.57 0.20 -21.20
C ASP B 593 -41.31 -1.14 -21.26
N SER B 594 -41.95 -1.55 -20.18
CA SER B 594 -42.68 -2.81 -20.16
C SER B 594 -44.06 -2.66 -20.79
N ASP B 747 -40.22 18.35 -5.63
CA ASP B 747 -41.24 17.42 -6.10
C ASP B 747 -41.86 16.67 -4.92
N LYS B 748 -41.04 16.40 -3.90
CA LYS B 748 -41.48 15.73 -2.69
C LYS B 748 -40.99 16.49 -1.48
N PHE B 749 -41.78 16.49 -0.42
CA PHE B 749 -41.52 17.33 0.75
C PHE B 749 -41.17 16.49 1.97
N THR B 750 -40.06 16.84 2.62
CA THR B 750 -39.72 16.36 3.94
C THR B 750 -40.03 17.46 4.94
N ARG B 751 -40.52 17.08 6.12
CA ARG B 751 -40.88 18.06 7.14
C ARG B 751 -40.52 17.63 8.55
N ILE B 752 -39.56 16.71 8.72
CA ILE B 752 -39.22 16.21 10.04
C ILE B 752 -37.82 16.66 10.49
N GLU B 753 -36.97 17.12 9.58
CA GLU B 753 -35.66 17.63 9.99
C GLU B 753 -35.80 18.79 10.96
N GLY B 754 -36.87 19.58 10.81
CA GLY B 754 -37.24 20.56 11.81
C GLY B 754 -38.71 20.40 12.16
N ASP B 755 -39.08 20.95 13.32
CA ASP B 755 -40.45 20.86 13.79
C ASP B 755 -41.35 21.84 13.04
N TYR B 756 -41.41 21.64 11.73
CA TYR B 756 -42.17 22.48 10.83
C TYR B 756 -43.09 21.61 10.00
N LYS B 757 -43.71 22.19 8.98
CA LYS B 757 -44.64 21.49 8.10
C LYS B 757 -44.35 21.81 6.65
N ALA B 758 -44.24 20.76 5.83
CA ALA B 758 -44.22 20.87 4.37
C ALA B 758 -43.08 21.76 3.86
N ILE B 759 -41.85 21.31 4.11
CA ILE B 759 -40.67 21.92 3.52
C ILE B 759 -40.34 21.13 2.26
N ILE B 760 -40.88 21.57 1.13
CA ILE B 760 -40.75 20.83 -0.13
C ILE B 760 -39.34 21.00 -0.68
N GLN B 761 -38.82 19.92 -1.28
CA GLN B 761 -37.51 19.92 -1.89
C GLN B 761 -37.60 19.22 -3.24
N ASN B 762 -36.55 19.39 -4.05
CA ASN B 762 -36.44 18.72 -5.34
C ASN B 762 -35.08 18.04 -5.46
N PRO B 763 -34.95 16.81 -4.88
CA PRO B 763 -33.73 16.03 -5.01
C PRO B 763 -33.32 15.78 -6.46
N ASN B 764 -32.01 15.88 -6.71
CA ASN B 764 -31.48 15.63 -8.06
C ASN B 764 -31.03 14.17 -8.14
N PRO B 765 -30.97 13.56 -9.34
CA PRO B 765 -30.60 12.15 -9.48
C PRO B 765 -29.11 11.93 -9.33
N LEU B 766 -28.75 10.66 -9.18
CA LEU B 766 -27.37 10.23 -8.96
C LEU B 766 -26.94 9.20 -10.00
N ILE B 767 -27.57 9.22 -11.17
CA ILE B 767 -27.25 8.24 -12.22
C ILE B 767 -25.91 8.60 -12.85
N PRO B 768 -24.94 7.70 -12.84
CA PRO B 768 -23.62 8.00 -13.41
C PRO B 768 -23.66 8.00 -14.93
N PRO B 769 -22.67 8.61 -15.58
CA PRO B 769 -22.62 8.55 -17.05
C PRO B 769 -22.47 7.11 -17.54
N ILE B 770 -23.18 6.80 -18.61
CA ILE B 770 -23.28 5.43 -19.12
C ILE B 770 -23.08 5.43 -20.63
N PHE B 771 -22.20 4.56 -21.13
CA PHE B 771 -22.13 4.28 -22.55
C PHE B 771 -22.04 2.78 -22.76
N GLY B 772 -22.69 2.29 -23.81
CA GLY B 772 -22.74 0.86 -24.05
C GLY B 772 -22.67 0.51 -25.51
N THR B 773 -21.93 -0.55 -25.84
CA THR B 773 -21.68 -0.94 -27.22
C THR B 773 -22.10 -2.39 -27.43
N ASP B 774 -22.34 -2.73 -28.70
CA ASP B 774 -22.69 -4.09 -29.07
C ASP B 774 -21.42 -4.93 -29.21
N GLU B 775 -21.55 -6.13 -29.78
CA GLU B 775 -20.41 -7.03 -29.87
C GLU B 775 -19.40 -6.60 -30.95
N PHE B 776 -19.86 -5.93 -31.99
CA PHE B 776 -18.97 -5.49 -33.07
C PHE B 776 -18.12 -4.28 -32.70
N GLY B 777 -18.56 -3.48 -31.74
CA GLY B 777 -17.84 -2.28 -31.34
C GLY B 777 -18.56 -0.98 -31.59
N TRP B 778 -19.68 -1.01 -32.32
CA TRP B 778 -20.42 0.21 -32.57
C TRP B 778 -21.12 0.70 -31.31
N CYS B 779 -21.24 2.01 -31.16
CA CYS B 779 -21.97 2.58 -30.04
C CYS B 779 -23.45 2.24 -30.13
N THR B 780 -24.06 1.93 -29.00
CA THR B 780 -25.48 1.59 -28.94
C THR B 780 -26.26 2.45 -27.98
N GLU B 781 -25.70 2.78 -26.82
CA GLU B 781 -26.37 3.60 -25.82
C GLU B 781 -25.41 4.68 -25.33
N TRP B 782 -25.91 5.91 -25.21
CA TRP B 782 -25.10 7.05 -24.81
C TRP B 782 -26.01 7.99 -24.01
N ASN B 783 -25.99 7.86 -22.69
CA ASN B 783 -26.98 8.53 -21.85
C ASN B 783 -26.68 10.02 -21.70
N PRO B 784 -27.67 10.81 -21.29
CA PRO B 784 -27.45 12.27 -21.20
C PRO B 784 -26.34 12.70 -20.26
N ALA B 785 -26.04 11.93 -19.21
CA ALA B 785 -24.98 12.32 -18.29
C ALA B 785 -23.63 12.38 -19.00
N MET B 786 -23.34 11.39 -19.85
CA MET B 786 -22.11 11.44 -20.65
C MET B 786 -22.14 12.60 -21.62
N SER B 787 -23.32 12.91 -22.18
CA SER B 787 -23.42 14.06 -23.08
C SER B 787 -23.05 15.34 -22.37
N LYS B 788 -23.51 15.51 -21.12
CA LYS B 788 -23.15 16.70 -20.35
C LYS B 788 -21.67 16.70 -20.00
N LEU B 789 -21.12 15.55 -19.61
CA LEU B 789 -19.74 15.51 -19.15
C LEU B 789 -18.76 15.77 -20.29
N THR B 790 -18.93 15.08 -21.42
CA THR B 790 -17.99 15.20 -22.52
C THR B 790 -18.35 16.29 -23.51
N GLY B 791 -19.57 16.82 -23.45
CA GLY B 791 -19.97 17.91 -24.33
C GLY B 791 -20.56 17.48 -25.66
N LEU B 792 -20.54 16.20 -25.98
CA LEU B 792 -21.07 15.72 -27.25
C LEU B 792 -22.59 15.57 -27.16
N LYS B 793 -23.20 15.07 -28.23
CA LYS B 793 -24.63 14.81 -28.27
C LYS B 793 -24.85 13.37 -28.71
N ARG B 794 -26.02 12.83 -28.36
CA ARG B 794 -26.31 11.43 -28.64
C ARG B 794 -26.34 11.15 -30.13
N GLU B 795 -26.90 12.06 -30.92
CA GLU B 795 -27.13 11.79 -32.33
C GLU B 795 -25.83 11.82 -33.14
N GLU B 796 -24.84 12.60 -32.71
CA GLU B 796 -23.62 12.78 -33.48
C GLU B 796 -22.55 11.74 -33.15
N VAL B 797 -22.79 10.91 -32.15
CA VAL B 797 -21.77 9.91 -31.71
C VAL B 797 -22.32 8.51 -31.96
N ILE B 798 -23.65 8.35 -31.93
CA ILE B 798 -24.25 7.03 -32.10
C ILE B 798 -23.90 6.47 -33.48
N ASP B 799 -23.96 5.14 -33.57
CA ASP B 799 -23.63 4.41 -34.80
C ASP B 799 -22.21 4.71 -35.27
N LYS B 800 -21.25 4.69 -34.35
CA LYS B 800 -19.84 4.82 -34.66
C LYS B 800 -19.05 3.81 -33.84
N MET B 801 -17.87 3.44 -34.35
CA MET B 801 -17.02 2.53 -33.61
C MET B 801 -16.48 3.21 -32.36
N LEU B 802 -16.46 2.47 -31.24
CA LEU B 802 -16.01 3.05 -29.99
C LEU B 802 -14.51 3.32 -30.01
N LEU B 803 -13.74 2.44 -30.65
CA LEU B 803 -12.31 2.64 -30.80
C LEU B 803 -12.02 3.31 -32.15
N GLY B 804 -11.22 4.37 -32.12
CA GLY B 804 -10.85 5.05 -33.34
C GLY B 804 -11.74 6.22 -33.72
N GLU B 805 -13.05 6.01 -33.76
CA GLU B 805 -13.95 7.08 -34.18
C GLU B 805 -14.31 8.00 -33.02
N VAL B 806 -14.76 7.42 -31.90
CA VAL B 806 -15.16 8.22 -30.75
C VAL B 806 -13.95 8.49 -29.88
N PHE B 807 -13.34 7.43 -29.36
CA PHE B 807 -12.12 7.53 -28.54
C PHE B 807 -10.94 7.20 -29.44
N GLY B 808 -10.18 8.22 -29.82
CA GLY B 808 -9.05 8.02 -30.70
C GLY B 808 -8.06 9.16 -30.57
N THR B 809 -6.81 8.87 -30.97
CA THR B 809 -5.76 9.88 -30.87
C THR B 809 -5.90 10.95 -31.94
N GLN B 810 -6.58 10.66 -33.04
CA GLN B 810 -6.73 11.63 -34.12
C GLN B 810 -8.12 11.49 -34.75
N LYS B 811 -8.62 12.63 -35.23
CA LYS B 811 -9.88 12.73 -35.96
C LYS B 811 -10.98 12.04 -35.14
N SER B 812 -10.91 12.21 -33.82
CA SER B 812 -11.88 11.63 -32.92
C SER B 812 -12.55 12.73 -32.09
N CYS B 813 -13.76 12.43 -31.62
CA CYS B 813 -14.50 13.41 -30.84
C CYS B 813 -13.83 13.67 -29.50
N CYS B 814 -13.50 12.60 -28.77
CA CYS B 814 -12.79 12.69 -27.49
C CYS B 814 -11.37 12.22 -27.73
N ARG B 815 -10.41 13.13 -27.61
CA ARG B 815 -9.02 12.83 -27.92
C ARG B 815 -8.34 12.17 -26.73
N LEU B 816 -7.73 11.02 -26.96
CA LEU B 816 -6.92 10.37 -25.93
C LEU B 816 -5.54 11.00 -25.89
N LYS B 817 -4.82 10.75 -24.80
CA LYS B 817 -3.54 11.41 -24.59
C LYS B 817 -2.46 10.86 -25.53
N ASN B 818 -2.36 9.53 -25.63
CA ASN B 818 -1.29 8.91 -26.39
C ASN B 818 -1.64 7.45 -26.66
N GLN B 819 -0.66 6.70 -27.17
CA GLN B 819 -0.90 5.32 -27.60
C GLN B 819 -1.26 4.41 -26.44
N GLU B 820 -0.67 4.64 -25.26
CA GLU B 820 -0.89 3.74 -24.13
C GLU B 820 -2.35 3.73 -23.71
N ALA B 821 -3.01 4.89 -23.75
CA ALA B 821 -4.43 4.94 -23.41
C ALA B 821 -5.26 4.12 -24.40
N PHE B 822 -4.95 4.24 -25.69
CA PHE B 822 -5.68 3.47 -26.71
C PHE B 822 -5.51 1.97 -26.49
N VAL B 823 -4.27 1.52 -26.28
CA VAL B 823 -4.03 0.10 -26.08
C VAL B 823 -4.72 -0.39 -24.82
N ASN B 824 -4.67 0.41 -23.74
CA ASN B 824 -5.31 0.00 -22.49
C ASN B 824 -6.81 -0.08 -22.63
N LEU B 825 -7.42 0.86 -23.36
CA LEU B 825 -8.87 0.79 -23.58
C LEU B 825 -9.25 -0.45 -24.36
N GLY B 826 -8.50 -0.77 -25.42
CA GLY B 826 -8.77 -1.99 -26.16
C GLY B 826 -8.65 -3.24 -25.28
N ILE B 827 -7.60 -3.27 -24.46
CA ILE B 827 -7.38 -4.42 -23.57
C ILE B 827 -8.53 -4.57 -22.60
N VAL B 828 -8.98 -3.46 -22.01
CA VAL B 828 -10.03 -3.55 -21.00
C VAL B 828 -11.35 -3.97 -21.63
N LEU B 829 -11.64 -3.49 -22.85
CA LEU B 829 -12.86 -3.93 -23.52
C LEU B 829 -12.83 -5.43 -23.81
N ASN B 830 -11.71 -5.92 -24.35
CA ASN B 830 -11.62 -7.36 -24.63
C ASN B 830 -11.72 -8.19 -23.36
N ASN B 831 -11.04 -7.78 -22.30
CA ASN B 831 -11.09 -8.53 -21.05
C ASN B 831 -12.49 -8.50 -20.44
N ALA B 832 -13.18 -7.37 -20.54
CA ALA B 832 -14.54 -7.30 -20.03
C ALA B 832 -15.46 -8.24 -20.79
N VAL B 833 -15.29 -8.32 -22.12
CA VAL B 833 -16.08 -9.28 -22.89
C VAL B 833 -15.78 -10.71 -22.45
N THR B 834 -14.49 -11.04 -22.33
CA THR B 834 -14.11 -12.42 -22.01
C THR B 834 -14.41 -12.77 -20.55
N SER B 835 -14.07 -11.88 -19.62
CA SER B 835 -14.24 -12.17 -18.21
C SER B 835 -15.70 -12.02 -17.80
N GLN B 836 -15.96 -12.26 -16.51
CA GLN B 836 -17.32 -12.31 -16.00
C GLN B 836 -17.62 -11.26 -14.94
N ASP B 837 -16.59 -10.65 -14.34
CA ASP B 837 -16.83 -9.72 -13.25
C ASP B 837 -16.42 -8.30 -13.65
N PRO B 838 -17.08 -7.28 -13.10
CA PRO B 838 -16.67 -5.90 -13.40
C PRO B 838 -15.30 -5.57 -12.83
N GLU B 839 -14.59 -4.70 -13.53
CA GLU B 839 -13.27 -4.23 -13.11
C GLU B 839 -13.20 -2.72 -13.24
N LYS B 840 -12.40 -2.11 -12.38
CA LYS B 840 -12.20 -0.67 -12.38
C LYS B 840 -10.84 -0.35 -12.98
N VAL B 841 -10.81 0.56 -13.95
CA VAL B 841 -9.56 0.96 -14.59
C VAL B 841 -9.52 2.48 -14.70
N SER B 842 -8.35 3.06 -14.45
CA SER B 842 -8.20 4.50 -14.59
C SER B 842 -8.41 4.92 -16.04
N PHE B 843 -9.05 6.06 -16.23
CA PHE B 843 -9.36 6.56 -17.56
C PHE B 843 -9.10 8.07 -17.58
N ALA B 844 -8.66 8.57 -18.74
CA ALA B 844 -8.32 9.99 -18.87
C ALA B 844 -8.40 10.38 -20.32
N PHE B 845 -9.03 11.53 -20.60
CA PHE B 845 -9.18 11.95 -21.98
C PHE B 845 -9.47 13.45 -22.04
N PHE B 846 -9.27 14.01 -23.24
CA PHE B 846 -9.61 15.41 -23.51
C PHE B 846 -11.01 15.47 -24.10
N THR B 847 -11.83 16.38 -23.58
CA THR B 847 -13.17 16.58 -24.13
C THR B 847 -13.07 17.45 -25.38
N ARG B 848 -14.21 17.88 -25.92
CA ARG B 848 -14.20 18.75 -27.08
C ARG B 848 -13.94 20.21 -26.72
N GLY B 849 -14.04 20.57 -25.45
CA GLY B 849 -13.76 21.92 -24.98
C GLY B 849 -12.36 22.13 -24.42
N GLY B 850 -11.47 21.16 -24.55
CA GLY B 850 -10.10 21.31 -24.08
C GLY B 850 -9.87 20.93 -22.64
N LYS B 851 -10.89 20.44 -21.93
CA LYS B 851 -10.73 20.09 -20.52
C LYS B 851 -10.23 18.66 -20.38
N TYR B 852 -9.27 18.47 -19.48
CA TYR B 852 -8.67 17.15 -19.24
C TYR B 852 -9.44 16.45 -18.13
N VAL B 853 -10.17 15.40 -18.48
CA VAL B 853 -11.02 14.67 -17.53
C VAL B 853 -10.31 13.38 -17.15
N GLU B 854 -10.24 13.12 -15.85
CA GLU B 854 -9.65 11.89 -15.32
C GLU B 854 -10.63 11.27 -14.34
N CYS B 855 -10.93 9.99 -14.53
CA CYS B 855 -11.93 9.31 -13.70
C CYS B 855 -11.64 7.81 -13.70
N LEU B 856 -12.60 7.04 -13.20
CA LEU B 856 -12.52 5.58 -13.19
C LEU B 856 -13.60 5.01 -14.09
N LEU B 857 -13.27 3.97 -14.84
CA LEU B 857 -14.19 3.33 -15.76
C LEU B 857 -14.49 1.92 -15.28
N CYS B 858 -15.77 1.56 -15.29
CA CYS B 858 -16.24 0.25 -14.90
C CYS B 858 -16.99 -0.37 -16.07
N VAL B 859 -16.71 -1.65 -16.34
CA VAL B 859 -17.27 -2.36 -17.49
C VAL B 859 -18.03 -3.57 -17.00
N SER B 860 -19.02 -4.01 -17.77
CA SER B 860 -19.75 -5.23 -17.46
C SER B 860 -20.28 -5.83 -18.76
N LYS B 861 -20.50 -7.15 -18.72
CA LYS B 861 -21.04 -7.85 -19.87
C LYS B 861 -22.55 -7.73 -19.92
N LYS B 862 -23.08 -7.46 -21.11
CA LYS B 862 -24.52 -7.31 -21.30
C LYS B 862 -25.12 -8.62 -21.79
N LEU B 863 -25.09 -9.62 -20.90
CA LEU B 863 -25.62 -10.93 -21.23
C LEU B 863 -27.12 -10.86 -21.48
N ASP B 864 -27.58 -11.63 -22.46
CA ASP B 864 -29.00 -11.68 -22.79
C ASP B 864 -29.70 -12.67 -21.86
N ARG B 865 -31.02 -12.82 -22.03
CA ARG B 865 -31.76 -13.77 -21.22
C ARG B 865 -31.33 -15.20 -21.49
N GLU B 866 -31.04 -15.54 -22.75
CA GLU B 866 -30.61 -16.89 -23.09
C GLU B 866 -29.27 -17.22 -22.45
N GLY B 867 -28.35 -16.27 -22.43
CA GLY B 867 -27.03 -16.52 -21.87
C GLY B 867 -25.91 -16.33 -22.87
N VAL B 868 -26.13 -15.47 -23.86
CA VAL B 868 -25.15 -15.19 -24.91
C VAL B 868 -24.78 -13.72 -24.83
N VAL B 869 -23.47 -13.43 -24.83
CA VAL B 869 -23.01 -12.05 -24.77
C VAL B 869 -23.50 -11.28 -25.99
N THR B 870 -23.85 -10.01 -25.78
CA THR B 870 -24.35 -9.15 -26.84
C THR B 870 -23.73 -7.76 -26.79
N GLY B 871 -22.61 -7.60 -26.11
CA GLY B 871 -21.92 -6.33 -26.03
C GLY B 871 -21.47 -6.06 -24.62
N VAL B 872 -21.07 -4.81 -24.38
CA VAL B 872 -20.62 -4.36 -23.07
C VAL B 872 -21.36 -3.10 -22.68
N PHE B 873 -21.44 -2.90 -21.36
CA PHE B 873 -22.09 -1.75 -20.75
C PHE B 873 -21.12 -1.15 -19.75
N CYS B 874 -20.80 0.14 -19.90
CA CYS B 874 -19.75 0.76 -19.13
C CYS B 874 -20.27 2.06 -18.52
N PHE B 875 -19.76 2.37 -17.32
CA PHE B 875 -20.09 3.64 -16.69
C PHE B 875 -18.86 4.21 -16.01
N LEU B 876 -18.82 5.54 -15.93
CA LEU B 876 -17.71 6.26 -15.31
C LEU B 876 -18.11 6.71 -13.91
N GLN B 877 -17.16 6.62 -12.99
CA GLN B 877 -17.35 7.04 -11.61
C GLN B 877 -16.43 8.22 -11.36
N LEU B 878 -16.93 9.43 -11.63
CA LEU B 878 -16.15 10.63 -11.41
C LEU B 878 -15.75 10.74 -9.95
N ALA B 879 -14.45 10.60 -9.68
CA ALA B 879 -13.94 10.55 -8.32
C ALA B 879 -13.07 11.76 -8.06
N SER B 880 -13.09 12.21 -6.80
CA SER B 880 -12.26 13.33 -6.40
C SER B 880 -10.78 12.95 -6.49
N HIS B 881 -9.95 13.98 -6.70
CA HIS B 881 -8.53 13.75 -6.94
C HIS B 881 -7.86 13.03 -5.78
N GLU B 882 -8.12 13.47 -4.55
CA GLU B 882 -7.49 12.84 -3.40
C GLU B 882 -7.92 11.39 -3.26
N LEU B 883 -9.22 11.11 -3.43
CA LEU B 883 -9.68 9.73 -3.35
C LEU B 883 -9.10 8.89 -4.47
N GLN B 884 -9.00 9.45 -5.68
CA GLN B 884 -8.45 8.69 -6.81
C GLN B 884 -6.99 8.32 -6.56
N GLN B 885 -6.19 9.28 -6.09
CA GLN B 885 -4.78 9.02 -5.80
C GLN B 885 -4.58 8.21 -4.52
N ALA B 886 -5.58 8.12 -3.65
CA ALA B 886 -5.49 7.28 -2.47
C ALA B 886 -5.74 5.81 -2.77
N LEU B 887 -6.17 5.48 -3.99
CA LEU B 887 -6.39 4.10 -4.39
C LEU B 887 -5.29 3.55 -5.29
N HIS B 888 -4.60 4.40 -6.05
CA HIS B 888 -3.48 3.94 -6.87
C HIS B 888 -2.37 3.37 -5.99
N VAL B 889 -1.99 4.09 -4.95
CA VAL B 889 -0.94 3.60 -4.05
C VAL B 889 -1.41 2.37 -3.29
N GLN B 890 -2.69 2.32 -2.94
CA GLN B 890 -3.23 1.15 -2.26
C GLN B 890 -3.14 -0.09 -3.17
N ARG B 891 -3.52 0.06 -4.44
CA ARG B 891 -3.42 -1.06 -5.37
C ARG B 891 -1.97 -1.46 -5.62
N LEU B 892 -1.07 -0.47 -5.71
CA LEU B 892 0.33 -0.78 -5.92
C LEU B 892 0.91 -1.56 -4.73
N ALA B 893 0.55 -1.16 -3.52
CA ALA B 893 0.99 -1.90 -2.33
C ALA B 893 0.36 -3.29 -2.28
N GLU B 894 -0.91 -3.39 -2.68
CA GLU B 894 -1.58 -4.68 -2.70
C GLU B 894 -0.92 -5.65 -3.67
N ARG B 895 -0.47 -5.15 -4.82
CA ARG B 895 0.19 -6.01 -5.81
C ARG B 895 1.51 -6.56 -5.31
N THR B 896 2.09 -5.97 -4.26
CA THR B 896 3.36 -6.46 -3.74
C THR B 896 3.20 -7.78 -3.00
N ALA B 897 2.17 -7.90 -2.17
CA ALA B 897 1.93 -9.09 -1.38
C ALA B 897 0.87 -9.95 -2.06
N VAL B 898 1.25 -11.17 -2.43
CA VAL B 898 0.34 -12.10 -3.11
C VAL B 898 0.29 -13.41 -2.35
N LYS B 899 1.45 -14.03 -2.15
CA LYS B 899 1.50 -15.36 -1.53
C LYS B 899 0.98 -15.32 -0.09
N ARG B 900 1.37 -14.31 0.68
CA ARG B 900 0.98 -14.25 2.08
C ARG B 900 -0.52 -14.01 2.24
N LEU B 901 -1.16 -13.35 1.28
CA LEU B 901 -2.59 -13.09 1.38
C LEU B 901 -3.39 -14.39 1.35
N LYS B 902 -3.05 -15.29 0.43
CA LYS B 902 -3.75 -16.58 0.32
C LYS B 902 -3.15 -17.66 1.21
N ALA B 903 -1.96 -17.43 1.79
CA ALA B 903 -1.39 -18.40 2.71
C ALA B 903 -2.24 -18.55 3.96
N LEU B 904 -2.83 -17.46 4.44
CA LEU B 904 -3.72 -17.54 5.59
C LEU B 904 -4.93 -18.41 5.30
N ALA B 905 -5.54 -18.22 4.13
CA ALA B 905 -6.67 -19.06 3.74
C ALA B 905 -6.27 -20.51 3.58
N TYR B 906 -5.09 -20.76 3.00
CA TYR B 906 -4.61 -22.13 2.85
C TYR B 906 -4.44 -22.79 4.22
N ILE B 907 -3.82 -22.07 5.17
CA ILE B 907 -3.64 -22.62 6.50
C ILE B 907 -4.98 -22.88 7.16
N LYS B 908 -5.92 -21.94 7.01
CA LYS B 908 -7.25 -22.11 7.61
C LYS B 908 -7.93 -23.35 7.06
N ARG B 909 -7.81 -23.59 5.75
CA ARG B 909 -8.45 -24.77 5.17
C ARG B 909 -7.73 -26.06 5.56
N GLN B 910 -6.40 -26.02 5.70
CA GLN B 910 -5.65 -27.23 6.05
C GLN B 910 -5.63 -27.49 7.56
N ILE B 911 -6.19 -26.58 8.36
CA ILE B 911 -6.28 -26.78 9.81
C ILE B 911 -7.09 -28.02 10.15
N ARG B 912 -8.17 -28.28 9.39
CA ARG B 912 -9.18 -29.24 9.82
C ARG B 912 -8.62 -30.64 9.98
N ASN B 913 -7.76 -31.07 9.07
CA ASN B 913 -7.37 -32.48 9.01
C ASN B 913 -6.71 -32.98 10.30
N PRO B 914 -5.67 -32.34 10.83
CA PRO B 914 -5.13 -32.79 12.13
C PRO B 914 -6.15 -32.69 13.26
N LEU B 915 -7.01 -31.68 13.22
CA LEU B 915 -8.06 -31.57 14.23
C LEU B 915 -9.03 -32.75 14.15
N SER B 916 -9.42 -33.13 12.92
CA SER B 916 -10.29 -34.29 12.76
C SER B 916 -9.59 -35.55 13.25
N GLY B 917 -8.30 -35.69 12.95
CA GLY B 917 -7.57 -36.85 13.42
C GLY B 917 -7.52 -36.95 14.93
N ILE B 918 -7.23 -35.83 15.60
CA ILE B 918 -7.15 -35.85 17.05
C ILE B 918 -8.54 -36.09 17.66
N MET B 919 -9.59 -35.53 17.04
CA MET B 919 -10.94 -35.77 17.53
C MET B 919 -11.32 -37.24 17.43
N PHE B 920 -11.01 -37.88 16.30
CA PHE B 920 -11.36 -39.28 16.14
C PHE B 920 -10.52 -40.17 17.05
N THR B 921 -9.26 -39.81 17.26
CA THR B 921 -8.44 -40.56 18.21
C THR B 921 -9.03 -40.46 19.61
N ARG B 922 -9.52 -39.27 19.99
CA ARG B 922 -10.21 -39.14 21.26
C ARG B 922 -11.45 -40.03 21.32
N LYS B 923 -12.20 -40.08 20.21
CA LYS B 923 -13.39 -40.92 20.18
C LYS B 923 -13.05 -42.39 20.40
N MET B 924 -12.01 -42.89 19.71
CA MET B 924 -11.58 -44.27 19.95
C MET B 924 -11.03 -44.48 21.36
N ILE B 925 -10.36 -43.48 21.93
CA ILE B 925 -9.94 -43.60 23.33
C ILE B 925 -11.15 -43.78 24.22
N GLU B 926 -12.20 -43.02 23.96
CA GLU B 926 -13.49 -43.17 24.64
C GLU B 926 -14.15 -44.52 24.35
N GLY B 927 -13.80 -45.15 23.23
CA GLY B 927 -14.47 -46.35 22.78
C GLY B 927 -14.33 -47.57 23.67
N THR B 928 -13.51 -47.51 24.71
CA THR B 928 -13.32 -48.62 25.64
C THR B 928 -13.78 -48.21 27.04
N GLU B 929 -13.54 -49.10 27.99
CA GLU B 929 -13.90 -48.82 29.38
C GLU B 929 -13.00 -47.76 29.97
N LEU B 930 -13.57 -46.91 30.83
CA LEU B 930 -12.83 -45.82 31.45
C LEU B 930 -13.19 -45.72 32.92
N GLY B 931 -12.26 -45.18 33.70
CA GLY B 931 -12.49 -44.94 35.11
C GLY B 931 -12.86 -43.49 35.37
N PRO B 932 -13.10 -43.15 36.64
CA PRO B 932 -13.51 -41.78 36.98
C PRO B 932 -12.43 -40.75 36.69
N GLU B 933 -11.22 -40.98 37.21
CA GLU B 933 -10.10 -40.09 36.94
C GLU B 933 -9.75 -40.08 35.46
N GLN B 934 -9.80 -41.26 34.82
CA GLN B 934 -9.54 -41.32 33.38
C GLN B 934 -10.59 -40.54 32.60
N ARG B 935 -11.86 -40.66 33.00
CA ARG B 935 -12.90 -39.87 32.35
C ARG B 935 -12.65 -38.38 32.55
N ARG B 936 -12.22 -37.98 33.74
CA ARG B 936 -11.98 -36.56 34.01
C ARG B 936 -10.85 -36.01 33.15
N ILE B 937 -9.74 -36.76 33.06
CA ILE B 937 -8.61 -36.27 32.26
C ILE B 937 -8.97 -36.28 30.78
N LEU B 938 -9.73 -37.27 30.32
CA LEU B 938 -10.19 -37.27 28.94
C LEU B 938 -11.09 -36.06 28.66
N GLN B 939 -11.97 -35.72 29.59
CA GLN B 939 -12.84 -34.57 29.40
C GLN B 939 -12.05 -33.26 29.42
N THR B 940 -11.00 -33.20 30.24
CA THR B 940 -10.11 -32.03 30.22
C THR B 940 -9.40 -31.91 28.87
N SER B 941 -8.92 -33.03 28.35
CA SER B 941 -8.31 -33.03 27.03
C SER B 941 -9.30 -32.57 25.97
N ALA B 942 -10.54 -33.04 26.06
CA ALA B 942 -11.56 -32.63 25.10
C ALA B 942 -11.88 -31.14 25.22
N LEU B 943 -11.87 -30.61 26.45
CA LEU B 943 -12.08 -29.18 26.63
C LEU B 943 -10.98 -28.38 25.95
N CYS B 944 -9.72 -28.80 26.15
CA CYS B 944 -8.63 -28.18 25.43
C CYS B 944 -8.77 -28.36 23.92
N GLN B 945 -9.41 -29.46 23.52
CA GLN B 945 -9.61 -29.74 22.10
C GLN B 945 -10.58 -28.75 21.46
N LYS B 946 -11.68 -28.48 22.15
CA LYS B 946 -12.64 -27.45 21.67
C LYS B 946 -11.94 -26.09 21.70
N GLN B 947 -11.12 -25.85 22.75
CA GLN B 947 -10.39 -24.59 22.83
C GLN B 947 -9.53 -24.37 21.58
N LEU B 948 -8.72 -25.37 21.24
CA LEU B 948 -7.88 -25.28 20.05
C LEU B 948 -8.73 -25.14 18.80
N SER B 949 -9.83 -25.89 18.71
CA SER B 949 -10.68 -25.84 17.54
C SER B 949 -11.23 -24.44 17.32
N LYS B 950 -11.80 -23.82 18.35
CA LYS B 950 -12.41 -22.52 18.16
C LYS B 950 -11.40 -21.39 18.09
N ILE B 951 -10.19 -21.58 18.62
CA ILE B 951 -9.20 -20.52 18.45
C ILE B 951 -8.56 -20.61 17.06
N LEU B 952 -8.49 -21.80 16.48
CA LEU B 952 -7.93 -21.93 15.14
C LEU B 952 -8.97 -21.69 14.06
N ASP B 953 -10.27 -21.77 14.41
CA ASP B 953 -11.32 -21.57 13.43
C ASP B 953 -11.31 -20.13 12.90
N ASP B 954 -11.14 -19.16 13.79
CA ASP B 954 -11.23 -17.74 13.43
C ASP B 954 -10.02 -17.00 13.98
N SER B 955 -9.45 -16.11 13.16
CA SER B 955 -8.35 -15.26 13.61
C SER B 955 -8.83 -14.12 14.49
N ASP B 956 -10.01 -13.58 14.21
CA ASP B 956 -10.69 -12.52 14.96
C ASP B 956 -10.01 -11.17 14.86
N LEU B 957 -8.86 -11.07 14.17
CA LEU B 957 -8.15 -9.81 13.94
C LEU B 957 -7.83 -9.17 15.29
N GLU B 958 -8.14 -7.89 15.50
CA GLU B 958 -7.83 -7.22 16.76
C GLU B 958 -9.05 -7.05 17.65
N SER B 959 -10.25 -7.33 17.15
CA SER B 959 -11.49 -7.23 17.92
C SER B 959 -11.64 -5.86 18.57
N ILE B 960 -11.35 -4.82 17.79
CA ILE B 960 -11.41 -3.46 18.30
C ILE B 960 -12.84 -3.07 18.65
N ILE B 961 -13.81 -3.51 17.85
CA ILE B 961 -15.21 -3.18 18.07
C ILE B 961 -15.84 -4.24 18.96
N GLU B 962 -16.57 -3.80 19.98
CA GLU B 962 -17.22 -4.74 20.88
C GLU B 962 -18.30 -5.55 20.18
N GLY B 963 -18.92 -5.00 19.14
CA GLY B 963 -19.96 -5.73 18.43
C GLY B 963 -19.44 -7.00 17.77
N CYS B 964 -18.22 -6.95 17.24
CA CYS B 964 -17.63 -8.12 16.61
C CYS B 964 -17.21 -9.13 17.67
N LEU B 965 -16.75 -10.29 17.21
CA LEU B 965 -16.33 -11.40 18.06
C LEU B 965 -17.47 -11.84 18.98
N ASP B 966 -18.52 -12.37 18.34
CA ASP B 966 -19.64 -12.92 19.07
C ASP B 966 -19.21 -14.13 19.88
N LEU B 967 -19.67 -14.21 21.12
CA LEU B 967 -19.23 -15.21 22.07
C LEU B 967 -20.32 -16.25 22.29
N GLU B 968 -19.94 -17.52 22.24
CA GLU B 968 -20.86 -18.59 22.59
C GLU B 968 -21.18 -18.52 24.08
N MET B 969 -22.45 -18.75 24.41
CA MET B 969 -22.92 -18.65 25.79
C MET B 969 -23.68 -19.94 26.09
N LYS B 970 -23.09 -20.81 26.92
CA LYS B 970 -23.65 -22.10 27.25
C LYS B 970 -23.29 -22.45 28.69
N GLU B 971 -23.94 -23.51 29.19
CA GLU B 971 -23.72 -23.95 30.56
C GLU B 971 -22.31 -24.47 30.75
N PHE B 972 -21.78 -24.29 31.96
CA PHE B 972 -20.43 -24.72 32.28
C PHE B 972 -20.25 -24.72 33.79
N THR B 973 -19.14 -25.31 34.23
CA THR B 973 -18.75 -25.32 35.64
C THR B 973 -17.32 -24.80 35.77
N LEU B 974 -17.02 -24.21 36.92
CA LEU B 974 -15.72 -23.58 37.11
C LEU B 974 -14.60 -24.59 37.32
N ASN B 975 -14.93 -25.77 37.88
CA ASN B 975 -13.89 -26.76 38.15
C ASN B 975 -13.23 -27.23 36.87
N GLU B 976 -14.02 -27.53 35.84
CA GLU B 976 -13.45 -27.94 34.56
C GLU B 976 -12.59 -26.84 33.96
N VAL B 977 -13.07 -25.59 34.04
CA VAL B 977 -12.32 -24.46 33.49
C VAL B 977 -10.96 -24.34 34.17
N LEU B 978 -10.95 -24.38 35.50
CA LEU B 978 -9.70 -24.23 36.24
C LEU B 978 -8.75 -25.39 35.97
N THR B 979 -9.28 -26.62 35.94
CA THR B 979 -8.43 -27.78 35.68
C THR B 979 -7.82 -27.71 34.30
N ALA B 980 -8.62 -27.35 33.28
CA ALA B 980 -8.10 -27.24 31.93
C ALA B 980 -7.06 -26.13 31.83
N SER B 981 -7.27 -25.01 32.54
CA SER B 981 -6.32 -23.92 32.47
C SER B 981 -5.00 -24.30 33.13
N THR B 982 -5.05 -24.99 34.27
CA THR B 982 -3.81 -25.35 34.96
C THR B 982 -3.10 -26.54 34.34
N SER B 983 -3.80 -27.38 33.56
CA SER B 983 -3.14 -28.48 32.89
C SER B 983 -2.15 -27.99 31.85
N GLN B 984 -2.50 -26.94 31.10
CA GLN B 984 -1.61 -26.42 30.07
C GLN B 984 -0.32 -25.85 30.65
N VAL B 985 -0.31 -25.48 31.92
CA VAL B 985 0.86 -24.84 32.53
C VAL B 985 1.56 -25.72 33.55
N MET B 986 0.97 -26.87 33.93
CA MET B 986 1.69 -27.79 34.80
C MET B 986 3.01 -28.23 34.20
N MET B 987 3.08 -28.33 32.86
CA MET B 987 4.31 -28.73 32.20
C MET B 987 5.43 -27.74 32.52
N LYS B 988 5.18 -26.45 32.30
CA LYS B 988 6.20 -25.44 32.60
C LYS B 988 6.44 -25.32 34.10
N SER B 989 5.41 -25.53 34.92
CA SER B 989 5.59 -25.46 36.37
C SER B 989 6.54 -26.54 36.86
N ASN B 990 6.39 -27.77 36.35
CA ASN B 990 7.32 -28.83 36.71
C ASN B 990 8.66 -28.67 36.01
N GLY B 991 8.69 -27.94 34.90
CA GLY B 991 9.97 -27.61 34.28
C GLY B 991 10.85 -26.77 35.19
N LYS B 992 10.25 -25.81 35.88
CA LYS B 992 10.94 -24.99 36.86
C LYS B 992 10.72 -25.46 38.29
N SER B 993 10.05 -26.62 38.46
CA SER B 993 9.75 -27.18 39.78
C SER B 993 8.96 -26.19 40.63
N VAL B 994 8.03 -25.48 40.01
CA VAL B 994 7.18 -24.51 40.69
C VAL B 994 5.87 -25.18 41.06
N ARG B 995 5.51 -25.12 42.34
CA ARG B 995 4.29 -25.72 42.83
C ARG B 995 3.13 -24.73 42.76
N ILE B 996 1.97 -25.22 42.33
CA ILE B 996 0.74 -24.44 42.25
C ILE B 996 -0.30 -25.07 43.16
N THR B 997 -0.94 -24.25 43.98
CA THR B 997 -1.97 -24.73 44.90
C THR B 997 -3.26 -23.97 44.67
N ASN B 998 -4.37 -24.71 44.68
CA ASN B 998 -5.70 -24.15 44.52
C ASN B 998 -6.42 -24.25 45.86
N GLU B 999 -6.86 -23.10 46.39
CA GLU B 999 -7.45 -23.03 47.72
C GLU B 999 -8.88 -22.55 47.69
N THR B 1000 -9.52 -22.54 46.52
CA THR B 1000 -10.92 -22.14 46.43
C THR B 1000 -11.81 -23.18 47.11
N GLY B 1001 -12.81 -22.70 47.84
CA GLY B 1001 -13.69 -23.59 48.55
C GLY B 1001 -14.58 -24.41 47.63
N GLU B 1002 -15.08 -25.52 48.16
CA GLU B 1002 -15.93 -26.40 47.36
C GLU B 1002 -17.29 -25.77 47.06
N GLU B 1003 -17.73 -24.81 47.88
CA GLU B 1003 -19.00 -24.15 47.63
C GLU B 1003 -18.96 -23.36 46.33
N VAL B 1004 -17.87 -22.66 46.07
CA VAL B 1004 -17.73 -21.94 44.81
C VAL B 1004 -17.60 -22.91 43.64
N MET B 1005 -16.85 -24.00 43.84
CA MET B 1005 -16.64 -24.97 42.77
C MET B 1005 -17.94 -25.64 42.36
N SER B 1006 -18.79 -25.98 43.33
CA SER B 1006 -20.03 -26.67 43.02
C SER B 1006 -21.03 -25.76 42.29
N ASP B 1007 -20.95 -24.45 42.53
CA ASP B 1007 -21.87 -23.52 41.89
C ASP B 1007 -21.66 -23.49 40.39
N THR B 1008 -22.76 -23.44 39.65
CA THR B 1008 -22.75 -23.45 38.19
C THR B 1008 -23.14 -22.08 37.66
N LEU B 1009 -22.43 -21.61 36.65
CA LEU B 1009 -22.66 -20.31 36.04
C LEU B 1009 -23.04 -20.48 34.58
N TYR B 1010 -23.83 -19.53 34.07
CA TYR B 1010 -24.27 -19.53 32.69
C TYR B 1010 -23.54 -18.41 31.95
N GLY B 1011 -22.61 -18.77 31.09
CA GLY B 1011 -21.84 -17.78 30.37
C GLY B 1011 -20.71 -18.42 29.60
N ASP B 1012 -19.85 -17.57 29.04
CA ASP B 1012 -18.70 -18.04 28.28
C ASP B 1012 -17.70 -18.74 29.19
N SER B 1013 -17.19 -19.88 28.72
CA SER B 1013 -16.30 -20.71 29.53
C SER B 1013 -14.91 -20.87 28.91
N ILE B 1014 -14.84 -21.28 27.63
CA ILE B 1014 -13.56 -21.68 27.06
C ILE B 1014 -12.62 -20.49 26.90
N ARG B 1015 -13.14 -19.33 26.52
CA ARG B 1015 -12.30 -18.13 26.47
C ARG B 1015 -11.79 -17.78 27.86
N LEU B 1016 -12.62 -17.99 28.89
CA LEU B 1016 -12.17 -17.83 30.26
C LEU B 1016 -11.07 -18.86 30.58
N GLN B 1017 -11.20 -20.07 30.05
CA GLN B 1017 -10.16 -21.07 30.22
C GLN B 1017 -8.84 -20.59 29.64
N GLN B 1018 -8.87 -20.05 28.43
CA GLN B 1018 -7.67 -19.55 27.79
C GLN B 1018 -7.07 -18.38 28.56
N VAL B 1019 -7.92 -17.46 29.04
CA VAL B 1019 -7.44 -16.31 29.79
C VAL B 1019 -6.76 -16.76 31.07
N LEU B 1020 -7.40 -17.67 31.81
CA LEU B 1020 -6.79 -18.16 33.04
C LEU B 1020 -5.48 -18.90 32.75
N ALA B 1021 -5.47 -19.72 31.69
CA ALA B 1021 -4.29 -20.50 31.37
C ALA B 1021 -3.11 -19.60 31.04
N ASP B 1022 -3.32 -18.58 30.21
CA ASP B 1022 -2.19 -17.72 29.88
C ASP B 1022 -1.82 -16.79 31.03
N PHE B 1023 -2.76 -16.46 31.92
CA PHE B 1023 -2.41 -15.71 33.12
C PHE B 1023 -1.47 -16.51 34.02
N MET B 1024 -1.82 -17.78 34.30
CA MET B 1024 -0.87 -18.58 35.08
C MET B 1024 0.41 -18.87 34.31
N LEU B 1025 0.35 -18.93 32.97
CA LEU B 1025 1.58 -19.08 32.19
C LEU B 1025 2.50 -17.89 32.39
N MET B 1026 1.96 -16.68 32.35
CA MET B 1026 2.77 -15.49 32.60
C MET B 1026 3.26 -15.46 34.06
N ALA B 1027 2.42 -15.93 34.98
CA ALA B 1027 2.83 -15.98 36.39
C ALA B 1027 4.01 -16.91 36.58
N VAL B 1028 4.02 -18.04 35.87
CA VAL B 1028 5.16 -18.96 35.92
C VAL B 1028 6.40 -18.26 35.38
N ASN B 1029 6.25 -17.52 34.30
CA ASN B 1029 7.37 -16.78 33.73
C ASN B 1029 7.86 -15.70 34.68
N PHE B 1030 9.17 -15.42 34.61
CA PHE B 1030 9.80 -14.39 35.44
C PHE B 1030 9.59 -14.66 36.93
N THR B 1031 9.70 -15.93 37.32
CA THR B 1031 9.50 -16.35 38.70
C THR B 1031 10.63 -17.27 39.12
N PRO B 1032 11.20 -17.10 40.31
CA PRO B 1032 12.23 -18.03 40.78
C PRO B 1032 11.67 -19.41 41.03
N SER B 1033 12.53 -20.42 40.86
CA SER B 1033 12.14 -21.80 41.13
C SER B 1033 11.81 -21.98 42.61
N GLY B 1034 10.84 -22.84 42.89
CA GLY B 1034 10.38 -23.03 44.24
C GLY B 1034 9.35 -22.03 44.70
N GLY B 1035 8.94 -21.10 43.84
CA GLY B 1035 7.95 -20.12 44.22
C GLY B 1035 6.58 -20.74 44.44
N GLN B 1036 5.73 -19.99 45.13
CA GLN B 1036 4.40 -20.44 45.50
C GLN B 1036 3.36 -19.67 44.71
N LEU B 1037 2.43 -20.39 44.09
CA LEU B 1037 1.32 -19.81 43.34
C LEU B 1037 0.02 -20.24 43.99
N THR B 1038 -0.85 -19.28 44.27
CA THR B 1038 -2.10 -19.52 45.00
C THR B 1038 -3.25 -18.95 44.18
N VAL B 1039 -4.33 -19.73 44.09
CA VAL B 1039 -5.51 -19.39 43.30
C VAL B 1039 -6.69 -19.27 44.25
N SER B 1040 -7.44 -18.17 44.12
CA SER B 1040 -8.66 -17.98 44.91
C SER B 1040 -9.75 -17.38 44.02
N ALA B 1041 -11.00 -17.68 44.37
CA ALA B 1041 -12.15 -17.19 43.63
C ALA B 1041 -13.25 -16.77 44.59
N SER B 1042 -13.89 -15.65 44.28
CA SER B 1042 -15.00 -15.12 45.08
C SER B 1042 -16.17 -14.81 44.17
N LEU B 1043 -17.37 -15.14 44.65
CA LEU B 1043 -18.60 -14.90 43.89
C LEU B 1043 -19.61 -14.13 44.73
N ASN B 1056 -21.06 -11.62 40.62
CA ASN B 1056 -19.74 -11.03 40.41
C ASN B 1056 -18.64 -12.04 40.65
N LEU B 1057 -17.90 -12.38 39.59
CA LEU B 1057 -16.80 -13.33 39.68
C LEU B 1057 -15.50 -12.56 39.82
N GLU B 1058 -14.71 -12.94 40.82
CA GLU B 1058 -13.38 -12.37 41.05
C GLU B 1058 -12.39 -13.51 41.20
N ILE B 1059 -11.30 -13.46 40.44
CA ILE B 1059 -10.26 -14.47 40.48
C ILE B 1059 -8.94 -13.80 40.86
N ARG B 1060 -8.32 -14.28 41.92
CA ARG B 1060 -7.06 -13.75 42.42
C ARG B 1060 -5.98 -14.80 42.29
N LEU B 1061 -4.90 -14.45 41.61
CA LEU B 1061 -3.74 -15.34 41.42
C LEU B 1061 -2.53 -14.65 42.03
N THR B 1062 -2.03 -15.17 43.14
CA THR B 1062 -0.91 -14.57 43.85
C THR B 1062 0.31 -15.46 43.69
N HIS B 1063 1.39 -14.91 43.14
CA HIS B 1063 2.63 -15.66 42.99
C HIS B 1063 3.74 -14.98 43.77
N THR B 1064 4.62 -15.80 44.35
CA THR B 1064 5.76 -15.32 45.11
C THR B 1064 7.00 -15.25 44.23
N GLY B 1065 7.89 -14.32 44.56
CA GLY B 1065 9.12 -14.12 43.83
C GLY B 1065 9.37 -12.65 43.62
N ALA B 1066 10.27 -12.36 42.68
CA ALA B 1066 10.61 -10.97 42.38
C ALA B 1066 9.42 -10.23 41.78
N GLY B 1067 8.71 -10.86 40.86
CA GLY B 1067 7.57 -10.25 40.20
C GLY B 1067 7.91 -9.81 38.78
N ILE B 1068 6.85 -9.56 38.02
CA ILE B 1068 7.01 -9.15 36.61
C ILE B 1068 7.65 -7.77 36.56
N PRO B 1069 8.59 -7.52 35.65
CA PRO B 1069 9.25 -6.20 35.59
C PRO B 1069 8.27 -5.10 35.23
N GLU B 1070 8.63 -3.87 35.62
CA GLU B 1070 7.74 -2.73 35.46
C GLU B 1070 7.47 -2.42 34.00
N PHE B 1071 8.50 -2.43 33.16
CA PHE B 1071 8.32 -2.05 31.76
C PHE B 1071 7.43 -3.02 31.02
N LEU B 1072 7.40 -4.29 31.43
CA LEU B 1072 6.44 -5.23 30.85
C LEU B 1072 5.01 -4.82 31.17
N LEU B 1073 4.77 -4.38 32.41
CA LEU B 1073 3.45 -3.85 32.75
C LEU B 1073 3.14 -2.59 31.96
N ASN B 1074 4.14 -1.74 31.73
CA ASN B 1074 3.93 -0.55 30.91
C ASN B 1074 3.52 -0.93 29.51
N GLN B 1075 4.15 -1.96 28.94
CA GLN B 1075 3.75 -2.44 27.62
C GLN B 1075 2.34 -3.01 27.63
N MET B 1076 2.00 -3.79 28.67
CA MET B 1076 0.69 -4.44 28.70
C MET B 1076 -0.43 -3.44 28.91
N PHE B 1077 -0.16 -2.33 29.60
CA PHE B 1077 -1.20 -1.33 29.84
C PHE B 1077 -1.46 -0.46 28.63
N GLY B 1078 -0.64 -0.58 27.58
CA GLY B 1078 -0.79 0.24 26.40
C GLY B 1078 -0.07 1.57 26.44
N THR B 1079 0.65 1.87 27.53
CA THR B 1079 1.39 3.12 27.61
C THR B 1079 2.48 3.18 26.54
N GLU B 1080 3.21 2.10 26.35
CA GLU B 1080 4.22 2.00 25.31
C GLU B 1080 3.58 1.44 24.05
N GLU B 1081 3.68 2.20 22.96
CA GLU B 1081 3.00 1.81 21.73
C GLU B 1081 3.60 0.52 21.16
N ASP B 1082 4.92 0.39 21.20
CA ASP B 1082 5.55 -0.85 20.76
C ASP B 1082 5.31 -1.95 21.79
N VAL B 1083 4.80 -3.08 21.33
CA VAL B 1083 4.39 -4.18 22.21
C VAL B 1083 5.14 -5.44 21.80
N SER B 1084 5.68 -6.16 22.77
CA SER B 1084 6.40 -7.40 22.53
C SER B 1084 5.41 -8.54 22.28
N GLU B 1085 5.96 -9.68 21.85
CA GLU B 1085 5.13 -10.85 21.59
C GLU B 1085 4.48 -11.36 22.87
N GLU B 1086 5.26 -11.45 23.96
CA GLU B 1086 4.68 -11.88 25.24
C GLU B 1086 3.67 -10.87 25.75
N GLY B 1087 3.98 -9.57 25.62
CA GLY B 1087 3.05 -8.54 26.05
C GLY B 1087 1.80 -8.44 25.20
N LEU B 1088 1.86 -8.87 23.94
CA LEU B 1088 0.68 -8.85 23.09
C LEU B 1088 -0.38 -9.81 23.61
N SER B 1089 0.02 -10.98 24.09
CA SER B 1089 -0.94 -11.92 24.67
C SER B 1089 -1.60 -11.33 25.91
N LEU B 1090 -0.83 -10.65 26.75
CA LEU B 1090 -1.40 -10.01 27.94
C LEU B 1090 -2.36 -8.89 27.54
N MET B 1091 -2.01 -8.13 26.50
CA MET B 1091 -2.91 -7.07 26.01
C MET B 1091 -4.20 -7.67 25.48
N VAL B 1092 -4.11 -8.80 24.77
CA VAL B 1092 -5.30 -9.47 24.26
C VAL B 1092 -6.17 -9.95 25.41
N SER B 1093 -5.55 -10.54 26.45
CA SER B 1093 -6.31 -10.99 27.61
C SER B 1093 -6.99 -9.82 28.32
N ARG B 1094 -6.27 -8.70 28.45
CA ARG B 1094 -6.85 -7.52 29.08
C ARG B 1094 -8.04 -6.98 28.27
N LYS B 1095 -7.90 -6.93 26.94
CA LYS B 1095 -9.01 -6.46 26.12
C LYS B 1095 -10.19 -7.43 26.18
N LEU B 1096 -9.92 -8.73 26.29
CA LEU B 1096 -11.00 -9.70 26.45
C LEU B 1096 -11.72 -9.51 27.79
N VAL B 1097 -10.96 -9.29 28.86
CA VAL B 1097 -11.58 -9.03 30.16
C VAL B 1097 -12.41 -7.75 30.10
N LYS B 1098 -11.92 -6.75 29.36
CA LYS B 1098 -12.71 -5.54 29.16
C LYS B 1098 -13.98 -5.82 28.37
N LEU B 1099 -13.92 -6.75 27.42
CA LEU B 1099 -15.11 -7.14 26.68
C LEU B 1099 -16.11 -7.87 27.58
N MET B 1100 -15.63 -8.58 28.59
CA MET B 1100 -16.47 -9.04 29.71
C MET B 1100 -16.74 -7.94 30.74
N ASN B 1101 -16.55 -6.67 30.38
CA ASN B 1101 -16.89 -5.54 31.24
C ASN B 1101 -16.13 -5.59 32.57
N GLY B 1102 -14.83 -5.90 32.50
CA GLY B 1102 -14.01 -5.98 33.69
C GLY B 1102 -12.62 -5.43 33.43
N ASP B 1103 -11.83 -5.37 34.49
CA ASP B 1103 -10.47 -4.87 34.43
C ASP B 1103 -9.54 -5.84 35.15
N VAL B 1104 -8.29 -5.88 34.69
CA VAL B 1104 -7.24 -6.70 35.28
C VAL B 1104 -6.38 -5.80 36.15
N GLN B 1105 -6.16 -6.22 37.39
CA GLN B 1105 -5.43 -5.42 38.37
C GLN B 1105 -4.17 -6.15 38.81
N TYR B 1106 -3.06 -5.40 38.86
CA TYR B 1106 -1.78 -5.91 39.32
C TYR B 1106 -1.44 -5.26 40.65
N LEU B 1107 -1.18 -6.08 41.66
CA LEU B 1107 -0.86 -5.61 43.00
C LEU B 1107 0.50 -6.13 43.42
N ARG B 1108 1.34 -5.24 43.95
CA ARG B 1108 2.69 -5.55 44.34
C ARG B 1108 2.83 -5.47 45.86
N GLN B 1109 3.35 -6.53 46.47
CA GLN B 1109 3.65 -6.56 47.89
C GLN B 1109 4.99 -7.27 48.08
N ALA B 1110 5.46 -7.28 49.32
CA ALA B 1110 6.76 -7.87 49.62
C ALA B 1110 6.79 -9.35 49.22
N GLY B 1111 7.52 -9.65 48.15
CA GLY B 1111 7.59 -11.00 47.64
C GLY B 1111 6.29 -11.54 47.08
N LYS B 1112 5.34 -10.68 46.75
CA LYS B 1112 4.04 -11.13 46.25
C LYS B 1112 3.60 -10.27 45.07
N SER B 1113 3.06 -10.92 44.05
CA SER B 1113 2.37 -10.22 42.97
C SER B 1113 1.02 -10.86 42.76
N SER B 1114 -0.03 -10.05 42.77
CA SER B 1114 -1.40 -10.52 42.69
C SER B 1114 -2.05 -10.01 41.42
N PHE B 1115 -2.60 -10.94 40.63
CA PHE B 1115 -3.43 -10.63 39.48
C PHE B 1115 -4.88 -10.81 39.88
N ILE B 1116 -5.67 -9.75 39.73
CA ILE B 1116 -7.10 -9.77 40.07
C ILE B 1116 -7.89 -9.57 38.78
N ILE B 1117 -8.79 -10.51 38.49
CA ILE B 1117 -9.65 -10.45 37.32
C ILE B 1117 -11.09 -10.40 37.80
N THR B 1118 -11.83 -9.40 37.33
CA THR B 1118 -13.22 -9.19 37.74
C THR B 1118 -14.12 -9.25 36.52
N ALA B 1119 -15.25 -9.95 36.66
CA ALA B 1119 -16.22 -10.05 35.58
C ALA B 1119 -17.58 -10.35 36.18
N GLU B 1120 -18.60 -10.40 35.32
CA GLU B 1120 -19.96 -10.70 35.73
C GLU B 1120 -20.58 -11.72 34.78
N LEU B 1121 -21.50 -12.53 35.31
CA LEU B 1121 -22.21 -13.52 34.54
C LEU B 1121 -23.62 -13.66 35.09
N ALA B 1122 -24.39 -14.55 34.47
CA ALA B 1122 -25.73 -14.88 34.92
C ALA B 1122 -25.74 -16.27 35.56
N ALA B 1123 -26.32 -16.35 36.75
CA ALA B 1123 -26.37 -17.62 37.47
C ALA B 1123 -27.70 -18.32 37.26
#